data_7RT7
#
_entry.id   7RT7
#
_cell.length_a   112.456
_cell.length_b   112.456
_cell.length_c   324.331
_cell.angle_alpha   90.000
_cell.angle_beta   90.000
_cell.angle_gamma   120.000
#
_symmetry.space_group_name_H-M   'P 32 2 1'
#
loop_
_entity.id
_entity.type
_entity.pdbx_description
1 polymer RhsP2
2 polymer RhsI2
3 non-polymer 2-AMINO-2-HYDROXYMETHYL-PROPANE-1,3-DIOL
4 water water
#
loop_
_entity_poly.entity_id
_entity_poly.type
_entity_poly.pdbx_seq_one_letter_code
_entity_poly.pdbx_strand_id
1 'polypeptide(L)'
;MGSSHHHHHHSQDPAGPIVELDAQGNEIYYRTLSEQHLEILRNNFEVPPTSETFISPLQSYSQEYDGKLVRLTASPGTMN
ELSKIGVTANSGTGLLLPDLPPARKGWKQNNALFKLEALKKPTINEGGGVINTGLGDGKALEIFNKNLIDFEVID
;
A,B,E,G,I,K
2 'polypeptide(L)'
;MKTIYNFKQRIKEDPEYIRKAHELTLNTTKPKAGLKGTYGLLGSKEWWDNLENGSIPQKEISGTIKKVYLTGQDNTEDFN
TIDIETENKTLCTEGTYTNKNTDRKHYEAGKKITIKYAFDPLKKPKPNGDIDYSKIVVEILISE
;
D,C,F,H,J,L
#
# COMPACT_ATOMS: atom_id res chain seq x y z
N ASP A 13 24.36 39.80 -16.97
CA ASP A 13 24.07 39.32 -18.31
C ASP A 13 24.78 38.00 -18.61
N PRO A 14 26.06 37.87 -18.23
CA PRO A 14 26.73 36.58 -18.43
C PRO A 14 26.08 35.48 -17.61
N ALA A 15 25.83 34.34 -18.25
CA ALA A 15 25.18 33.22 -17.57
C ALA A 15 26.11 32.64 -16.52
N GLY A 16 25.67 32.66 -15.27
CA GLY A 16 26.51 32.33 -14.14
C GLY A 16 27.00 30.89 -14.13
N PRO A 17 27.70 30.52 -13.05
CA PRO A 17 28.27 29.16 -12.97
C PRO A 17 27.22 28.07 -12.89
N ILE A 18 26.04 28.34 -12.35
CA ILE A 18 24.95 27.36 -12.28
C ILE A 18 23.64 28.08 -12.57
N VAL A 19 22.77 27.44 -13.35
CA VAL A 19 21.54 28.06 -13.81
C VAL A 19 20.33 27.14 -13.70
N GLU A 20 20.55 25.84 -13.79
CA GLU A 20 19.45 24.88 -13.96
C GLU A 20 19.49 23.84 -12.85
N LEU A 21 18.29 23.48 -12.36
CA LEU A 21 18.13 22.53 -11.27
C LEU A 21 17.10 21.47 -11.65
N ASP A 22 17.18 20.34 -10.94
CA ASP A 22 16.16 19.31 -11.02
C ASP A 22 14.88 19.79 -10.33
N ALA A 23 13.80 19.02 -10.53
CA ALA A 23 12.61 19.22 -9.71
C ALA A 23 12.89 18.91 -8.25
N GLN A 24 13.98 18.19 -7.97
CA GLN A 24 14.39 17.85 -6.61
C GLN A 24 15.54 18.71 -6.10
N GLY A 25 16.07 19.62 -6.93
CA GLY A 25 17.07 20.56 -6.49
C GLY A 25 18.50 20.21 -6.84
N ASN A 26 18.75 19.05 -7.45
CA ASN A 26 20.11 18.69 -7.82
C ASN A 26 20.63 19.65 -8.89
N GLU A 27 21.94 19.89 -8.86
CA GLU A 27 22.56 20.81 -9.81
C GLU A 27 22.84 20.09 -11.12
N ILE A 28 22.64 20.81 -12.23
CA ILE A 28 22.64 20.24 -13.57
C ILE A 28 23.78 20.86 -14.36
N TYR A 29 24.58 20.01 -15.00
CA TYR A 29 25.73 20.44 -15.79
C TYR A 29 25.71 19.69 -17.12
N TYR A 30 26.68 20.03 -17.98
CA TYR A 30 26.73 19.45 -19.31
C TYR A 30 28.17 19.28 -19.75
N ARG A 31 28.41 18.25 -20.56
CA ARG A 31 29.72 17.99 -21.13
C ARG A 31 29.57 17.04 -22.30
N THR A 32 30.31 17.30 -23.37
CA THR A 32 30.36 16.42 -24.54
C THR A 32 31.64 15.60 -24.48
N LEU A 33 31.50 14.27 -24.54
CA LEU A 33 32.58 13.36 -24.23
C LEU A 33 32.90 12.44 -25.40
N SER A 34 34.10 11.85 -25.33
CA SER A 34 34.53 10.83 -26.25
C SER A 34 33.84 9.50 -25.93
N GLU A 35 33.97 8.55 -26.86
CA GLU A 35 33.43 7.22 -26.62
C GLU A 35 34.17 6.54 -25.47
N GLN A 36 35.50 6.65 -25.44
CA GLN A 36 36.27 6.05 -24.36
C GLN A 36 35.86 6.63 -23.01
N HIS A 37 35.65 7.94 -22.94
CA HIS A 37 35.22 8.56 -21.69
C HIS A 37 33.79 8.20 -21.34
N LEU A 38 32.94 8.01 -22.35
CA LEU A 38 31.55 7.64 -22.08
C LEU A 38 31.46 6.20 -21.56
N GLU A 39 32.33 5.32 -22.06
CA GLU A 39 32.36 3.96 -21.53
C GLU A 39 32.66 3.96 -20.04
N ILE A 40 33.60 4.80 -19.61
CA ILE A 40 33.94 4.89 -18.19
C ILE A 40 32.77 5.47 -17.41
N LEU A 41 32.04 6.43 -17.99
CA LEU A 41 30.95 7.07 -17.27
C LEU A 41 29.84 6.08 -16.98
N ARG A 42 29.55 5.18 -17.91
CA ARG A 42 28.54 4.15 -17.67
C ARG A 42 29.04 3.14 -16.64
N ASN A 43 30.30 2.74 -16.73
CA ASN A 43 30.82 1.61 -15.98
C ASN A 43 31.55 1.99 -14.70
N ASN A 44 32.03 3.22 -14.58
CA ASN A 44 32.66 3.68 -13.35
C ASN A 44 31.88 4.79 -12.64
N PHE A 45 30.90 5.40 -13.31
CA PHE A 45 30.16 6.52 -12.74
C PHE A 45 31.11 7.66 -12.37
N GLU A 46 32.08 7.91 -13.24
CA GLU A 46 33.06 8.97 -13.06
C GLU A 46 33.19 9.75 -14.36
N VAL A 47 33.47 11.04 -14.25
CA VAL A 47 33.87 11.87 -15.38
C VAL A 47 35.37 11.72 -15.53
N PRO A 48 35.88 11.16 -16.64
CA PRO A 48 37.32 10.96 -16.76
C PRO A 48 38.04 12.27 -16.97
N PRO A 49 39.30 12.37 -16.56
CA PRO A 49 40.03 13.62 -16.72
C PRO A 49 40.58 13.80 -18.14
N THR A 50 40.64 15.07 -18.56
CA THR A 50 41.35 15.46 -19.76
C THR A 50 41.53 16.98 -19.78
N SER A 51 42.76 17.44 -19.58
CA SER A 51 43.09 18.88 -19.55
C SER A 51 42.27 19.53 -18.45
N GLU A 52 41.38 20.47 -18.75
CA GLU A 52 40.62 21.22 -17.76
C GLU A 52 39.35 20.51 -17.33
N THR A 53 38.89 19.53 -18.11
CA THR A 53 37.65 18.81 -17.84
C THR A 53 36.52 19.79 -17.49
N PHE A 54 36.16 20.58 -18.50
CA PHE A 54 35.17 21.62 -18.31
C PHE A 54 33.77 21.03 -18.27
N ILE A 55 32.97 21.52 -17.32
CA ILE A 55 31.53 21.28 -17.28
C ILE A 55 30.85 22.61 -17.51
N SER A 56 29.63 22.57 -18.04
CA SER A 56 28.93 23.79 -18.39
C SER A 56 27.55 23.82 -17.75
N PRO A 57 27.10 24.98 -17.27
CA PRO A 57 25.72 25.08 -16.74
C PRO A 57 24.67 25.18 -17.83
N LEU A 58 25.08 25.28 -19.09
CA LEU A 58 24.15 25.47 -20.21
C LEU A 58 24.39 24.38 -21.24
N GLN A 59 23.29 23.80 -21.73
CA GLN A 59 23.39 22.80 -22.79
C GLN A 59 23.86 23.42 -24.10
N SER A 60 23.44 24.65 -24.38
CA SER A 60 23.78 25.27 -25.65
C SER A 60 25.27 25.33 -25.89
N TYR A 61 26.08 25.37 -24.81
CA TYR A 61 27.52 25.40 -24.99
C TYR A 61 28.05 24.05 -25.43
N SER A 62 27.81 23.00 -24.62
CA SER A 62 28.39 21.70 -24.92
C SER A 62 27.79 21.09 -26.19
N GLN A 63 26.53 21.41 -26.49
CA GLN A 63 25.91 20.88 -27.70
C GLN A 63 26.68 21.28 -28.96
N GLU A 64 27.46 22.36 -28.89
CA GLU A 64 28.24 22.82 -30.02
C GLU A 64 29.38 21.87 -30.39
N TYR A 65 29.65 20.85 -29.57
CA TYR A 65 30.78 19.96 -29.78
C TYR A 65 30.32 18.63 -30.38
N ASP A 66 31.27 17.96 -31.04
CA ASP A 66 31.03 16.61 -31.54
C ASP A 66 31.29 15.60 -30.43
N GLY A 67 30.45 14.55 -30.39
CA GLY A 67 30.58 13.48 -29.44
C GLY A 67 29.25 13.15 -28.80
N LYS A 68 29.32 12.50 -27.65
CA LYS A 68 28.14 12.12 -26.89
C LYS A 68 27.82 13.23 -25.89
N LEU A 69 26.69 13.90 -26.09
CA LEU A 69 26.26 14.97 -25.19
C LEU A 69 25.54 14.37 -24.00
N VAL A 70 25.97 14.74 -22.79
CA VAL A 70 25.48 14.12 -21.56
C VAL A 70 25.02 15.21 -20.60
N ARG A 71 23.84 15.03 -20.03
CA ARG A 71 23.33 15.89 -18.96
C ARG A 71 23.73 15.27 -17.62
N LEU A 72 24.54 16.00 -16.85
CA LEU A 72 25.07 15.51 -15.59
C LEU A 72 24.30 16.13 -14.43
N THR A 73 23.90 15.28 -13.48
CA THR A 73 23.16 15.71 -12.29
C THR A 73 24.07 15.61 -11.08
N ALA A 74 24.23 16.71 -10.36
CA ALA A 74 25.13 16.78 -9.22
C ALA A 74 24.37 17.15 -7.96
N SER A 75 24.95 16.79 -6.81
CA SER A 75 24.30 16.98 -5.53
C SER A 75 24.24 18.47 -5.18
N PRO A 76 23.16 18.92 -4.51
CA PRO A 76 23.06 20.35 -4.19
C PRO A 76 24.23 20.82 -3.36
N GLY A 77 24.78 21.98 -3.74
CA GLY A 77 25.97 22.52 -3.12
C GLY A 77 27.26 22.16 -3.82
N THR A 78 27.20 21.41 -4.92
CA THR A 78 28.41 21.04 -5.64
C THR A 78 29.16 22.28 -6.10
N MET A 79 28.46 23.20 -6.79
CA MET A 79 29.10 24.42 -7.27
C MET A 79 29.71 25.19 -6.10
N ASN A 80 29.01 25.25 -4.98
CA ASN A 80 29.53 25.95 -3.81
C ASN A 80 30.84 25.32 -3.33
N GLU A 81 30.90 23.99 -3.30
CA GLU A 81 32.12 23.34 -2.83
C GLU A 81 33.29 23.61 -3.76
N LEU A 82 33.04 23.61 -5.07
CA LEU A 82 34.11 23.89 -6.02
C LEU A 82 34.58 25.33 -5.89
N SER A 83 33.64 26.27 -5.72
CA SER A 83 34.01 27.68 -5.64
C SER A 83 34.97 27.96 -4.49
N LYS A 84 34.85 27.22 -3.39
CA LYS A 84 35.76 27.42 -2.27
C LYS A 84 37.22 27.20 -2.70
N ILE A 85 37.44 26.27 -3.62
CA ILE A 85 38.77 25.98 -4.14
C ILE A 85 38.94 26.59 -5.54
N GLY A 86 38.15 27.61 -5.87
CA GLY A 86 38.07 28.10 -7.22
C GLY A 86 39.11 29.15 -7.55
N VAL A 87 39.49 29.18 -8.82
CA VAL A 87 40.37 30.20 -9.38
C VAL A 87 39.75 30.65 -10.70
N THR A 88 40.12 31.85 -11.12
CA THR A 88 39.62 32.42 -12.36
C THR A 88 40.67 32.24 -13.46
N ALA A 89 40.22 31.81 -14.64
CA ALA A 89 41.12 31.60 -15.77
C ALA A 89 41.71 32.92 -16.24
N ASN A 90 40.90 33.72 -16.93
CA ASN A 90 41.35 34.96 -17.54
C ASN A 90 40.83 36.15 -16.72
N SER A 91 40.74 37.32 -17.37
CA SER A 91 40.21 38.51 -16.72
C SER A 91 38.69 38.56 -16.81
N GLY A 92 38.13 38.17 -17.95
CA GLY A 92 36.67 38.14 -18.08
C GLY A 92 36.02 37.38 -16.94
N THR A 93 36.61 36.28 -16.51
CA THR A 93 36.15 35.60 -15.31
C THR A 93 36.62 36.33 -14.06
N GLY A 94 37.85 36.86 -14.08
CA GLY A 94 38.35 37.62 -12.95
C GLY A 94 37.57 38.88 -12.66
N LEU A 95 36.75 39.34 -13.60
CA LEU A 95 35.92 40.53 -13.41
C LEU A 95 34.56 40.17 -12.82
N LEU A 96 33.99 39.06 -13.25
CA LEU A 96 32.68 38.64 -12.74
C LEU A 96 32.79 37.97 -11.38
N LEU A 97 33.94 37.36 -11.09
CA LEU A 97 34.21 36.71 -9.81
C LEU A 97 35.45 37.35 -9.21
N PRO A 98 35.34 38.62 -8.78
CA PRO A 98 36.51 39.32 -8.23
C PRO A 98 37.02 38.74 -6.93
N ASP A 99 36.25 37.86 -6.29
CA ASP A 99 36.57 37.31 -4.99
C ASP A 99 37.41 36.04 -5.08
N LEU A 100 37.79 35.63 -6.29
CA LEU A 100 38.52 34.38 -6.50
C LEU A 100 40.00 34.66 -6.79
N PRO A 101 40.91 33.87 -6.24
CA PRO A 101 42.33 34.02 -6.59
C PRO A 101 42.56 33.69 -8.05
N PRO A 102 43.64 34.20 -8.63
CA PRO A 102 43.93 33.92 -10.05
C PRO A 102 44.45 32.51 -10.25
N ALA A 103 44.22 31.97 -11.45
CA ALA A 103 44.67 30.63 -11.75
C ALA A 103 46.20 30.60 -11.84
N ARG A 104 46.79 29.63 -11.13
CA ARG A 104 48.22 29.39 -11.09
C ARG A 104 48.59 28.40 -12.20
N LYS A 105 49.79 27.84 -12.12
CA LYS A 105 50.11 26.57 -12.76
C LYS A 105 49.96 25.44 -11.74
N GLY A 106 49.29 24.37 -12.14
CA GLY A 106 48.99 23.27 -11.24
C GLY A 106 47.61 23.31 -10.63
N TRP A 107 46.70 24.10 -11.18
CA TRP A 107 45.35 24.18 -10.64
C TRP A 107 44.59 22.88 -10.82
N LYS A 108 44.95 22.09 -11.84
CA LYS A 108 44.23 20.87 -12.13
C LYS A 108 44.28 19.87 -10.99
N GLN A 109 45.24 20.02 -10.07
CA GLN A 109 45.38 19.06 -8.98
C GLN A 109 44.65 19.50 -7.71
N ASN A 110 44.42 20.79 -7.51
CA ASN A 110 43.81 21.29 -6.29
C ASN A 110 42.63 22.22 -6.48
N ASN A 111 42.39 22.74 -7.68
CA ASN A 111 41.48 23.87 -7.86
C ASN A 111 40.41 23.56 -8.90
N ALA A 112 39.38 24.39 -8.89
CA ALA A 112 38.36 24.43 -9.93
C ALA A 112 38.59 25.68 -10.76
N LEU A 113 38.64 25.52 -12.08
CA LEU A 113 38.93 26.62 -13.00
C LEU A 113 37.63 27.18 -13.55
N PHE A 114 37.35 28.44 -13.26
CA PHE A 114 36.19 29.14 -13.81
C PHE A 114 36.66 29.96 -15.01
N LYS A 115 35.93 29.83 -16.12
CA LYS A 115 36.29 30.55 -17.34
C LYS A 115 35.04 31.04 -18.04
N LEU A 116 35.06 32.32 -18.42
CA LEU A 116 34.01 32.90 -19.24
C LEU A 116 34.30 32.62 -20.71
N GLU A 117 33.32 32.06 -21.41
CA GLU A 117 33.51 31.68 -22.80
C GLU A 117 32.24 31.92 -23.60
N ALA A 118 32.40 31.93 -24.92
CA ALA A 118 31.28 31.97 -25.85
C ALA A 118 30.48 33.26 -25.75
N LEU A 119 31.19 34.38 -25.55
CA LEU A 119 30.55 35.67 -25.66
C LEU A 119 30.22 35.97 -27.12
N LYS A 120 29.14 36.70 -27.33
CA LYS A 120 28.66 37.08 -28.66
C LYS A 120 28.21 35.87 -29.47
N LYS A 121 27.94 34.75 -28.81
CA LYS A 121 27.40 33.57 -29.48
C LYS A 121 25.89 33.59 -29.41
N PRO A 122 25.17 33.74 -30.52
CA PRO A 122 23.72 33.91 -30.43
C PRO A 122 22.99 32.74 -29.80
N THR A 123 23.49 31.52 -30.00
CA THR A 123 22.82 30.35 -29.46
C THR A 123 22.91 30.30 -27.94
N ILE A 124 23.95 30.86 -27.35
CA ILE A 124 24.28 30.67 -25.94
C ILE A 124 23.99 31.97 -25.21
N ASN A 125 22.85 32.00 -24.51
CA ASN A 125 22.49 33.07 -23.58
C ASN A 125 22.34 34.40 -24.30
N GLU A 126 21.75 34.35 -25.50
CA GLU A 126 21.54 35.54 -26.30
C GLU A 126 22.85 36.33 -26.44
N GLY A 127 23.94 35.59 -26.62
CA GLY A 127 25.26 36.18 -26.76
C GLY A 127 25.88 36.69 -25.48
N GLY A 128 25.26 36.44 -24.33
CA GLY A 128 25.73 37.03 -23.08
C GLY A 128 26.94 36.36 -22.48
N GLY A 129 27.24 35.12 -22.86
CA GLY A 129 28.37 34.40 -22.33
C GLY A 129 27.98 33.43 -21.23
N VAL A 130 28.88 32.49 -20.96
CA VAL A 130 28.65 31.46 -19.95
C VAL A 130 29.94 31.21 -19.19
N ILE A 131 29.82 31.01 -17.88
CA ILE A 131 30.94 30.70 -17.02
C ILE A 131 30.98 29.18 -16.83
N ASN A 132 31.94 28.53 -17.48
CA ASN A 132 32.13 27.10 -17.34
C ASN A 132 33.06 26.82 -16.15
N THR A 133 33.08 25.56 -15.73
CA THR A 133 33.85 25.14 -14.57
C THR A 133 34.80 24.02 -14.96
N GLY A 134 36.09 24.28 -14.82
CA GLY A 134 37.10 23.26 -15.08
C GLY A 134 37.35 22.45 -13.83
N LEU A 135 37.24 21.12 -13.98
CA LEU A 135 37.44 20.21 -12.87
C LEU A 135 38.86 19.66 -12.80
N GLY A 136 39.70 19.94 -13.80
CA GLY A 136 41.05 19.43 -13.79
C GLY A 136 41.05 17.91 -13.74
N ASP A 137 41.94 17.37 -12.91
CA ASP A 137 41.90 15.94 -12.58
C ASP A 137 42.08 15.69 -11.09
N GLY A 138 42.09 16.75 -10.27
CA GLY A 138 42.34 16.60 -8.85
C GLY A 138 41.11 16.81 -7.99
N LYS A 139 41.22 17.68 -6.98
CA LYS A 139 40.15 17.80 -5.99
C LYS A 139 38.83 18.18 -6.64
N ALA A 140 38.85 19.08 -7.62
CA ALA A 140 37.62 19.52 -8.26
C ALA A 140 36.92 18.34 -8.95
N LEU A 141 37.69 17.47 -9.60
CA LEU A 141 37.10 16.29 -10.22
C LEU A 141 36.57 15.32 -9.17
N GLU A 142 37.28 15.19 -8.05
CA GLU A 142 36.81 14.31 -6.98
C GLU A 142 35.54 14.85 -6.34
N ILE A 143 35.48 16.17 -6.11
CA ILE A 143 34.27 16.78 -5.57
C ILE A 143 33.09 16.47 -6.48
N PHE A 144 33.25 16.69 -7.78
CA PHE A 144 32.16 16.50 -8.72
C PHE A 144 31.76 15.03 -8.81
N ASN A 145 32.75 14.14 -8.93
CA ASN A 145 32.44 12.72 -9.06
C ASN A 145 31.84 12.15 -7.78
N LYS A 146 32.28 12.63 -6.62
CA LYS A 146 31.69 12.18 -5.36
C LYS A 146 30.23 12.60 -5.28
N ASN A 147 29.90 13.79 -5.76
CA ASN A 147 28.55 14.32 -5.72
C ASN A 147 27.71 13.91 -6.92
N LEU A 148 28.29 13.20 -7.89
CA LEU A 148 27.54 12.82 -9.08
C LEU A 148 26.40 11.90 -8.70
N ILE A 149 25.21 12.22 -9.21
CA ILE A 149 24.00 11.47 -8.91
C ILE A 149 23.50 10.70 -10.12
N ASP A 150 23.57 11.31 -11.30
CA ASP A 150 22.98 10.72 -12.49
C ASP A 150 23.54 11.41 -13.72
N PHE A 151 23.51 10.68 -14.84
CA PHE A 151 23.86 11.24 -16.14
C PHE A 151 22.83 10.76 -17.15
N GLU A 152 22.74 11.49 -18.26
CA GLU A 152 21.72 11.21 -19.27
C GLU A 152 22.28 11.56 -20.64
N VAL A 153 22.40 10.57 -21.50
CA VAL A 153 22.93 10.78 -22.84
C VAL A 153 21.82 11.35 -23.70
N ILE A 154 22.07 12.50 -24.30
CA ILE A 154 21.12 13.17 -25.19
C ILE A 154 21.56 12.80 -26.60
N ASP A 155 21.00 11.70 -27.11
CA ASP A 155 21.33 11.17 -28.42
C ASP A 155 22.80 10.75 -28.47
N MET B 1 44.11 -8.83 -41.02
CA MET B 1 43.50 -8.15 -39.85
C MET B 1 44.29 -8.42 -38.59
N LYS B 2 44.84 -7.36 -38.00
CA LYS B 2 45.61 -7.43 -36.77
C LYS B 2 44.84 -6.77 -35.63
N THR B 3 44.94 -7.35 -34.44
CA THR B 3 44.24 -6.83 -33.27
C THR B 3 44.91 -5.53 -32.82
N ILE B 4 44.20 -4.42 -32.96
CA ILE B 4 44.68 -3.14 -32.45
C ILE B 4 44.12 -2.84 -31.07
N TYR B 5 43.10 -3.58 -30.62
CA TYR B 5 42.55 -3.42 -29.29
C TYR B 5 41.83 -4.71 -28.89
N ASN B 6 42.06 -5.15 -27.65
CA ASN B 6 41.40 -6.34 -27.12
C ASN B 6 40.97 -6.06 -25.69
N PHE B 7 39.72 -6.41 -25.38
CA PHE B 7 39.19 -6.17 -24.04
C PHE B 7 39.89 -7.02 -22.99
N LYS B 8 40.38 -8.20 -23.38
CA LYS B 8 41.11 -9.03 -22.42
C LYS B 8 42.38 -8.33 -21.94
N GLN B 9 43.08 -7.65 -22.85
CA GLN B 9 44.25 -6.88 -22.46
C GLN B 9 43.84 -5.65 -21.65
N ARG B 10 42.72 -5.02 -22.00
CA ARG B 10 42.20 -3.92 -21.21
C ARG B 10 41.94 -4.34 -19.77
N ILE B 11 41.53 -5.60 -19.56
CA ILE B 11 41.17 -6.05 -18.23
C ILE B 11 42.41 -6.15 -17.35
N LYS B 12 43.54 -6.59 -17.91
CA LYS B 12 44.75 -6.77 -17.12
C LYS B 12 45.61 -5.52 -17.06
N GLU B 13 45.55 -4.65 -18.06
CA GLU B 13 46.35 -3.43 -18.07
C GLU B 13 45.63 -2.25 -17.43
N ASP B 14 44.32 -2.35 -17.20
CA ASP B 14 43.54 -1.29 -16.57
C ASP B 14 42.69 -1.90 -15.45
N PRO B 15 43.34 -2.50 -14.45
CA PRO B 15 42.56 -3.17 -13.39
C PRO B 15 41.76 -2.20 -12.54
N GLU B 16 42.16 -0.92 -12.51
CA GLU B 16 41.42 0.06 -11.74
C GLU B 16 40.03 0.28 -12.32
N TYR B 17 39.94 0.33 -13.64
CA TYR B 17 38.64 0.39 -14.30
C TYR B 17 37.79 -0.82 -13.95
N ILE B 18 38.41 -1.99 -13.85
CA ILE B 18 37.67 -3.22 -13.56
C ILE B 18 37.18 -3.22 -12.11
N ARG B 19 38.06 -2.87 -11.16
CA ARG B 19 37.67 -2.89 -9.75
C ARG B 19 36.47 -1.99 -9.51
N LYS B 20 36.54 -0.75 -9.99
CA LYS B 20 35.46 0.20 -9.75
C LYS B 20 34.17 -0.25 -10.40
N ALA B 21 34.26 -0.96 -11.53
CA ALA B 21 33.05 -1.49 -12.17
C ALA B 21 32.37 -2.52 -11.28
N HIS B 22 33.15 -3.47 -10.76
CA HIS B 22 32.59 -4.49 -9.89
C HIS B 22 32.06 -3.90 -8.59
N GLU B 23 32.80 -2.94 -8.02
CA GLU B 23 32.33 -2.30 -6.79
C GLU B 23 31.07 -1.49 -7.03
N LEU B 24 30.97 -0.85 -8.19
CA LEU B 24 29.74 -0.13 -8.51
C LEU B 24 28.58 -1.08 -8.78
N THR B 25 28.87 -2.25 -9.37
CA THR B 25 27.82 -3.23 -9.63
C THR B 25 27.34 -3.85 -8.33
N LEU B 26 28.25 -4.22 -7.44
CA LEU B 26 27.90 -4.87 -6.18
C LEU B 26 27.43 -3.89 -5.11
N ASN B 27 27.61 -2.59 -5.33
CA ASN B 27 27.18 -1.59 -4.36
C ASN B 27 25.65 -1.56 -4.34
N THR B 28 25.06 -2.15 -3.30
CA THR B 28 23.61 -2.22 -3.20
C THR B 28 22.96 -0.88 -2.92
N THR B 29 23.74 0.14 -2.54
CA THR B 29 23.18 1.42 -2.13
C THR B 29 23.05 2.42 -3.27
N LYS B 30 23.59 2.12 -4.46
CA LYS B 30 23.54 3.02 -5.62
C LYS B 30 22.87 2.27 -6.76
N PRO B 31 21.53 2.22 -6.76
CA PRO B 31 20.80 1.39 -7.72
C PRO B 31 20.55 2.04 -9.07
N LYS B 32 21.11 3.22 -9.35
CA LYS B 32 20.94 3.88 -10.62
C LYS B 32 22.26 4.06 -11.37
N ALA B 33 23.35 3.52 -10.86
CA ALA B 33 24.68 3.78 -11.40
C ALA B 33 25.39 2.47 -11.70
N GLY B 34 26.03 2.42 -12.86
CA GLY B 34 26.92 1.34 -13.19
C GLY B 34 26.25 0.18 -13.89
N LEU B 35 27.03 -0.88 -14.05
CA LEU B 35 26.55 -2.09 -14.70
C LEU B 35 25.78 -2.96 -13.71
N LYS B 36 24.78 -3.68 -14.23
CA LYS B 36 23.97 -4.53 -13.38
C LYS B 36 24.72 -5.77 -12.93
N GLY B 37 25.61 -6.30 -13.77
CA GLY B 37 26.19 -7.60 -13.52
C GLY B 37 25.25 -8.73 -13.88
N THR B 38 24.34 -8.49 -14.81
CA THR B 38 23.33 -9.49 -15.17
C THR B 38 23.98 -10.76 -15.69
N TYR B 39 25.01 -10.63 -16.52
CA TYR B 39 25.72 -11.75 -17.11
C TYR B 39 27.07 -11.95 -16.44
N GLY B 40 27.19 -11.58 -15.17
CA GLY B 40 28.43 -11.68 -14.43
C GLY B 40 29.14 -10.34 -14.34
N LEU B 41 30.04 -10.25 -13.36
CA LEU B 41 30.83 -9.05 -13.20
C LEU B 41 31.65 -8.80 -14.46
N LEU B 42 31.84 -7.52 -14.78
CA LEU B 42 32.50 -7.14 -16.03
C LEU B 42 33.87 -7.80 -16.12
N GLY B 43 34.08 -8.57 -17.18
CA GLY B 43 35.35 -9.22 -17.42
C GLY B 43 35.59 -10.48 -16.61
N SER B 44 34.65 -10.89 -15.78
CA SER B 44 34.82 -12.09 -14.97
C SER B 44 34.78 -13.35 -15.85
N LYS B 45 35.08 -14.48 -15.23
CA LYS B 45 35.02 -15.75 -15.95
C LYS B 45 33.61 -16.02 -16.45
N GLU B 46 32.61 -15.82 -15.60
CA GLU B 46 31.22 -15.96 -16.01
C GLU B 46 30.92 -15.07 -17.21
N TRP B 47 31.49 -13.86 -17.23
CA TRP B 47 31.24 -12.93 -18.32
C TRP B 47 31.67 -13.53 -19.66
N TRP B 48 32.89 -14.07 -19.73
CA TRP B 48 33.37 -14.62 -20.99
C TRP B 48 32.66 -15.93 -21.32
N ASP B 49 32.23 -16.68 -20.30
CA ASP B 49 31.41 -17.86 -20.57
C ASP B 49 30.08 -17.45 -21.20
N ASN B 50 29.47 -16.39 -20.68
CA ASN B 50 28.21 -15.90 -21.26
C ASN B 50 28.45 -15.19 -22.58
N LEU B 51 29.61 -14.56 -22.76
CA LEU B 51 29.97 -14.04 -24.08
C LEU B 51 30.14 -15.17 -25.07
N GLU B 52 30.78 -16.26 -24.65
CA GLU B 52 31.03 -17.38 -25.55
C GLU B 52 29.73 -18.03 -26.00
N ASN B 53 28.86 -18.38 -25.06
CA ASN B 53 27.64 -19.10 -25.39
C ASN B 53 26.56 -18.20 -25.99
N GLY B 54 26.79 -16.89 -26.04
CA GLY B 54 25.88 -16.01 -26.75
C GLY B 54 24.63 -15.61 -26.01
N SER B 55 24.63 -15.66 -24.68
CA SER B 55 23.48 -15.19 -23.91
C SER B 55 23.52 -13.69 -23.65
N ILE B 56 24.70 -13.08 -23.73
CA ILE B 56 24.83 -11.62 -23.63
C ILE B 56 24.72 -11.06 -25.04
N PRO B 57 23.88 -10.06 -25.28
CA PRO B 57 23.72 -9.55 -26.66
C PRO B 57 25.05 -9.11 -27.25
N GLN B 58 25.32 -9.56 -28.49
CA GLN B 58 26.56 -9.25 -29.18
C GLN B 58 26.27 -8.88 -30.63
N LYS B 59 27.14 -8.05 -31.19
CA LYS B 59 27.10 -7.73 -32.61
C LYS B 59 28.53 -7.61 -33.13
N GLU B 60 28.70 -7.88 -34.42
CA GLU B 60 29.99 -7.83 -35.10
C GLU B 60 29.83 -7.03 -36.37
N ILE B 61 30.75 -6.10 -36.62
CA ILE B 61 30.70 -5.24 -37.80
C ILE B 61 32.04 -5.25 -38.50
N SER B 62 32.01 -5.22 -39.83
CA SER B 62 33.19 -5.10 -40.67
C SER B 62 32.97 -3.97 -41.67
N GLY B 63 34.03 -3.25 -41.98
CA GLY B 63 33.92 -2.14 -42.92
C GLY B 63 35.24 -1.42 -43.08
N THR B 64 35.16 -0.16 -43.51
CA THR B 64 36.33 0.65 -43.79
C THR B 64 36.29 1.93 -42.97
N ILE B 65 37.44 2.33 -42.45
CA ILE B 65 37.54 3.59 -41.72
C ILE B 65 37.33 4.73 -42.70
N LYS B 66 36.28 5.53 -42.48
CA LYS B 66 35.95 6.61 -43.40
C LYS B 66 36.33 7.98 -42.88
N LYS B 67 36.41 8.17 -41.57
CA LYS B 67 36.85 9.44 -41.01
C LYS B 67 37.57 9.21 -39.70
N VAL B 68 38.73 9.84 -39.55
CA VAL B 68 39.50 9.85 -38.31
C VAL B 68 39.50 11.28 -37.82
N TYR B 69 38.76 11.55 -36.74
CA TYR B 69 38.54 12.91 -36.30
C TYR B 69 38.51 12.94 -34.78
N LEU B 70 38.06 14.06 -34.23
CA LEU B 70 38.14 14.35 -32.80
C LEU B 70 36.76 14.73 -32.28
N THR B 71 36.33 14.05 -31.22
CA THR B 71 35.08 14.35 -30.53
C THR B 71 35.38 14.62 -29.07
N GLY B 72 34.42 15.25 -28.39
CA GLY B 72 34.59 15.57 -26.98
C GLY B 72 35.28 16.90 -26.76
N GLN B 73 35.36 17.28 -25.49
CA GLN B 73 35.95 18.54 -25.08
C GLN B 73 37.30 18.34 -24.41
N ASP B 74 38.14 19.36 -24.50
CA ASP B 74 39.38 19.45 -23.72
C ASP B 74 40.32 18.28 -24.00
N ASN B 75 40.33 17.80 -25.24
CA ASN B 75 41.20 16.68 -25.61
C ASN B 75 42.56 17.18 -26.04
N THR B 76 43.60 16.44 -25.67
CA THR B 76 44.97 16.82 -26.01
C THR B 76 45.44 16.18 -27.31
N GLU B 77 45.07 14.93 -27.55
CA GLU B 77 45.62 14.17 -28.66
C GLU B 77 44.94 14.56 -29.98
N ASP B 78 45.39 13.92 -31.07
CA ASP B 78 44.96 14.33 -32.41
C ASP B 78 43.62 13.73 -32.80
N PHE B 79 43.36 12.47 -32.46
CA PHE B 79 42.07 11.86 -32.80
C PHE B 79 41.68 10.84 -31.74
N ASN B 80 40.37 10.66 -31.55
CA ASN B 80 39.85 9.70 -30.58
C ASN B 80 38.62 8.96 -31.09
N THR B 81 38.20 9.17 -32.34
CA THR B 81 36.96 8.60 -32.83
C THR B 81 37.08 8.30 -34.32
N ILE B 82 36.36 7.28 -34.77
CA ILE B 82 36.34 6.91 -36.18
C ILE B 82 34.90 6.65 -36.60
N ASP B 83 34.58 7.04 -37.83
CA ASP B 83 33.34 6.65 -38.49
C ASP B 83 33.64 5.48 -39.42
N ILE B 84 32.70 4.55 -39.52
CA ILE B 84 32.90 3.31 -40.27
C ILE B 84 31.74 3.11 -41.22
N GLU B 85 32.05 2.88 -42.49
CA GLU B 85 31.05 2.54 -43.50
C GLU B 85 31.01 1.03 -43.63
N THR B 86 29.94 0.42 -43.13
CA THR B 86 29.77 -1.01 -43.29
C THR B 86 29.20 -1.32 -44.66
N GLU B 87 29.05 -2.62 -44.94
CA GLU B 87 28.68 -3.08 -46.26
C GLU B 87 27.21 -2.88 -46.56
N ASN B 88 26.37 -2.87 -45.52
CA ASN B 88 25.04 -2.31 -45.69
C ASN B 88 25.10 -0.80 -45.80
N LYS B 89 26.32 -0.24 -45.79
CA LYS B 89 26.49 1.18 -46.07
C LYS B 89 25.78 2.02 -45.03
N THR B 90 25.70 1.42 -43.85
CA THR B 90 25.28 2.06 -42.61
C THR B 90 26.48 2.70 -41.94
N LEU B 91 26.23 3.77 -41.20
CA LEU B 91 27.28 4.50 -40.51
C LEU B 91 27.42 3.95 -39.09
N CYS B 92 28.66 3.68 -38.68
CA CYS B 92 28.98 3.37 -37.30
C CYS B 92 30.10 4.28 -36.82
N THR B 93 29.95 4.77 -35.59
CA THR B 93 30.94 5.64 -34.96
C THR B 93 31.44 4.96 -33.71
N GLU B 94 32.77 4.95 -33.53
CA GLU B 94 33.36 4.28 -32.39
C GLU B 94 34.66 4.98 -32.00
N GLY B 95 34.99 4.89 -30.71
CA GLY B 95 36.26 5.42 -30.24
C GLY B 95 37.42 4.61 -30.78
N THR B 96 38.57 5.28 -30.90
CA THR B 96 39.78 4.64 -31.42
C THR B 96 40.54 3.98 -30.27
N TYR B 97 39.95 2.90 -29.77
CA TYR B 97 40.57 2.18 -28.66
C TYR B 97 41.87 1.53 -29.10
N THR B 98 42.88 1.63 -28.24
CA THR B 98 44.16 0.97 -28.43
C THR B 98 44.63 0.46 -27.08
N ASN B 99 45.54 -0.51 -27.11
CA ASN B 99 46.17 -0.96 -25.88
C ASN B 99 47.43 -0.14 -25.61
N LYS B 100 47.98 -0.31 -24.41
CA LYS B 100 49.25 0.33 -24.09
C LYS B 100 50.30 -0.04 -25.11
N ASN B 101 50.26 -1.28 -25.60
CA ASN B 101 51.27 -1.86 -26.47
C ASN B 101 50.92 -1.73 -27.94
N THR B 102 49.64 -1.52 -28.27
CA THR B 102 49.23 -1.26 -29.64
C THR B 102 49.29 0.24 -29.93
N ASP B 103 49.49 0.56 -31.20
CA ASP B 103 49.79 1.92 -31.63
C ASP B 103 48.55 2.59 -32.20
N ARG B 104 48.21 3.76 -31.66
CA ARG B 104 47.04 4.50 -32.12
C ARG B 104 47.20 5.01 -33.55
N LYS B 105 48.44 5.16 -34.01
CA LYS B 105 48.73 5.77 -35.30
C LYS B 105 48.35 4.88 -36.49
N HIS B 106 48.00 3.62 -36.27
CA HIS B 106 47.63 2.75 -37.38
C HIS B 106 46.22 3.03 -37.89
N TYR B 107 45.42 3.79 -37.15
CA TYR B 107 44.09 4.20 -37.62
C TYR B 107 44.25 5.22 -38.74
N GLU B 108 43.93 4.82 -39.96
CA GLU B 108 43.92 5.72 -41.10
C GLU B 108 42.67 5.45 -41.92
N ALA B 109 42.14 6.50 -42.54
CA ALA B 109 40.99 6.33 -43.42
C ALA B 109 41.36 5.43 -44.59
N GLY B 110 40.41 4.61 -45.04
CA GLY B 110 40.63 3.66 -46.08
C GLY B 110 41.17 2.32 -45.62
N LYS B 111 41.79 2.27 -44.44
CA LYS B 111 42.17 1.00 -43.86
C LYS B 111 40.91 0.26 -43.41
N LYS B 112 40.96 -1.05 -43.49
CA LYS B 112 39.78 -1.83 -43.17
C LYS B 112 39.73 -2.20 -41.70
N ILE B 113 38.51 -2.37 -41.19
CA ILE B 113 38.26 -2.41 -39.76
C ILE B 113 37.25 -3.50 -39.45
N THR B 114 37.44 -4.16 -38.30
CA THR B 114 36.48 -5.08 -37.72
C THR B 114 36.34 -4.75 -36.25
N ILE B 115 35.10 -4.63 -35.77
CA ILE B 115 34.82 -4.35 -34.37
C ILE B 115 33.83 -5.38 -33.86
N LYS B 116 34.17 -6.03 -32.75
CA LYS B 116 33.31 -7.00 -32.09
C LYS B 116 32.79 -6.40 -30.81
N TYR B 117 31.48 -6.54 -30.57
CA TYR B 117 30.79 -5.82 -29.51
C TYR B 117 30.14 -6.76 -28.51
N ALA B 118 29.96 -6.24 -27.29
CA ALA B 118 29.11 -6.84 -26.28
C ALA B 118 28.24 -5.74 -25.69
N PHE B 119 27.08 -6.11 -25.18
CA PHE B 119 26.09 -5.14 -24.66
C PHE B 119 25.63 -5.60 -23.29
N ASP B 120 26.13 -4.93 -22.22
CA ASP B 120 25.92 -5.32 -20.84
C ASP B 120 24.87 -4.44 -20.18
N PRO B 121 23.83 -5.01 -19.57
CA PRO B 121 22.74 -4.18 -19.03
C PRO B 121 23.21 -3.24 -17.92
N LEU B 122 22.70 -2.02 -17.97
CA LEU B 122 22.89 -1.03 -16.91
C LEU B 122 21.76 -1.12 -15.89
N LYS B 123 22.06 -0.75 -14.65
CA LYS B 123 21.04 -0.72 -13.61
C LYS B 123 19.88 0.19 -13.99
N LYS B 124 20.19 1.34 -14.56
CA LYS B 124 19.17 2.35 -14.88
C LYS B 124 18.44 1.96 -16.15
N PRO B 125 17.12 1.75 -16.11
CA PRO B 125 16.38 1.42 -17.34
C PRO B 125 16.07 2.67 -18.15
N LYS B 126 15.61 2.43 -19.38
CA LYS B 126 15.15 3.52 -20.22
C LYS B 126 13.87 4.12 -19.64
N PRO B 127 13.56 5.38 -20.00
CA PRO B 127 12.35 6.02 -19.45
C PRO B 127 11.11 5.14 -19.45
N ASN B 128 10.92 4.34 -20.51
CA ASN B 128 9.76 3.48 -20.61
C ASN B 128 9.93 2.16 -19.86
N GLY B 129 11.04 1.98 -19.15
CA GLY B 129 11.26 0.77 -18.38
C GLY B 129 12.03 -0.32 -19.09
N ASP B 130 12.42 -0.11 -20.35
CA ASP B 130 13.17 -1.11 -21.08
C ASP B 130 14.61 -1.18 -20.57
N ILE B 131 15.28 -2.28 -20.89
CA ILE B 131 16.66 -2.49 -20.48
C ILE B 131 17.57 -1.68 -21.39
N ASP B 132 18.48 -0.92 -20.79
CA ASP B 132 19.46 -0.12 -21.51
C ASP B 132 20.84 -0.76 -21.35
N TYR B 133 21.63 -0.72 -22.43
CA TYR B 133 22.89 -1.44 -22.48
C TYR B 133 24.07 -0.48 -22.54
N SER B 134 25.15 -0.87 -21.86
CA SER B 134 26.44 -0.22 -22.03
C SER B 134 27.19 -0.91 -23.17
N LYS B 135 27.48 -0.17 -24.22
CA LYS B 135 28.18 -0.73 -25.37
C LYS B 135 29.64 -0.99 -25.01
N ILE B 136 30.03 -2.26 -25.02
CA ILE B 136 31.37 -2.67 -24.61
C ILE B 136 32.11 -3.19 -25.84
N VAL B 137 33.17 -2.48 -26.22
CA VAL B 137 34.05 -2.94 -27.29
C VAL B 137 34.88 -4.10 -26.76
N VAL B 138 34.78 -5.25 -27.44
CA VAL B 138 35.54 -6.43 -27.06
C VAL B 138 36.84 -6.55 -27.85
N GLU B 139 36.80 -6.26 -29.15
CA GLU B 139 38.00 -6.39 -29.96
C GLU B 139 37.88 -5.50 -31.20
N ILE B 140 39.00 -4.89 -31.58
CA ILE B 140 39.10 -4.07 -32.78
C ILE B 140 40.24 -4.63 -33.62
N LEU B 141 39.94 -4.97 -34.87
CA LEU B 141 40.96 -5.45 -35.81
C LEU B 141 41.03 -4.49 -36.99
N ILE B 142 42.23 -4.38 -37.57
CA ILE B 142 42.47 -3.46 -38.67
C ILE B 142 43.44 -4.11 -39.66
N SER B 143 43.29 -3.75 -40.92
CA SER B 143 44.24 -4.12 -41.95
C SER B 143 45.36 -3.08 -42.00
N GLU B 144 46.36 -3.34 -42.84
CA GLU B 144 47.47 -2.41 -43.01
C GLU B 144 47.48 -1.81 -44.41
N ASP C 13 10.12 12.40 -6.75
CA ASP C 13 9.11 12.89 -7.68
C ASP C 13 8.53 14.25 -7.25
N PRO C 14 8.23 14.41 -5.96
CA PRO C 14 7.71 15.72 -5.50
C PRO C 14 8.73 16.83 -5.73
N ALA C 15 8.25 17.95 -6.26
CA ALA C 15 9.13 19.06 -6.58
C ALA C 15 9.61 19.74 -5.30
N GLY C 16 10.93 19.76 -5.09
CA GLY C 16 11.51 20.13 -3.83
C GLY C 16 11.32 21.57 -3.42
N PRO C 17 11.96 21.95 -2.30
CA PRO C 17 11.80 23.32 -1.79
C PRO C 17 12.33 24.39 -2.73
N ILE C 18 13.30 24.05 -3.58
CA ILE C 18 13.90 24.98 -4.53
C ILE C 18 14.01 24.27 -5.87
N VAL C 19 13.62 24.94 -6.94
CA VAL C 19 13.50 24.28 -8.24
C VAL C 19 14.12 25.11 -9.36
N GLU C 20 13.99 26.43 -9.28
CA GLU C 20 14.32 27.31 -10.39
C GLU C 20 15.37 28.33 -9.98
N LEU C 21 16.29 28.61 -10.90
CA LEU C 21 17.39 29.52 -10.65
C LEU C 21 17.46 30.60 -11.72
N ASP C 22 18.10 31.70 -11.36
CA ASP C 22 18.44 32.75 -12.30
C ASP C 22 19.58 32.29 -13.20
N ALA C 23 19.74 33.00 -14.33
CA ALA C 23 20.93 32.80 -15.15
C ALA C 23 22.19 33.20 -14.41
N GLN C 24 22.06 33.94 -13.30
CA GLN C 24 23.18 34.34 -12.47
C GLN C 24 23.19 33.60 -11.13
N GLY C 25 22.30 32.63 -10.94
CA GLY C 25 22.30 31.79 -9.77
C GLY C 25 21.27 32.14 -8.72
N ASN C 26 20.56 33.25 -8.88
CA ASN C 26 19.54 33.62 -7.89
C ASN C 26 18.37 32.63 -7.94
N GLU C 27 17.76 32.42 -6.79
CA GLU C 27 16.68 31.46 -6.66
C GLU C 27 15.34 32.15 -6.93
N ILE C 28 14.44 31.43 -7.60
CA ILE C 28 13.21 32.01 -8.14
C ILE C 28 12.03 31.34 -7.44
N TYR C 29 11.09 32.17 -6.96
CA TYR C 29 9.93 31.70 -6.20
C TYR C 29 8.68 32.42 -6.72
N TYR C 30 7.54 32.06 -6.14
CA TYR C 30 6.26 32.59 -6.60
C TYR C 30 5.31 32.74 -5.42
N ARG C 31 4.46 33.75 -5.52
CA ARG C 31 3.41 34.01 -4.53
C ARG C 31 2.36 34.89 -5.21
N THR C 32 1.09 34.63 -4.94
CA THR C 32 0.00 35.45 -5.41
C THR C 32 -0.50 36.30 -4.25
N LEU C 33 -0.65 37.61 -4.49
CA LEU C 33 -0.79 38.60 -3.44
C LEU C 33 -2.03 39.45 -3.70
N SER C 34 -2.54 40.07 -2.64
CA SER C 34 -3.61 41.05 -2.79
C SER C 34 -3.04 42.36 -3.34
N GLU C 35 -3.94 43.25 -3.76
CA GLU C 35 -3.51 44.54 -4.29
C GLU C 35 -2.77 45.34 -3.22
N GLN C 36 -3.30 45.33 -1.99
CA GLN C 36 -2.60 46.01 -0.90
C GLN C 36 -1.19 45.49 -0.75
N HIS C 37 -1.00 44.18 -0.88
CA HIS C 37 0.31 43.59 -0.68
C HIS C 37 1.25 43.83 -1.86
N LEU C 38 0.72 44.03 -3.08
CA LEU C 38 1.57 44.42 -4.19
C LEU C 38 1.96 45.88 -4.09
N GLU C 39 1.09 46.73 -3.55
CA GLU C 39 1.44 48.13 -3.35
C GLU C 39 2.55 48.26 -2.32
N ILE C 40 2.50 47.46 -1.26
CA ILE C 40 3.58 47.48 -0.27
C ILE C 40 4.86 46.91 -0.88
N LEU C 41 4.75 45.85 -1.69
CA LEU C 41 5.93 45.25 -2.30
C LEU C 41 6.61 46.24 -3.25
N ARG C 42 5.82 46.99 -4.02
CA ARG C 42 6.42 47.93 -4.97
C ARG C 42 7.09 49.09 -4.25
N ASN C 43 6.42 49.66 -3.25
CA ASN C 43 6.83 50.92 -2.65
C ASN C 43 7.67 50.76 -1.40
N ASN C 44 7.61 49.60 -0.75
CA ASN C 44 8.49 49.27 0.36
C ASN C 44 9.48 48.15 0.03
N PHE C 45 9.28 47.45 -1.09
CA PHE C 45 10.13 46.32 -1.48
C PHE C 45 10.19 45.27 -0.37
N GLU C 46 9.02 44.96 0.18
CA GLU C 46 8.87 43.95 1.21
C GLU C 46 7.68 43.07 0.86
N VAL C 47 7.78 41.78 1.16
CA VAL C 47 6.64 40.87 1.12
C VAL C 47 5.93 40.97 2.46
N PRO C 48 4.69 41.50 2.52
CA PRO C 48 4.03 41.64 3.80
C PRO C 48 3.55 40.28 4.32
N PRO C 49 3.52 40.09 5.62
CA PRO C 49 3.04 38.81 6.17
C PRO C 49 1.52 38.70 6.16
N THR C 50 1.06 37.46 6.05
CA THR C 50 -0.35 37.15 6.26
C THR C 50 -0.45 35.65 6.53
N SER C 51 -0.80 35.31 7.78
CA SER C 51 -0.88 33.90 8.18
C SER C 51 0.45 33.21 7.96
N GLU C 52 0.52 32.29 7.00
CA GLU C 52 1.74 31.53 6.75
C GLU C 52 2.71 32.26 5.83
N THR C 53 2.24 33.20 5.02
CA THR C 53 3.06 33.89 4.03
C THR C 53 3.89 32.87 3.24
N PHE C 54 3.17 31.98 2.55
CA PHE C 54 3.81 30.91 1.81
C PHE C 54 4.45 31.43 0.53
N ILE C 55 5.65 30.94 0.26
CA ILE C 55 6.28 31.08 -1.05
C ILE C 55 6.34 29.69 -1.68
N SER C 56 6.22 29.64 -2.99
CA SER C 56 6.24 28.36 -3.70
C SER C 56 7.29 28.38 -4.79
N PRO C 57 8.04 27.30 -4.97
CA PRO C 57 9.04 27.25 -6.03
C PRO C 57 8.46 27.06 -7.42
N LEU C 58 7.15 26.90 -7.54
CA LEU C 58 6.49 26.62 -8.81
C LEU C 58 5.43 27.67 -9.11
N GLN C 59 5.39 28.12 -10.36
CA GLN C 59 4.34 29.04 -10.79
C GLN C 59 2.99 28.34 -10.83
N SER C 60 2.99 27.06 -11.22
CA SER C 60 1.73 26.33 -11.37
C SER C 60 0.94 26.29 -10.07
N TYR C 61 1.62 26.32 -8.92
CA TYR C 61 0.90 26.30 -7.65
C TYR C 61 0.25 27.66 -7.38
N SER C 62 1.06 28.72 -7.36
CA SER C 62 0.54 30.05 -7.02
C SER C 62 -0.46 30.53 -8.06
N GLN C 63 -0.34 30.06 -9.31
CA GLN C 63 -1.27 30.49 -10.35
C GLN C 63 -2.69 30.05 -10.04
N GLU C 64 -2.86 28.97 -9.27
CA GLU C 64 -4.20 28.49 -8.95
C GLU C 64 -4.98 29.46 -8.07
N TYR C 65 -4.35 30.53 -7.60
CA TYR C 65 -5.00 31.51 -6.75
C TYR C 65 -5.38 32.75 -7.55
N ASP C 66 -6.42 33.44 -7.09
CA ASP C 66 -6.82 34.71 -7.66
C ASP C 66 -6.02 35.84 -7.01
N GLY C 67 -5.64 36.83 -7.83
CA GLY C 67 -4.90 37.98 -7.37
C GLY C 67 -3.75 38.27 -8.31
N LYS C 68 -2.78 39.01 -7.80
CA LYS C 68 -1.60 39.39 -8.57
C LYS C 68 -0.47 38.42 -8.25
N LEU C 69 -0.08 37.64 -9.26
CA LEU C 69 1.00 36.66 -9.12
C LEU C 69 2.33 37.34 -9.35
N VAL C 70 3.27 37.13 -8.42
CA VAL C 70 4.56 37.80 -8.44
C VAL C 70 5.66 36.74 -8.45
N ARG C 71 6.66 36.93 -9.32
CA ARG C 71 7.84 36.08 -9.35
C ARG C 71 8.92 36.73 -8.49
N LEU C 72 9.34 36.02 -7.43
CA LEU C 72 10.31 36.54 -6.49
C LEU C 72 11.71 36.04 -6.82
N THR C 73 12.67 36.95 -6.89
CA THR C 73 14.07 36.62 -7.15
C THR C 73 14.86 36.91 -5.87
N ALA C 74 15.50 35.87 -5.33
CA ALA C 74 16.26 35.97 -4.09
C ALA C 74 17.71 35.55 -4.31
N SER C 75 18.58 36.07 -3.46
CA SER C 75 20.01 35.81 -3.61
C SER C 75 20.31 34.35 -3.30
N PRO C 76 21.26 33.73 -4.02
CA PRO C 76 21.50 32.29 -3.83
C PRO C 76 21.87 31.98 -2.38
N GLY C 77 21.28 30.90 -1.87
CA GLY C 77 21.47 30.48 -0.50
C GLY C 77 20.40 30.95 0.45
N THR C 78 19.37 31.64 -0.04
CA THR C 78 18.27 32.06 0.82
C THR C 78 17.55 30.85 1.41
N MET C 79 17.21 29.88 0.55
CA MET C 79 16.55 28.67 1.04
C MET C 79 17.42 27.95 2.06
N ASN C 80 18.74 27.96 1.86
CA ASN C 80 19.64 27.38 2.85
C ASN C 80 19.41 28.02 4.21
N GLU C 81 19.30 29.34 4.24
CA GLU C 81 19.05 30.03 5.51
C GLU C 81 17.68 29.69 6.06
N LEU C 82 16.68 29.57 5.19
CA LEU C 82 15.33 29.22 5.65
C LEU C 82 15.29 27.80 6.18
N SER C 83 15.96 26.86 5.52
CA SER C 83 15.96 25.48 5.99
C SER C 83 16.60 25.36 7.37
N LYS C 84 17.62 26.17 7.65
CA LYS C 84 18.30 26.09 8.94
C LYS C 84 17.36 26.46 10.09
N ILE C 85 16.42 27.34 9.84
CA ILE C 85 15.41 27.71 10.83
C ILE C 85 14.08 27.00 10.54
N GLY C 86 14.12 25.89 9.84
CA GLY C 86 12.91 25.26 9.34
C GLY C 86 12.26 24.31 10.32
N VAL C 87 10.93 24.26 10.25
CA VAL C 87 10.12 23.29 10.99
C VAL C 87 9.13 22.71 9.98
N THR C 88 8.64 21.51 10.27
CA THR C 88 7.84 20.75 9.32
C THR C 88 6.37 20.80 9.72
N ALA C 89 5.53 21.27 8.82
CA ALA C 89 4.12 21.49 9.12
C ALA C 89 3.44 20.19 9.57
N ASN C 90 3.41 19.20 8.68
CA ASN C 90 2.63 17.98 8.92
C ASN C 90 3.53 16.77 8.71
N SER C 91 2.91 15.61 8.42
CA SER C 91 3.63 14.36 8.35
C SER C 91 4.23 14.10 6.97
N GLY C 92 3.46 14.34 5.91
CA GLY C 92 4.01 14.17 4.57
C GLY C 92 5.25 15.00 4.35
N THR C 93 5.30 16.20 4.93
CA THR C 93 6.50 17.02 4.85
C THR C 93 7.59 16.49 5.76
N GLY C 94 7.22 16.04 6.96
CA GLY C 94 8.18 15.42 7.85
C GLY C 94 8.79 14.15 7.32
N LEU C 95 8.19 13.56 6.28
CA LEU C 95 8.71 12.35 5.65
C LEU C 95 9.74 12.67 4.58
N LEU C 96 9.52 13.73 3.80
CA LEU C 96 10.46 14.15 2.79
C LEU C 96 11.58 15.00 3.36
N LEU C 97 11.37 15.58 4.54
CA LEU C 97 12.37 16.37 5.24
C LEU C 97 12.51 15.84 6.66
N PRO C 98 13.07 14.63 6.82
CA PRO C 98 13.15 14.06 8.18
C PRO C 98 14.14 14.76 9.10
N ASP C 99 15.24 15.30 8.57
CA ASP C 99 16.23 15.94 9.43
C ASP C 99 15.78 17.35 9.82
N LEU C 100 14.52 17.48 10.25
CA LEU C 100 13.90 18.78 10.57
C LEU C 100 12.91 18.61 11.72
N PRO C 101 12.93 19.49 12.73
CA PRO C 101 11.99 19.33 13.84
C PRO C 101 10.56 19.61 13.38
N PRO C 102 9.57 18.99 14.03
CA PRO C 102 8.19 19.31 13.69
C PRO C 102 7.80 20.69 14.16
N ALA C 103 6.86 21.30 13.44
CA ALA C 103 6.39 22.62 13.80
C ALA C 103 5.47 22.56 15.02
N ARG C 104 5.72 23.44 15.98
CA ARG C 104 4.83 23.67 17.10
C ARG C 104 4.22 25.07 16.94
N LYS C 105 3.59 25.57 18.00
CA LYS C 105 2.87 26.83 17.91
C LYS C 105 3.80 27.99 18.24
N GLY C 106 3.74 29.02 17.40
CA GLY C 106 4.66 30.14 17.49
C GLY C 106 5.80 30.10 16.50
N TRP C 107 5.70 29.29 15.45
CA TRP C 107 6.77 29.22 14.46
C TRP C 107 6.88 30.50 13.66
N LYS C 108 5.77 31.24 13.51
CA LYS C 108 5.75 32.43 12.67
C LYS C 108 6.75 33.49 13.12
N GLN C 109 7.20 33.43 14.37
CA GLN C 109 8.09 34.46 14.90
C GLN C 109 9.57 34.12 14.77
N ASN C 110 9.91 32.82 14.76
CA ASN C 110 11.30 32.40 14.72
C ASN C 110 11.63 31.42 13.60
N ASN C 111 10.66 30.77 12.98
CA ASN C 111 10.91 29.65 12.10
C ASN C 111 10.32 29.86 10.72
N ALA C 112 10.79 29.04 9.78
CA ALA C 112 10.19 28.92 8.46
C ALA C 112 9.49 27.59 8.38
N LEU C 113 8.23 27.60 7.92
CA LEU C 113 7.40 26.40 7.87
C LEU C 113 7.46 25.81 6.48
N PHE C 114 7.92 24.56 6.37
CA PHE C 114 7.91 23.82 5.12
C PHE C 114 6.68 22.91 5.11
N LYS C 115 5.91 22.97 4.02
CA LYS C 115 4.68 22.20 3.91
C LYS C 115 4.51 21.67 2.49
N LEU C 116 4.19 20.38 2.39
CA LEU C 116 3.91 19.75 1.11
C LEU C 116 2.44 19.96 0.75
N GLU C 117 2.20 20.32 -0.52
CA GLU C 117 0.84 20.54 -0.99
C GLU C 117 0.72 20.12 -2.45
N ALA C 118 -0.53 19.99 -2.90
CA ALA C 118 -0.86 19.74 -4.31
C ALA C 118 -0.45 18.34 -4.76
N LEU C 119 -0.70 17.34 -3.92
CA LEU C 119 -0.58 15.96 -4.35
C LEU C 119 -1.73 15.61 -5.29
N LYS C 120 -1.45 14.80 -6.30
CA LYS C 120 -2.45 14.35 -7.27
C LYS C 120 -3.05 15.52 -8.05
N LYS C 121 -2.40 16.68 -8.04
CA LYS C 121 -2.84 17.82 -8.83
C LYS C 121 -2.06 17.85 -10.13
N PRO C 122 -2.67 17.52 -11.27
CA PRO C 122 -1.89 17.33 -12.49
C PRO C 122 -1.10 18.55 -12.95
N THR C 123 -1.62 19.77 -12.75
CA THR C 123 -0.94 20.95 -13.29
C THR C 123 0.40 21.19 -12.59
N ILE C 124 0.53 20.78 -11.34
CA ILE C 124 1.70 21.10 -10.52
C ILE C 124 2.55 19.83 -10.41
N ASN C 125 3.63 19.78 -11.19
CA ASN C 125 4.59 18.68 -11.12
C ASN C 125 3.90 17.34 -11.36
N GLU C 126 2.97 17.30 -12.31
CA GLU C 126 2.28 16.07 -12.70
C GLU C 126 1.69 15.36 -11.49
N GLY C 127 1.07 16.13 -10.60
CA GLY C 127 0.49 15.57 -9.40
C GLY C 127 1.47 15.07 -8.36
N GLY C 128 2.78 15.31 -8.57
CA GLY C 128 3.78 14.80 -7.64
C GLY C 128 3.88 15.56 -6.35
N GLY C 129 3.33 16.76 -6.28
CA GLY C 129 3.38 17.57 -5.08
C GLY C 129 4.46 18.63 -5.15
N VAL C 130 4.32 19.63 -4.27
CA VAL C 130 5.28 20.73 -4.17
C VAL C 130 5.50 21.02 -2.70
N ILE C 131 6.75 21.26 -2.32
CA ILE C 131 7.13 21.57 -0.96
C ILE C 131 7.28 23.07 -0.84
N ASN C 132 6.29 23.71 -0.21
CA ASN C 132 6.28 25.16 -0.04
C ASN C 132 6.96 25.54 1.28
N THR C 133 7.25 26.83 1.42
CA THR C 133 7.91 27.37 2.60
C THR C 133 7.09 28.53 3.14
N GLY C 134 6.61 28.40 4.37
CA GLY C 134 5.91 29.48 5.03
C GLY C 134 6.87 30.39 5.76
N LEU C 135 6.78 31.69 5.48
CA LEU C 135 7.66 32.67 6.07
C LEU C 135 7.07 33.34 7.32
N GLY C 136 5.81 33.08 7.64
CA GLY C 136 5.23 33.65 8.84
C GLY C 136 5.25 35.17 8.78
N ASP C 137 5.59 35.78 9.92
CA ASP C 137 5.76 37.23 10.00
C ASP C 137 7.06 37.63 10.71
N GLY C 138 7.91 36.66 11.05
CA GLY C 138 9.11 36.95 11.80
C GLY C 138 10.39 36.77 11.02
N LYS C 139 11.34 36.04 11.61
CA LYS C 139 12.70 36.03 11.10
C LYS C 139 12.79 35.39 9.71
N ALA C 140 11.94 34.42 9.42
CA ALA C 140 11.94 33.84 8.08
C ALA C 140 11.59 34.90 7.03
N LEU C 141 10.62 35.76 7.34
CA LEU C 141 10.27 36.85 6.42
C LEU C 141 11.38 37.89 6.35
N GLU C 142 12.04 38.16 7.48
CA GLU C 142 13.11 39.14 7.48
C GLU C 142 14.28 38.67 6.62
N ILE C 143 14.60 37.38 6.68
CA ILE C 143 15.63 36.82 5.80
C ILE C 143 15.25 37.04 4.34
N PHE C 144 14.01 36.73 3.99
CA PHE C 144 13.58 36.77 2.60
C PHE C 144 13.62 38.19 2.05
N ASN C 145 13.05 39.14 2.80
CA ASN C 145 13.03 40.52 2.31
C ASN C 145 14.44 41.12 2.26
N LYS C 146 15.31 40.70 3.18
CA LYS C 146 16.70 41.17 3.14
C LYS C 146 17.41 40.65 1.90
N ASN C 147 17.15 39.40 1.52
CA ASN C 147 17.78 38.78 0.37
C ASN C 147 17.05 39.05 -0.94
N LEU C 148 15.93 39.76 -0.88
CA LEU C 148 15.15 40.02 -2.09
C LEU C 148 15.96 40.85 -3.08
N ILE C 149 15.94 40.43 -4.34
CA ILE C 149 16.66 41.10 -5.41
C ILE C 149 15.71 41.79 -6.38
N ASP C 150 14.60 41.13 -6.71
CA ASP C 150 13.68 41.64 -7.72
C ASP C 150 12.36 40.89 -7.56
N PHE C 151 11.30 41.52 -8.06
CA PHE C 151 9.99 40.90 -8.11
C PHE C 151 9.39 41.17 -9.49
N GLU C 152 8.39 40.37 -9.85
CA GLU C 152 7.91 40.35 -11.24
C GLU C 152 6.43 40.05 -11.25
N VAL C 153 5.63 41.01 -11.71
CA VAL C 153 4.19 40.80 -11.83
C VAL C 153 3.91 40.04 -13.11
N ILE C 154 3.19 38.93 -12.99
CA ILE C 154 2.84 38.09 -14.13
C ILE C 154 1.42 38.47 -14.53
N ASP C 155 1.31 39.30 -15.57
CA ASP C 155 0.03 39.80 -16.06
C ASP C 155 -0.62 40.73 -15.03
N MET D 1 -21.95 60.14 -1.24
CA MET D 1 -20.56 59.59 -1.33
C MET D 1 -19.73 59.99 -0.12
N LYS D 2 -19.31 59.00 0.66
CA LYS D 2 -18.47 59.22 1.83
C LYS D 2 -17.11 58.57 1.63
N THR D 3 -16.06 59.25 2.09
CA THR D 3 -14.72 58.71 2.03
C THR D 3 -14.55 57.60 3.05
N ILE D 4 -14.28 56.38 2.58
CA ILE D 4 -13.89 55.29 3.46
C ILE D 4 -12.38 55.15 3.57
N TYR D 5 -11.61 55.73 2.65
CA TYR D 5 -10.16 55.68 2.72
C TYR D 5 -9.59 56.86 1.97
N ASN D 6 -8.63 57.55 2.59
CA ASN D 6 -7.88 58.63 1.96
C ASN D 6 -6.41 58.46 2.30
N PHE D 7 -5.55 58.60 1.29
CA PHE D 7 -4.12 58.38 1.49
C PHE D 7 -3.52 59.37 2.48
N LYS D 8 -4.14 60.53 2.66
CA LYS D 8 -3.62 61.52 3.60
C LYS D 8 -3.69 61.00 5.03
N GLN D 9 -4.77 60.29 5.37
CA GLN D 9 -4.84 59.67 6.69
C GLN D 9 -3.91 58.48 6.78
N ARG D 10 -3.79 57.71 5.70
CA ARG D 10 -2.82 56.62 5.66
C ARG D 10 -1.43 57.11 6.01
N ILE D 11 -1.10 58.35 5.64
CA ILE D 11 0.23 58.88 5.91
C ILE D 11 0.45 59.05 7.41
N LYS D 12 -0.59 59.47 8.13
CA LYS D 12 -0.44 59.74 9.56
C LYS D 12 -0.48 58.46 10.39
N GLU D 13 -1.18 57.43 9.91
CA GLU D 13 -1.34 56.20 10.66
C GLU D 13 -0.30 55.14 10.31
N ASP D 14 0.40 55.29 9.19
CA ASP D 14 1.38 54.31 8.71
C ASP D 14 2.68 55.02 8.35
N PRO D 15 3.35 55.65 9.32
CA PRO D 15 4.58 56.38 9.01
C PRO D 15 5.72 55.47 8.61
N GLU D 16 5.70 54.20 9.04
CA GLU D 16 6.77 53.28 8.68
C GLU D 16 6.70 52.92 7.20
N TYR D 17 5.50 52.64 6.69
CA TYR D 17 5.33 52.46 5.25
C TYR D 17 5.83 53.68 4.49
N ILE D 18 5.54 54.87 5.02
CA ILE D 18 6.04 56.10 4.41
C ILE D 18 7.55 56.21 4.59
N ARG D 19 8.05 55.92 5.79
CA ARG D 19 9.49 55.97 6.01
C ARG D 19 10.22 55.01 5.07
N LYS D 20 9.83 53.73 5.09
CA LYS D 20 10.54 52.74 4.29
C LYS D 20 10.51 53.09 2.82
N ALA D 21 9.43 53.70 2.34
CA ALA D 21 9.39 54.17 0.97
C ALA D 21 10.37 55.31 0.74
N HIS D 22 10.38 56.29 1.65
CA HIS D 22 11.32 57.41 1.53
C HIS D 22 12.76 56.91 1.59
N GLU D 23 13.05 56.00 2.51
CA GLU D 23 14.41 55.48 2.64
C GLU D 23 14.81 54.66 1.42
N LEU D 24 13.86 53.91 0.86
CA LEU D 24 14.15 53.08 -0.31
C LEU D 24 14.47 53.92 -1.53
N THR D 25 13.78 55.05 -1.69
CA THR D 25 14.00 55.89 -2.87
C THR D 25 15.38 56.53 -2.85
N LEU D 26 15.79 57.07 -1.71
CA LEU D 26 17.04 57.80 -1.63
C LEU D 26 18.26 56.88 -1.63
N ASN D 27 18.07 55.58 -1.50
CA ASN D 27 19.18 54.63 -1.54
C ASN D 27 19.68 54.50 -2.97
N THR D 28 20.85 55.09 -3.25
CA THR D 28 21.44 54.98 -4.58
C THR D 28 22.00 53.60 -4.86
N THR D 29 22.12 52.74 -3.85
CA THR D 29 22.69 51.41 -4.01
C THR D 29 21.64 50.34 -4.28
N LYS D 30 20.37 50.72 -4.37
CA LYS D 30 19.29 49.80 -4.73
C LYS D 30 18.52 50.42 -5.89
N PRO D 31 19.11 50.42 -7.09
CA PRO D 31 18.54 51.16 -8.22
C PRO D 31 17.47 50.43 -9.01
N LYS D 32 16.99 49.28 -8.56
CA LYS D 32 15.94 48.55 -9.25
C LYS D 32 14.69 48.36 -8.38
N ALA D 33 14.66 48.97 -7.19
CA ALA D 33 13.59 48.75 -6.24
C ALA D 33 12.99 50.09 -5.81
N GLY D 34 11.67 50.16 -5.79
CA GLY D 34 10.98 51.29 -5.22
C GLY D 34 10.65 52.38 -6.23
N LEU D 35 10.17 53.49 -5.68
CA LEU D 35 9.76 54.64 -6.47
C LEU D 35 10.95 55.55 -6.76
N LYS D 36 10.87 56.25 -7.90
CA LYS D 36 11.95 57.16 -8.26
C LYS D 36 11.97 58.38 -7.34
N GLY D 37 10.80 58.87 -6.94
CA GLY D 37 10.71 60.19 -6.36
C GLY D 37 10.67 61.28 -7.39
N THR D 38 10.22 60.96 -8.61
CA THR D 38 10.27 61.91 -9.71
C THR D 38 9.41 63.14 -9.42
N TYR D 39 8.25 62.94 -8.80
CA TYR D 39 7.35 64.02 -8.42
C TYR D 39 7.40 64.30 -6.93
N GLY D 40 8.50 63.95 -6.27
CA GLY D 40 8.64 64.12 -4.84
C GLY D 40 8.47 62.80 -4.10
N LEU D 41 9.00 62.77 -2.88
CA LEU D 41 8.88 61.59 -2.04
C LEU D 41 7.41 61.34 -1.70
N LEU D 42 7.04 60.06 -1.62
CA LEU D 42 5.66 59.66 -1.48
C LEU D 42 4.99 60.37 -0.31
N GLY D 43 3.89 61.06 -0.59
CA GLY D 43 3.11 61.73 0.43
C GLY D 43 3.69 63.04 0.94
N SER D 44 4.84 63.46 0.43
CA SER D 44 5.42 64.72 0.86
C SER D 44 4.60 65.90 0.33
N LYS D 45 4.90 67.10 0.84
CA LYS D 45 4.23 68.29 0.36
C LYS D 45 4.47 68.49 -1.13
N GLU D 46 5.72 68.34 -1.57
CA GLU D 46 6.03 68.41 -2.99
C GLU D 46 5.21 67.40 -3.77
N TRP D 47 5.05 66.19 -3.22
CA TRP D 47 4.28 65.14 -3.90
C TRP D 47 2.84 65.59 -4.11
N TRP D 48 2.22 66.17 -3.09
CA TRP D 48 0.83 66.58 -3.21
C TRP D 48 0.65 67.79 -4.11
N ASP D 49 1.67 68.66 -4.19
CA ASP D 49 1.59 69.80 -5.09
C ASP D 49 1.60 69.34 -6.55
N ASN D 50 2.43 68.35 -6.87
CA ASN D 50 2.41 67.79 -8.22
C ASN D 50 1.11 67.03 -8.48
N LEU D 51 0.53 66.44 -7.44
CA LEU D 51 -0.80 65.87 -7.59
C LEU D 51 -1.84 66.96 -7.81
N GLU D 52 -1.71 68.08 -7.08
CA GLU D 52 -2.66 69.16 -7.22
C GLU D 52 -2.53 69.84 -8.59
N ASN D 53 -1.31 70.21 -8.98
CA ASN D 53 -1.12 70.91 -10.25
C ASN D 53 -1.18 69.99 -11.45
N GLY D 54 -1.32 68.68 -11.25
CA GLY D 54 -1.58 67.77 -12.36
C GLY D 54 -0.38 67.32 -13.14
N SER D 55 0.84 67.46 -12.60
CA SER D 55 2.02 66.99 -13.31
C SER D 55 2.27 65.50 -13.11
N ILE D 56 1.70 64.91 -12.06
CA ILE D 56 1.81 63.47 -11.81
C ILE D 56 0.58 62.80 -12.40
N PRO D 57 0.73 61.71 -13.15
CA PRO D 57 -0.45 61.08 -13.78
C PRO D 57 -1.50 60.67 -12.75
N GLN D 58 -2.76 61.02 -13.05
CA GLN D 58 -3.89 60.67 -12.19
C GLN D 58 -5.07 60.22 -13.05
N LYS D 59 -5.91 59.37 -12.47
CA LYS D 59 -7.17 58.97 -13.09
C LYS D 59 -8.22 58.82 -11.99
N GLU D 60 -9.48 58.96 -12.38
CA GLU D 60 -10.61 58.82 -11.47
C GLU D 60 -11.63 57.88 -12.10
N ILE D 61 -12.15 56.95 -11.31
CA ILE D 61 -13.14 55.98 -11.76
C ILE D 61 -14.36 56.05 -10.86
N SER D 62 -15.54 55.92 -11.47
CA SER D 62 -16.79 55.83 -10.75
C SER D 62 -17.59 54.65 -11.30
N GLY D 63 -18.33 54.00 -10.42
CA GLY D 63 -19.12 52.86 -10.85
C GLY D 63 -19.85 52.23 -9.67
N THR D 64 -20.21 50.97 -9.85
CA THR D 64 -20.96 50.21 -8.86
C THR D 64 -20.22 48.91 -8.56
N ILE D 65 -20.14 48.57 -7.28
CA ILE D 65 -19.47 47.34 -6.87
C ILE D 65 -20.28 46.16 -7.38
N LYS D 66 -19.62 45.28 -8.14
CA LYS D 66 -20.26 44.08 -8.66
C LYS D 66 -19.92 42.83 -7.86
N LYS D 67 -18.77 42.81 -7.18
CA LYS D 67 -18.37 41.65 -6.40
C LYS D 67 -17.46 42.09 -5.27
N VAL D 68 -17.71 41.55 -4.08
CA VAL D 68 -16.85 41.71 -2.91
C VAL D 68 -16.24 40.34 -2.64
N TYR D 69 -14.96 40.18 -2.93
CA TYR D 69 -14.34 38.86 -2.91
C TYR D 69 -12.93 38.96 -2.34
N LEU D 70 -12.15 37.90 -2.54
CA LEU D 70 -10.87 37.69 -1.89
C LEU D 70 -9.83 37.31 -2.93
N THR D 71 -8.71 38.02 -2.95
CA THR D 71 -7.57 37.69 -3.76
C THR D 71 -6.36 37.47 -2.86
N GLY D 72 -5.32 36.84 -3.40
CA GLY D 72 -4.11 36.58 -2.63
C GLY D 72 -4.18 35.28 -1.88
N GLN D 73 -3.06 34.95 -1.23
CA GLN D 73 -2.90 33.70 -0.51
C GLN D 73 -2.84 33.94 0.99
N ASP D 74 -3.29 32.94 1.76
CA ASP D 74 -3.10 32.91 3.20
C ASP D 74 -3.76 34.09 3.90
N ASN D 75 -4.92 34.50 3.40
CA ASN D 75 -5.62 35.66 3.94
C ASN D 75 -6.54 35.23 5.08
N THR D 76 -6.60 36.07 6.11
CA THR D 76 -7.35 35.76 7.33
C THR D 76 -8.76 36.30 7.30
N GLU D 77 -8.96 37.49 6.74
CA GLU D 77 -10.23 38.18 6.85
C GLU D 77 -11.23 37.64 5.83
N ASP D 78 -12.46 38.17 5.87
CA ASP D 78 -13.52 37.67 5.01
C ASP D 78 -13.35 38.14 3.58
N PHE D 79 -13.10 39.44 3.37
CA PHE D 79 -12.90 39.94 2.02
C PHE D 79 -11.73 40.92 1.98
N ASN D 80 -11.26 41.13 0.76
CA ASN D 80 -9.95 41.72 0.49
C ASN D 80 -9.94 42.61 -0.74
N THR D 81 -10.91 42.47 -1.64
CA THR D 81 -10.90 43.13 -2.93
C THR D 81 -12.34 43.36 -3.38
N ILE D 82 -12.53 44.35 -4.25
CA ILE D 82 -13.82 44.64 -4.84
C ILE D 82 -13.66 44.81 -6.34
N ASP D 83 -14.67 44.38 -7.09
CA ASP D 83 -14.76 44.63 -8.52
C ASP D 83 -15.67 45.83 -8.76
N ILE D 84 -15.34 46.60 -9.80
CA ILE D 84 -16.04 47.84 -10.11
C ILE D 84 -16.41 47.82 -11.57
N GLU D 85 -17.70 47.97 -11.86
CA GLU D 85 -18.18 48.17 -13.23
C GLU D 85 -18.41 49.66 -13.42
N THR D 86 -17.54 50.30 -14.21
CA THR D 86 -17.75 51.70 -14.54
C THR D 86 -18.88 51.81 -15.56
N GLU D 87 -19.38 53.04 -15.75
CA GLU D 87 -20.49 53.21 -16.67
C GLU D 87 -20.12 52.84 -18.10
N ASN D 88 -18.84 52.87 -18.45
CA ASN D 88 -18.38 52.37 -19.74
C ASN D 88 -18.39 50.84 -19.80
N LYS D 89 -18.99 50.20 -18.82
CA LYS D 89 -19.21 48.75 -18.80
C LYS D 89 -17.90 47.97 -18.71
N THR D 90 -16.81 48.62 -18.29
CA THR D 90 -15.53 47.95 -18.09
C THR D 90 -15.32 47.68 -16.60
N LEU D 91 -14.61 46.60 -16.31
CA LEU D 91 -14.39 46.15 -14.95
C LEU D 91 -13.01 46.57 -14.48
N CYS D 92 -12.95 47.18 -13.30
CA CYS D 92 -11.70 47.57 -12.65
C CYS D 92 -11.63 46.92 -11.28
N THR D 93 -10.41 46.57 -10.86
CA THR D 93 -10.17 45.85 -9.62
C THR D 93 -9.32 46.68 -8.68
N GLU D 94 -9.71 46.69 -7.41
CA GLU D 94 -8.96 47.43 -6.38
C GLU D 94 -9.14 46.75 -5.03
N GLY D 95 -8.15 46.93 -4.17
CA GLY D 95 -8.24 46.42 -2.82
C GLY D 95 -9.19 47.23 -1.96
N THR D 96 -9.70 46.59 -0.91
CA THR D 96 -10.65 47.22 0.01
C THR D 96 -9.90 47.99 1.10
N TYR D 97 -9.29 49.09 0.68
CA TYR D 97 -8.53 49.91 1.60
C TYR D 97 -9.44 50.58 2.63
N THR D 98 -8.96 50.68 3.86
CA THR D 98 -9.64 51.41 4.91
C THR D 98 -8.61 52.12 5.77
N ASN D 99 -9.07 53.13 6.48
CA ASN D 99 -8.26 53.77 7.51
C ASN D 99 -8.52 53.08 8.85
N LYS D 100 -7.75 53.47 9.86
CA LYS D 100 -7.78 52.74 11.13
C LYS D 100 -9.19 52.66 11.69
N ASN D 101 -9.93 53.77 11.70
CA ASN D 101 -11.21 53.83 12.38
C ASN D 101 -12.41 53.93 11.45
N THR D 102 -12.23 53.93 10.14
CA THR D 102 -13.35 53.72 9.24
C THR D 102 -13.52 52.22 9.02
N ASP D 103 -14.76 51.82 8.74
CA ASP D 103 -15.19 50.45 8.91
C ASP D 103 -15.20 49.71 7.57
N ARG D 104 -14.57 48.54 7.55
CA ARG D 104 -14.36 47.76 6.34
C ARG D 104 -15.62 47.01 5.88
N LYS D 105 -16.55 46.70 6.78
CA LYS D 105 -17.71 45.91 6.43
C LYS D 105 -18.67 46.64 5.48
N HIS D 106 -18.43 47.91 5.18
CA HIS D 106 -19.34 48.68 4.34
C HIS D 106 -19.17 48.41 2.86
N TYR D 107 -18.12 47.70 2.45
CA TYR D 107 -17.97 47.30 1.05
C TYR D 107 -19.03 46.28 0.71
N GLU D 108 -20.01 46.67 -0.09
CA GLU D 108 -21.13 45.81 -0.45
C GLU D 108 -21.46 45.97 -1.92
N ALA D 109 -21.93 44.88 -2.53
CA ALA D 109 -22.31 44.93 -3.93
C ALA D 109 -23.49 45.89 -4.13
N GLY D 110 -23.51 46.54 -5.29
CA GLY D 110 -24.54 47.49 -5.62
C GLY D 110 -24.28 48.90 -5.14
N LYS D 111 -23.35 49.09 -4.22
CA LYS D 111 -23.01 50.43 -3.76
C LYS D 111 -22.22 51.19 -4.83
N LYS D 112 -22.39 52.50 -4.85
CA LYS D 112 -21.64 53.36 -5.76
C LYS D 112 -20.29 53.69 -5.15
N ILE D 113 -19.27 53.72 -6.00
CA ILE D 113 -17.88 53.83 -5.56
C ILE D 113 -17.16 54.85 -6.44
N THR D 114 -16.25 55.60 -5.84
CA THR D 114 -15.34 56.48 -6.56
C THR D 114 -13.94 56.29 -6.02
N ILE D 115 -12.97 56.09 -6.91
CA ILE D 115 -11.58 55.89 -6.55
C ILE D 115 -10.73 56.92 -7.29
N LYS D 116 -9.93 57.67 -6.54
CA LYS D 116 -8.99 58.62 -7.11
C LYS D 116 -7.60 58.02 -7.05
N TYR D 117 -6.87 58.10 -8.16
CA TYR D 117 -5.60 57.40 -8.31
C TYR D 117 -4.45 58.38 -8.50
N ALA D 118 -3.26 57.91 -8.11
CA ALA D 118 -2.00 58.54 -8.47
C ALA D 118 -1.06 57.45 -8.98
N PHE D 119 -0.17 57.83 -9.89
CA PHE D 119 0.75 56.88 -10.52
C PHE D 119 2.16 57.43 -10.37
N ASP D 120 2.92 56.86 -9.44
CA ASP D 120 4.25 57.32 -9.12
C ASP D 120 5.26 56.44 -9.85
N PRO D 121 6.11 57.00 -10.74
CA PRO D 121 7.02 56.15 -11.52
C PRO D 121 7.90 55.29 -10.63
N LEU D 122 8.01 54.01 -10.98
CA LEU D 122 8.92 53.10 -10.30
C LEU D 122 10.31 53.20 -10.90
N LYS D 123 11.32 53.01 -10.05
CA LYS D 123 12.70 53.06 -10.53
C LYS D 123 12.92 52.07 -11.68
N LYS D 124 12.38 50.86 -11.55
CA LYS D 124 12.63 49.81 -12.52
C LYS D 124 11.78 50.04 -13.77
N PRO D 125 12.37 50.15 -14.94
CA PRO D 125 11.57 50.33 -16.17
C PRO D 125 11.00 49.01 -16.66
N LYS D 126 10.09 49.12 -17.62
CA LYS D 126 9.53 47.93 -18.25
C LYS D 126 10.60 47.23 -19.08
N PRO D 127 10.41 45.95 -19.36
CA PRO D 127 11.38 45.23 -20.22
C PRO D 127 11.79 46.00 -21.46
N ASN D 128 10.83 46.66 -22.13
CA ASN D 128 11.12 47.39 -23.35
C ASN D 128 11.68 48.78 -23.11
N GLY D 129 11.91 49.15 -21.85
CA GLY D 129 12.44 50.47 -21.53
C GLY D 129 11.40 51.51 -21.21
N ASP D 130 10.11 51.18 -21.31
CA ASP D 130 9.07 52.13 -20.96
C ASP D 130 9.04 52.35 -19.45
N ILE D 131 8.45 53.47 -19.05
CA ILE D 131 8.36 53.82 -17.63
C ILE D 131 7.21 53.06 -17.01
N ASP D 132 7.47 52.46 -15.85
CA ASP D 132 6.50 51.67 -15.11
C ASP D 132 6.03 52.44 -13.89
N TYR D 133 4.74 52.34 -13.57
CA TYR D 133 4.13 53.16 -12.53
C TYR D 133 3.61 52.30 -11.39
N SER D 134 3.77 52.81 -10.17
CA SER D 134 3.14 52.25 -8.99
C SER D 134 1.79 52.92 -8.80
N LYS D 135 0.72 52.11 -8.79
CA LYS D 135 -0.63 52.64 -8.62
C LYS D 135 -0.84 53.03 -7.17
N ILE D 136 -1.09 54.32 -6.93
CA ILE D 136 -1.29 54.85 -5.58
C ILE D 136 -2.75 55.22 -5.44
N VAL D 137 -3.46 54.53 -4.54
CA VAL D 137 -4.84 54.89 -4.23
C VAL D 137 -4.82 56.17 -3.40
N VAL D 138 -5.45 57.23 -3.92
CA VAL D 138 -5.49 58.51 -3.23
C VAL D 138 -6.72 58.62 -2.34
N GLU D 139 -7.89 58.24 -2.86
CA GLU D 139 -9.12 58.34 -2.09
C GLU D 139 -10.14 57.33 -2.62
N ILE D 140 -10.95 56.82 -1.70
CA ILE D 140 -12.06 55.92 -2.02
C ILE D 140 -13.30 56.48 -1.37
N LEU D 141 -14.34 56.73 -2.16
CA LEU D 141 -15.64 57.16 -1.67
C LEU D 141 -16.67 56.08 -1.92
N ILE D 142 -17.71 56.06 -1.09
CA ILE D 142 -18.71 55.00 -1.12
C ILE D 142 -20.09 55.59 -0.86
N SER D 143 -21.10 54.95 -1.44
CA SER D 143 -22.49 55.29 -1.19
C SER D 143 -22.99 54.52 0.04
N GLU D 144 -24.25 54.76 0.40
CA GLU D 144 -24.87 54.07 1.53
C GLU D 144 -25.99 53.17 1.03
N ASP E 13 -0.41 5.19 43.70
CA ASP E 13 -0.54 5.44 42.26
C ASP E 13 0.81 5.32 41.55
N PRO E 14 1.87 5.89 42.11
CA PRO E 14 3.20 5.73 41.49
C PRO E 14 3.67 4.28 41.55
N ALA E 15 4.22 3.81 40.44
CA ALA E 15 4.73 2.44 40.38
C ALA E 15 6.02 2.34 41.19
N GLY E 16 5.98 1.54 42.26
CA GLY E 16 7.06 1.50 43.21
C GLY E 16 8.36 0.96 42.65
N PRO E 17 9.35 0.75 43.53
CA PRO E 17 10.63 0.20 43.08
C PRO E 17 10.52 -1.22 42.57
N ILE E 18 9.54 -1.99 43.03
CA ILE E 18 9.33 -3.36 42.60
C ILE E 18 7.83 -3.55 42.40
N VAL E 19 7.45 -4.26 41.34
CA VAL E 19 6.05 -4.41 40.98
C VAL E 19 5.71 -5.85 40.67
N GLU E 20 6.65 -6.57 40.06
CA GLU E 20 6.38 -7.89 39.49
C GLU E 20 7.28 -8.93 40.13
N LEU E 21 6.73 -10.13 40.34
CA LEU E 21 7.45 -11.23 40.95
C LEU E 21 7.38 -12.46 40.07
N ASP E 22 8.32 -13.36 40.30
CA ASP E 22 8.30 -14.68 39.67
C ASP E 22 7.12 -15.49 40.21
N ALA E 23 6.80 -16.58 39.51
CA ALA E 23 5.94 -17.59 40.10
C ALA E 23 6.60 -18.25 41.30
N GLN E 24 7.90 -18.08 41.45
CA GLN E 24 8.66 -18.57 42.58
C GLN E 24 9.09 -17.47 43.55
N GLY E 25 8.66 -16.22 43.31
CA GLY E 25 8.90 -15.12 44.23
C GLY E 25 10.05 -14.21 43.86
N ASN E 26 10.83 -14.55 42.84
CA ASN E 26 11.93 -13.70 42.42
C ASN E 26 11.43 -12.37 41.88
N GLU E 27 12.26 -11.34 42.02
CA GLU E 27 11.91 -9.98 41.61
C GLU E 27 12.30 -9.75 40.15
N ILE E 28 11.46 -9.03 39.43
CA ILE E 28 11.58 -8.88 37.98
C ILE E 28 11.81 -7.41 37.64
N TYR E 29 12.83 -7.14 36.83
CA TYR E 29 13.18 -5.79 36.39
C TYR E 29 13.44 -5.82 34.89
N TYR E 30 13.69 -4.64 34.33
CA TYR E 30 13.87 -4.50 32.88
C TYR E 30 14.95 -3.49 32.56
N ARG E 31 15.61 -3.71 31.43
CA ARG E 31 16.63 -2.80 30.93
C ARG E 31 16.84 -3.08 29.44
N THR E 32 17.00 -2.01 28.67
CA THR E 32 17.30 -2.12 27.23
C THR E 32 18.79 -1.87 27.05
N LEU E 33 19.49 -2.86 26.50
CA LEU E 33 20.94 -2.88 26.43
C LEU E 33 21.40 -2.75 24.97
N SER E 34 22.69 -2.49 24.80
CA SER E 34 23.29 -2.48 23.48
C SER E 34 23.72 -3.89 23.11
N GLU E 35 24.27 -4.04 21.90
CA GLU E 35 24.81 -5.33 21.49
C GLU E 35 26.00 -5.71 22.35
N GLN E 36 26.91 -4.75 22.59
CA GLN E 36 28.08 -5.03 23.42
C GLN E 36 27.66 -5.46 24.82
N HIS E 37 26.68 -4.77 25.41
CA HIS E 37 26.27 -5.09 26.76
C HIS E 37 25.50 -6.41 26.83
N LEU E 38 24.82 -6.78 25.74
CA LEU E 38 24.15 -8.08 25.72
C LEU E 38 25.14 -9.22 25.61
N GLU E 39 26.24 -9.01 24.86
CA GLU E 39 27.27 -10.04 24.80
C GLU E 39 27.84 -10.31 26.19
N ILE E 40 28.12 -9.25 26.95
CA ILE E 40 28.63 -9.42 28.29
C ILE E 40 27.62 -10.15 29.17
N LEU E 41 26.34 -9.85 28.98
CA LEU E 41 25.31 -10.48 29.80
C LEU E 41 25.25 -11.98 29.56
N ARG E 42 25.40 -12.40 28.29
CA ARG E 42 25.32 -13.83 27.99
C ARG E 42 26.57 -14.56 28.46
N ASN E 43 27.75 -13.98 28.24
CA ASN E 43 29.00 -14.66 28.50
C ASN E 43 29.53 -14.42 29.90
N ASN E 44 29.13 -13.33 30.56
CA ASN E 44 29.55 -13.03 31.93
C ASN E 44 28.39 -13.10 32.92
N PHE E 45 27.14 -13.15 32.45
CA PHE E 45 25.97 -13.15 33.34
C PHE E 45 25.96 -11.90 34.21
N GLU E 46 26.32 -10.76 33.63
CA GLU E 46 26.40 -9.51 34.38
C GLU E 46 25.86 -8.37 33.53
N VAL E 47 25.25 -7.40 34.21
CA VAL E 47 24.84 -6.14 33.59
C VAL E 47 26.04 -5.20 33.60
N PRO E 48 26.54 -4.74 32.45
CA PRO E 48 27.71 -3.87 32.47
C PRO E 48 27.34 -2.49 32.94
N PRO E 49 28.23 -1.80 33.66
CA PRO E 49 27.93 -0.43 34.09
C PRO E 49 28.03 0.57 32.96
N THR E 50 27.18 1.60 33.04
CA THR E 50 27.28 2.75 32.14
C THR E 50 26.49 3.89 32.76
N SER E 51 27.21 4.92 33.21
CA SER E 51 26.60 6.06 33.89
C SER E 51 25.80 5.60 35.11
N GLU E 52 24.48 5.76 35.09
CA GLU E 52 23.64 5.38 36.22
C GLU E 52 23.22 3.91 36.19
N THR E 53 23.26 3.27 35.02
CA THR E 53 22.85 1.89 34.86
C THR E 53 21.51 1.63 35.55
N PHE E 54 20.48 2.26 34.99
CA PHE E 54 19.15 2.17 35.55
C PHE E 54 18.53 0.81 35.25
N ILE E 55 17.87 0.23 36.26
CA ILE E 55 16.99 -0.90 36.10
C ILE E 55 15.59 -0.45 36.47
N SER E 56 14.59 -1.07 35.85
CA SER E 56 13.21 -0.63 36.06
C SER E 56 12.33 -1.81 36.44
N PRO E 57 11.38 -1.61 37.36
CA PRO E 57 10.41 -2.67 37.67
C PRO E 57 9.31 -2.83 36.63
N LEU E 58 9.29 -1.97 35.61
CA LEU E 58 8.25 -1.97 34.60
C LEU E 58 8.87 -2.10 33.22
N GLN E 59 8.26 -2.93 32.37
CA GLN E 59 8.74 -3.07 31.00
C GLN E 59 8.45 -1.83 30.16
N SER E 60 7.33 -1.16 30.43
CA SER E 60 6.90 -0.07 29.57
C SER E 60 7.92 1.07 29.51
N TYR E 61 8.71 1.26 30.56
CA TYR E 61 9.73 2.30 30.51
C TYR E 61 10.87 1.91 29.58
N SER E 62 11.46 0.74 29.81
CA SER E 62 12.56 0.28 28.95
C SER E 62 12.09 0.07 27.52
N GLN E 63 10.80 -0.17 27.31
CA GLN E 63 10.28 -0.32 25.94
C GLN E 63 10.41 0.97 25.13
N GLU E 64 10.48 2.12 25.80
CA GLU E 64 10.65 3.39 25.09
C GLU E 64 12.04 3.55 24.48
N TYR E 65 12.98 2.65 24.80
CA TYR E 65 14.36 2.78 24.36
C TYR E 65 14.67 1.78 23.26
N ASP E 66 15.60 2.16 22.38
CA ASP E 66 16.07 1.29 21.33
C ASP E 66 17.20 0.40 21.84
N GLY E 67 17.19 -0.86 21.39
CA GLY E 67 18.18 -1.83 21.78
C GLY E 67 17.53 -3.15 22.09
N LYS E 68 18.24 -3.97 22.86
CA LYS E 68 17.77 -5.30 23.25
C LYS E 68 17.13 -5.20 24.62
N LEU E 69 15.81 -5.42 24.69
CA LEU E 69 15.08 -5.34 25.93
C LEU E 69 15.18 -6.66 26.68
N VAL E 70 15.54 -6.59 27.96
CA VAL E 70 15.81 -7.77 28.78
C VAL E 70 14.90 -7.77 30.00
N ARG E 71 14.34 -8.93 30.32
CA ARG E 71 13.64 -9.14 31.58
C ARG E 71 14.63 -9.76 32.56
N LEU E 72 14.96 -9.02 33.61
CA LEU E 72 15.96 -9.45 34.58
C LEU E 72 15.28 -10.03 35.81
N THR E 73 15.69 -11.23 36.20
CA THR E 73 15.16 -11.92 37.37
C THR E 73 16.22 -11.93 38.46
N ALA E 74 15.88 -11.36 39.61
CA ALA E 74 16.81 -11.22 40.73
C ALA E 74 16.27 -11.99 41.94
N SER E 75 17.18 -12.34 42.84
CA SER E 75 16.80 -13.13 44.00
C SER E 75 15.89 -12.30 44.92
N PRO E 76 14.91 -12.93 45.56
CA PRO E 76 14.01 -12.17 46.44
C PRO E 76 14.79 -11.42 47.51
N GLY E 77 14.45 -10.14 47.70
CA GLY E 77 15.13 -9.29 48.64
C GLY E 77 16.19 -8.40 48.04
N THR E 78 16.36 -8.42 46.72
CA THR E 78 17.34 -7.55 46.08
C THR E 78 16.99 -6.09 46.31
N MET E 79 15.75 -5.70 45.99
CA MET E 79 15.33 -4.31 46.15
C MET E 79 15.46 -3.86 47.60
N ASN E 80 15.20 -4.77 48.55
CA ASN E 80 15.40 -4.43 49.96
C ASN E 80 16.85 -4.03 50.21
N GLU E 81 17.80 -4.79 49.67
CA GLU E 81 19.21 -4.49 49.88
C GLU E 81 19.59 -3.18 49.22
N LEU E 82 19.10 -2.93 48.01
CA LEU E 82 19.47 -1.72 47.29
C LEU E 82 18.95 -0.48 48.00
N SER E 83 17.74 -0.54 48.56
CA SER E 83 17.17 0.61 49.24
C SER E 83 18.02 1.02 50.44
N LYS E 84 18.65 0.05 51.10
CA LYS E 84 19.46 0.36 52.28
C LYS E 84 20.64 1.25 51.95
N ILE E 85 21.20 1.10 50.75
CA ILE E 85 22.25 1.99 50.27
C ILE E 85 21.69 3.00 49.26
N GLY E 86 20.39 3.26 49.33
CA GLY E 86 19.76 4.11 48.35
C GLY E 86 19.88 5.58 48.71
N VAL E 87 19.81 6.42 47.68
CA VAL E 87 19.84 7.86 47.82
C VAL E 87 18.76 8.41 46.88
N THR E 88 18.19 9.57 47.25
CA THR E 88 17.03 10.10 46.54
C THR E 88 17.50 11.19 45.57
N ALA E 89 17.16 11.01 44.30
CA ALA E 89 17.61 11.91 43.24
C ALA E 89 16.98 13.29 43.38
N ASN E 90 15.67 13.37 43.22
CA ASN E 90 14.96 14.64 43.24
C ASN E 90 13.96 14.64 44.40
N SER E 91 13.09 15.65 44.43
CA SER E 91 12.11 15.76 45.51
C SER E 91 11.03 14.70 45.36
N GLY E 92 10.51 14.51 44.15
CA GLY E 92 9.46 13.53 43.94
C GLY E 92 9.82 12.15 44.48
N THR E 93 11.10 11.79 44.41
CA THR E 93 11.55 10.54 45.02
C THR E 93 11.80 10.71 46.51
N GLY E 94 12.42 11.82 46.91
CA GLY E 94 12.61 12.11 48.32
C GLY E 94 11.30 12.25 49.08
N LEU E 95 10.19 12.42 48.38
CA LEU E 95 8.87 12.55 48.98
C LEU E 95 8.23 11.19 49.22
N LEU E 96 8.44 10.23 48.32
CA LEU E 96 7.86 8.91 48.47
C LEU E 96 8.67 8.01 49.40
N LEU E 97 9.97 8.28 49.55
CA LEU E 97 10.85 7.51 50.41
C LEU E 97 11.57 8.49 51.34
N PRO E 98 10.87 9.04 52.33
CA PRO E 98 11.46 10.15 53.08
C PRO E 98 12.64 9.74 53.96
N ASP E 99 12.61 8.56 54.56
CA ASP E 99 13.71 8.14 55.44
C ASP E 99 14.88 7.59 54.62
N LEU E 100 15.36 8.45 53.71
CA LEU E 100 16.45 8.16 52.76
C LEU E 100 17.16 9.47 52.46
N PRO E 101 18.49 9.47 52.40
CA PRO E 101 19.23 10.74 52.16
C PRO E 101 19.22 11.12 50.70
N PRO E 102 19.43 12.40 50.37
CA PRO E 102 19.56 12.79 48.96
C PRO E 102 20.89 12.35 48.37
N ALA E 103 20.89 12.22 47.04
CA ALA E 103 22.08 11.75 46.34
C ALA E 103 23.07 12.88 46.17
N ARG E 104 24.35 12.59 46.44
CA ARG E 104 25.45 13.53 46.27
C ARG E 104 26.44 12.94 45.25
N LYS E 105 27.60 13.60 45.12
CA LYS E 105 28.61 13.16 44.17
C LYS E 105 29.38 11.97 44.75
N GLY E 106 29.54 10.94 43.94
CA GLY E 106 30.15 9.70 44.38
C GLY E 106 29.17 8.62 44.78
N TRP E 107 27.90 8.74 44.38
CA TRP E 107 26.91 7.72 44.72
C TRP E 107 27.12 6.44 43.90
N LYS E 108 27.72 6.57 42.72
CA LYS E 108 27.85 5.43 41.82
C LYS E 108 28.71 4.32 42.39
N GLN E 109 29.55 4.62 43.38
CA GLN E 109 30.49 3.64 43.90
C GLN E 109 29.94 2.85 45.08
N ASN E 110 29.02 3.44 45.84
CA ASN E 110 28.49 2.78 47.03
C ASN E 110 26.97 2.72 47.09
N ASN E 111 26.26 3.45 46.23
CA ASN E 111 24.84 3.69 46.43
C ASN E 111 24.03 3.27 45.22
N ALA E 112 22.72 3.13 45.46
CA ALA E 112 21.72 3.00 44.42
C ALA E 112 20.94 4.30 44.34
N LEU E 113 20.68 4.77 43.13
CA LEU E 113 19.98 6.02 42.90
C LEU E 113 18.50 5.73 42.63
N PHE E 114 17.63 6.19 43.52
CA PHE E 114 16.19 6.07 43.34
C PHE E 114 15.64 7.36 42.75
N LYS E 115 14.90 7.23 41.65
CA LYS E 115 14.40 8.40 40.95
C LYS E 115 13.03 8.11 40.36
N LEU E 116 12.09 9.01 40.60
CA LEU E 116 10.76 8.91 40.00
C LEU E 116 10.79 9.53 38.61
N GLU E 117 10.26 8.80 37.63
CA GLU E 117 10.23 9.25 36.25
C GLU E 117 8.91 8.86 35.61
N ALA E 118 8.64 9.45 34.44
CA ALA E 118 7.51 9.07 33.60
C ALA E 118 6.17 9.39 34.26
N LEU E 119 6.05 10.59 34.83
CA LEU E 119 4.76 11.04 35.31
C LEU E 119 3.88 11.48 34.13
N LYS E 120 2.59 11.13 34.20
CA LYS E 120 1.62 11.46 33.18
C LYS E 120 1.94 10.83 31.83
N LYS E 121 2.81 9.83 31.80
CA LYS E 121 3.11 9.12 30.56
C LYS E 121 2.18 7.92 30.47
N PRO E 122 1.21 7.91 29.55
CA PRO E 122 0.16 6.88 29.60
C PRO E 122 0.68 5.45 29.47
N THR E 123 1.74 5.20 28.70
CA THR E 123 2.22 3.83 28.57
C THR E 123 2.74 3.29 29.89
N ILE E 124 3.25 4.14 30.76
CA ILE E 124 3.99 3.74 31.95
C ILE E 124 3.09 3.94 33.16
N ASN E 125 2.61 2.83 33.73
CA ASN E 125 1.78 2.88 34.93
C ASN E 125 0.58 3.81 34.72
N GLU E 126 0.10 3.87 33.49
CA GLU E 126 -1.01 4.74 33.11
C GLU E 126 -0.81 6.15 33.67
N GLY E 127 0.40 6.68 33.47
CA GLY E 127 0.73 8.03 33.88
C GLY E 127 1.07 8.21 35.33
N GLY E 128 1.06 7.15 36.14
CA GLY E 128 1.33 7.28 37.56
C GLY E 128 2.79 7.46 37.91
N GLY E 129 3.70 7.03 37.04
CA GLY E 129 5.11 7.15 37.28
C GLY E 129 5.71 5.85 37.80
N VAL E 130 7.02 5.72 37.63
CA VAL E 130 7.76 4.53 38.06
C VAL E 130 9.06 4.96 38.72
N ILE E 131 9.43 4.26 39.79
CA ILE E 131 10.64 4.53 40.54
C ILE E 131 11.71 3.58 40.05
N ASN E 132 12.65 4.08 39.26
CA ASN E 132 13.77 3.27 38.78
C ASN E 132 14.92 3.32 39.79
N THR E 133 15.84 2.37 39.64
CA THR E 133 16.99 2.24 40.54
C THR E 133 18.25 2.20 39.70
N GLY E 134 19.13 3.18 39.92
CA GLY E 134 20.42 3.22 39.24
C GLY E 134 21.45 2.43 40.02
N LEU E 135 22.14 1.53 39.33
CA LEU E 135 23.14 0.69 39.96
C LEU E 135 24.55 1.26 39.86
N GLY E 136 24.75 2.34 39.10
CA GLY E 136 26.07 2.94 39.01
C GLY E 136 27.08 1.96 38.44
N ASP E 137 28.28 1.95 39.05
CA ASP E 137 29.30 0.98 38.72
C ASP E 137 29.92 0.35 39.96
N GLY E 138 29.37 0.64 41.14
CA GLY E 138 29.93 0.14 42.38
C GLY E 138 29.10 -0.91 43.07
N LYS E 139 28.81 -0.68 44.35
CA LYS E 139 28.26 -1.75 45.19
C LYS E 139 26.86 -2.16 44.74
N ALA E 140 26.03 -1.22 44.28
CA ALA E 140 24.69 -1.58 43.86
C ALA E 140 24.72 -2.58 42.71
N LEU E 141 25.63 -2.39 41.76
CA LEU E 141 25.72 -3.30 40.62
C LEU E 141 26.19 -4.68 41.06
N GLU E 142 27.11 -4.74 42.01
CA GLU E 142 27.59 -6.02 42.51
C GLU E 142 26.47 -6.77 43.22
N ILE E 143 25.61 -6.04 43.95
CA ILE E 143 24.46 -6.67 44.57
C ILE E 143 23.58 -7.32 43.51
N PHE E 144 23.26 -6.57 42.46
CA PHE E 144 22.33 -7.08 41.46
C PHE E 144 22.91 -8.26 40.70
N ASN E 145 24.18 -8.18 40.31
CA ASN E 145 24.76 -9.25 39.49
C ASN E 145 24.92 -10.54 40.29
N LYS E 146 25.28 -10.44 41.57
CA LYS E 146 25.37 -11.65 42.39
C LYS E 146 23.99 -12.25 42.63
N ASN E 147 22.99 -11.40 42.87
CA ASN E 147 21.63 -11.86 43.08
C ASN E 147 20.92 -12.17 41.77
N LEU E 148 21.54 -11.90 40.64
CA LEU E 148 20.92 -12.20 39.35
C LEU E 148 20.69 -13.69 39.20
N ILE E 149 19.47 -14.06 38.84
CA ILE E 149 19.10 -15.45 38.69
C ILE E 149 18.84 -15.83 37.24
N ASP E 150 18.30 -14.91 36.44
CA ASP E 150 18.00 -15.20 35.04
C ASP E 150 17.74 -13.89 34.31
N PHE E 151 17.92 -13.94 32.99
CA PHE E 151 17.59 -12.81 32.13
C PHE E 151 16.89 -13.36 30.89
N GLU E 152 16.14 -12.48 30.23
CA GLU E 152 15.40 -12.88 29.04
C GLU E 152 15.22 -11.66 28.13
N VAL E 153 15.72 -11.75 26.92
CA VAL E 153 15.58 -10.68 25.94
C VAL E 153 14.22 -10.81 25.26
N ILE E 154 13.45 -9.72 25.26
CA ILE E 154 12.14 -9.70 24.62
C ILE E 154 12.32 -8.99 23.29
N ASP E 155 12.63 -9.78 22.26
CA ASP E 155 12.76 -9.27 20.90
C ASP E 155 13.85 -8.20 20.83
N MET F 1 39.30 -3.47 2.41
CA MET F 1 38.90 -4.12 3.70
C MET F 1 40.05 -4.10 4.70
N LYS F 2 39.90 -3.32 5.76
CA LYS F 2 40.86 -3.25 6.85
C LYS F 2 40.21 -3.77 8.14
N THR F 3 40.98 -4.49 8.93
CA THR F 3 40.47 -5.04 10.18
C THR F 3 40.31 -3.92 11.20
N ILE F 4 39.06 -3.66 11.60
CA ILE F 4 38.78 -2.68 12.65
C ILE F 4 38.52 -3.33 14.00
N TYR F 5 38.27 -4.63 14.05
CA TYR F 5 38.11 -5.34 15.32
C TYR F 5 38.48 -6.80 15.12
N ASN F 6 39.20 -7.35 16.09
CA ASN F 6 39.63 -8.74 16.05
C ASN F 6 39.42 -9.37 17.42
N PHE F 7 38.74 -10.52 17.45
CA PHE F 7 38.50 -11.19 18.72
C PHE F 7 39.80 -11.63 19.37
N LYS F 8 40.84 -11.89 18.57
CA LYS F 8 42.14 -12.21 19.15
C LYS F 8 42.64 -11.06 20.01
N GLN F 9 42.45 -9.82 19.55
CA GLN F 9 42.88 -8.66 20.32
C GLN F 9 41.99 -8.46 21.55
N ARG F 10 40.69 -8.74 21.42
CA ARG F 10 39.79 -8.59 22.55
C ARG F 10 40.24 -9.40 23.74
N ILE F 11 40.82 -10.58 23.50
CA ILE F 11 41.21 -11.46 24.60
C ILE F 11 42.38 -10.88 25.37
N LYS F 12 43.36 -10.31 24.66
CA LYS F 12 44.54 -9.78 25.34
C LYS F 12 44.28 -8.42 25.96
N GLU F 13 43.33 -7.66 25.43
CA GLU F 13 43.08 -6.31 25.88
C GLU F 13 41.93 -6.20 26.89
N ASP F 14 41.12 -7.25 27.02
CA ASP F 14 39.96 -7.26 27.90
C ASP F 14 39.99 -8.54 28.73
N PRO F 15 40.91 -8.65 29.70
CA PRO F 15 41.05 -9.91 30.42
C PRO F 15 39.90 -10.21 31.38
N GLU F 16 39.20 -9.19 31.88
CA GLU F 16 38.15 -9.45 32.86
C GLU F 16 36.93 -10.09 32.21
N TYR F 17 36.53 -9.62 31.03
CA TYR F 17 35.44 -10.28 30.31
C TYR F 17 35.79 -11.73 30.00
N ILE F 18 37.06 -12.00 29.69
CA ILE F 18 37.49 -13.35 29.38
C ILE F 18 37.51 -14.20 30.65
N ARG F 19 38.14 -13.68 31.71
CA ARG F 19 38.24 -14.44 32.95
C ARG F 19 36.86 -14.75 33.53
N LYS F 20 35.98 -13.74 33.57
CA LYS F 20 34.65 -13.96 34.12
C LYS F 20 33.85 -14.96 33.30
N ALA F 21 34.11 -15.02 31.99
CA ALA F 21 33.42 -15.99 31.15
C ALA F 21 33.88 -17.41 31.48
N HIS F 22 35.18 -17.62 31.62
CA HIS F 22 35.69 -18.94 31.96
C HIS F 22 35.20 -19.39 33.32
N GLU F 23 35.24 -18.50 34.31
CA GLU F 23 34.77 -18.87 35.66
C GLU F 23 33.31 -19.27 35.62
N LEU F 24 32.50 -18.57 34.83
CA LEU F 24 31.09 -18.90 34.73
C LEU F 24 30.89 -20.24 34.02
N THR F 25 31.71 -20.53 33.01
CA THR F 25 31.62 -21.82 32.34
C THR F 25 32.00 -22.95 33.29
N LEU F 26 33.05 -22.77 34.08
CA LEU F 26 33.54 -23.81 34.97
C LEU F 26 32.77 -23.88 36.29
N ASN F 27 31.97 -22.86 36.62
CA ASN F 27 31.23 -22.87 37.88
C ASN F 27 30.10 -23.88 37.79
N THR F 28 30.26 -25.02 38.46
CA THR F 28 29.25 -26.07 38.44
C THR F 28 28.01 -25.71 39.24
N THR F 29 28.05 -24.67 40.06
CA THR F 29 26.90 -24.27 40.88
C THR F 29 26.01 -23.26 40.19
N LYS F 30 26.38 -22.82 38.98
CA LYS F 30 25.58 -21.89 38.18
C LYS F 30 25.34 -22.55 36.82
N PRO F 31 24.50 -23.59 36.78
CA PRO F 31 24.43 -24.44 35.58
C PRO F 31 23.55 -23.90 34.46
N LYS F 32 22.99 -22.70 34.61
CA LYS F 32 22.17 -22.09 33.56
C LYS F 32 22.74 -20.77 33.07
N ALA F 33 23.92 -20.39 33.56
CA ALA F 33 24.51 -19.09 33.27
C ALA F 33 25.84 -19.28 32.55
N GLY F 34 26.07 -18.46 31.54
CA GLY F 34 27.34 -18.44 30.85
C GLY F 34 27.40 -19.41 29.69
N LEU F 35 28.63 -19.63 29.24
CA LEU F 35 28.92 -20.48 28.10
C LEU F 35 29.11 -21.92 28.54
N LYS F 36 28.74 -22.84 27.67
CA LYS F 36 28.84 -24.26 27.98
C LYS F 36 30.28 -24.74 28.00
N GLY F 37 31.10 -24.24 27.07
CA GLY F 37 32.44 -24.75 26.90
C GLY F 37 32.51 -26.01 26.06
N THR F 38 31.53 -26.22 25.18
CA THR F 38 31.47 -27.47 24.42
C THR F 38 32.71 -27.65 23.56
N TYR F 39 33.17 -26.57 22.93
CA TYR F 39 34.32 -26.62 22.04
C TYR F 39 35.55 -25.98 22.67
N GLY F 40 35.62 -25.99 24.00
CA GLY F 40 36.71 -25.37 24.72
C GLY F 40 36.34 -24.00 25.26
N LEU F 41 37.11 -23.54 26.25
CA LEU F 41 36.86 -22.26 26.86
C LEU F 41 37.07 -21.13 25.85
N LEU F 42 36.21 -20.12 25.91
CA LEU F 42 36.16 -19.08 24.90
C LEU F 42 37.55 -18.46 24.68
N GLY F 43 37.97 -18.45 23.43
CA GLY F 43 39.23 -17.84 23.06
C GLY F 43 40.47 -18.60 23.48
N SER F 44 40.32 -19.70 24.23
CA SER F 44 41.46 -20.53 24.55
C SER F 44 42.00 -21.16 23.27
N LYS F 45 43.20 -21.75 23.37
CA LYS F 45 43.77 -22.41 22.22
C LYS F 45 42.86 -23.52 21.71
N GLU F 46 42.30 -24.31 22.64
CA GLU F 46 41.33 -25.33 22.27
C GLU F 46 40.17 -24.74 21.50
N TRP F 47 39.69 -23.57 21.93
CA TRP F 47 38.55 -22.93 21.26
C TRP F 47 38.90 -22.53 19.83
N TRP F 48 40.08 -21.95 19.63
CA TRP F 48 40.47 -21.53 18.29
C TRP F 48 40.73 -22.72 17.37
N ASP F 49 41.17 -23.85 17.93
CA ASP F 49 41.34 -25.05 17.12
C ASP F 49 40.00 -25.55 16.59
N ASN F 50 38.97 -25.59 17.44
CA ASN F 50 37.65 -26.01 17.01
C ASN F 50 37.04 -25.02 16.02
N LEU F 51 37.43 -23.74 16.12
CA LEU F 51 37.05 -22.78 15.10
C LEU F 51 37.72 -23.10 13.78
N GLU F 52 39.00 -23.49 13.82
CA GLU F 52 39.73 -23.80 12.60
C GLU F 52 39.15 -25.05 11.92
N ASN F 53 38.98 -26.13 12.68
CA ASN F 53 38.50 -27.38 12.12
C ASN F 53 36.99 -27.36 11.84
N GLY F 54 36.30 -26.29 12.20
CA GLY F 54 34.91 -26.12 11.80
C GLY F 54 33.89 -26.86 12.61
N SER F 55 34.24 -27.28 13.84
CA SER F 55 33.23 -27.87 14.72
C SER F 55 32.38 -26.81 15.40
N ILE F 56 32.84 -25.56 15.40
CA ILE F 56 32.08 -24.44 15.94
C ILE F 56 31.30 -23.83 14.77
N PRO F 57 29.98 -23.67 14.87
CA PRO F 57 29.25 -23.04 13.76
C PRO F 57 29.75 -21.63 13.50
N GLN F 58 29.93 -21.30 12.22
CA GLN F 58 30.44 -20.00 11.82
C GLN F 58 29.66 -19.48 10.61
N LYS F 59 29.55 -18.16 10.53
CA LYS F 59 28.92 -17.48 9.41
C LYS F 59 29.71 -16.22 9.10
N GLU F 60 29.62 -15.76 7.86
CA GLU F 60 30.30 -14.56 7.41
C GLU F 60 29.37 -13.74 6.54
N ILE F 61 29.25 -12.45 6.82
CA ILE F 61 28.39 -11.56 6.05
C ILE F 61 29.22 -10.40 5.51
N SER F 62 28.94 -10.01 4.27
CA SER F 62 29.52 -8.85 3.64
C SER F 62 28.41 -7.96 3.13
N GLY F 63 28.61 -6.65 3.20
CA GLY F 63 27.58 -5.72 2.78
C GLY F 63 27.97 -4.27 2.99
N THR F 64 26.97 -3.40 3.17
CA THR F 64 27.19 -1.98 3.35
C THR F 64 26.48 -1.49 4.60
N ILE F 65 27.15 -0.62 5.34
CA ILE F 65 26.54 -0.01 6.52
C ILE F 65 25.41 0.90 6.09
N LYS F 66 24.22 0.68 6.66
CA LYS F 66 23.06 1.52 6.35
C LYS F 66 22.74 2.53 7.44
N LYS F 67 23.10 2.26 8.69
CA LYS F 67 22.83 3.20 9.78
C LYS F 67 23.92 3.06 10.82
N VAL F 68 24.36 4.20 11.35
CA VAL F 68 25.26 4.27 12.51
C VAL F 68 24.50 5.02 13.59
N TYR F 69 24.19 4.34 14.69
CA TYR F 69 23.30 4.91 15.69
C TYR F 69 23.68 4.38 17.07
N LEU F 70 22.81 4.67 18.03
CA LEU F 70 23.05 4.37 19.45
C LEU F 70 21.84 3.63 19.99
N THR F 71 22.09 2.50 20.64
CA THR F 71 21.07 1.79 21.41
C THR F 71 21.54 1.64 22.85
N GLY F 72 20.63 1.17 23.69
CA GLY F 72 20.90 1.02 25.11
C GLY F 72 20.58 2.28 25.88
N GLN F 73 20.62 2.15 27.21
CA GLN F 73 20.25 3.22 28.12
C GLN F 73 21.49 3.78 28.80
N ASP F 74 21.43 5.08 29.13
CA ASP F 74 22.45 5.75 29.93
C ASP F 74 23.80 5.79 29.23
N ASN F 75 23.79 5.97 27.91
CA ASN F 75 25.03 5.96 27.15
C ASN F 75 25.66 7.36 27.12
N THR F 76 26.99 7.38 27.27
CA THR F 76 27.80 8.60 27.19
C THR F 76 28.27 8.89 25.77
N GLU F 77 28.48 7.85 24.95
CA GLU F 77 29.08 8.04 23.64
C GLU F 77 28.05 8.48 22.60
N ASP F 78 28.55 8.78 21.40
CA ASP F 78 27.68 9.27 20.33
C ASP F 78 26.97 8.12 19.63
N PHE F 79 27.69 7.08 19.23
CA PHE F 79 27.06 5.95 18.56
C PHE F 79 27.63 4.63 19.06
N ASN F 80 26.81 3.58 18.91
CA ASN F 80 27.05 2.29 19.57
C ASN F 80 26.74 1.10 18.70
N THR F 81 25.90 1.22 17.66
CA THR F 81 25.49 0.08 16.85
C THR F 81 25.31 0.52 15.41
N ILE F 82 25.24 -0.46 14.52
CA ILE F 82 25.15 -0.21 13.08
C ILE F 82 24.13 -1.17 12.47
N ASP F 83 23.39 -0.67 11.48
CA ASP F 83 22.53 -1.50 10.65
C ASP F 83 23.27 -1.83 9.35
N ILE F 84 23.05 -3.04 8.84
CA ILE F 84 23.81 -3.57 7.71
C ILE F 84 22.85 -4.15 6.68
N GLU F 85 22.96 -3.68 5.44
CA GLU F 85 22.28 -4.30 4.31
C GLU F 85 23.23 -5.29 3.66
N THR F 86 22.95 -6.58 3.84
CA THR F 86 23.78 -7.61 3.24
C THR F 86 23.44 -7.76 1.75
N GLU F 87 24.28 -8.51 1.05
CA GLU F 87 24.08 -8.69 -0.39
C GLU F 87 22.78 -9.42 -0.70
N ASN F 88 22.31 -10.25 0.23
CA ASN F 88 21.05 -10.95 0.10
C ASN F 88 19.86 -10.08 0.50
N LYS F 89 20.05 -8.77 0.62
CA LYS F 89 19.00 -7.81 0.96
C LYS F 89 18.44 -8.01 2.36
N THR F 90 19.19 -8.67 3.23
CA THR F 90 18.78 -8.87 4.62
C THR F 90 19.46 -7.85 5.52
N LEU F 91 18.75 -7.45 6.57
CA LEU F 91 19.22 -6.42 7.50
C LEU F 91 19.79 -7.10 8.74
N CYS F 92 21.03 -6.77 9.07
CA CYS F 92 21.68 -7.25 10.28
C CYS F 92 22.17 -6.06 11.11
N THR F 93 22.05 -6.18 12.42
CA THR F 93 22.44 -5.12 13.35
C THR F 93 23.55 -5.63 14.26
N GLU F 94 24.55 -4.79 14.51
CA GLU F 94 25.68 -5.19 15.33
C GLU F 94 26.23 -3.97 16.07
N GLY F 95 26.81 -4.24 17.23
CA GLY F 95 27.52 -3.19 17.94
C GLY F 95 28.81 -2.81 17.23
N THR F 96 29.21 -1.55 17.40
CA THR F 96 30.41 -1.03 16.75
C THR F 96 31.63 -1.38 17.60
N TYR F 97 31.92 -2.67 17.66
CA TYR F 97 33.07 -3.15 18.41
C TYR F 97 34.35 -2.59 17.81
N THR F 98 35.28 -2.21 18.68
CA THR F 98 36.60 -1.79 18.26
C THR F 98 37.62 -2.30 19.26
N ASN F 99 38.85 -2.41 18.78
CA ASN F 99 39.98 -2.70 19.63
C ASN F 99 40.53 -1.41 20.27
N LYS F 100 41.56 -1.63 21.08
CA LYS F 100 42.15 -0.61 21.95
C LYS F 100 42.51 0.67 21.21
N ASN F 101 43.47 0.57 20.27
CA ASN F 101 43.96 1.74 19.55
C ASN F 101 43.41 1.83 18.13
N THR F 102 42.50 0.95 17.74
CA THR F 102 41.74 1.18 16.53
C THR F 102 40.60 2.13 16.82
N ASP F 103 40.24 2.93 15.82
CA ASP F 103 39.42 4.11 16.02
C ASP F 103 37.97 3.81 15.64
N ARG F 104 37.05 4.08 16.57
CA ARG F 104 35.65 3.75 16.37
C ARG F 104 34.98 4.61 15.31
N LYS F 105 35.50 5.82 15.07
CA LYS F 105 34.87 6.78 14.18
C LYS F 105 34.83 6.31 12.72
N HIS F 106 35.48 5.19 12.39
CA HIS F 106 35.57 4.77 11.00
C HIS F 106 34.32 4.05 10.51
N TYR F 107 33.40 3.69 11.39
CA TYR F 107 32.11 3.14 10.97
C TYR F 107 31.27 4.27 10.37
N GLU F 108 31.03 4.22 9.06
CA GLU F 108 30.22 5.23 8.40
C GLU F 108 29.26 4.54 7.43
N ALA F 109 28.10 5.16 7.25
CA ALA F 109 27.14 4.69 6.26
C ALA F 109 27.73 4.80 4.87
N GLY F 110 27.41 3.82 4.02
CA GLY F 110 27.94 3.75 2.68
C GLY F 110 29.24 2.97 2.57
N LYS F 111 29.94 2.74 3.67
CA LYS F 111 31.15 1.94 3.64
C LYS F 111 30.80 0.46 3.52
N LYS F 112 31.68 -0.29 2.85
CA LYS F 112 31.50 -1.73 2.71
C LYS F 112 32.06 -2.42 3.94
N ILE F 113 31.35 -3.44 4.42
CA ILE F 113 31.64 -4.05 5.71
C ILE F 113 31.67 -5.56 5.58
N THR F 114 32.54 -6.18 6.38
CA THR F 114 32.61 -7.63 6.50
C THR F 114 32.64 -7.99 7.99
N ILE F 115 31.81 -8.94 8.39
CA ILE F 115 31.76 -9.41 9.78
C ILE F 115 31.83 -10.93 9.77
N LYS F 116 32.76 -11.48 10.55
CA LYS F 116 32.91 -12.92 10.71
C LYS F 116 32.38 -13.33 12.08
N TYR F 117 31.67 -14.46 12.13
CA TYR F 117 30.93 -14.86 13.31
C TYR F 117 31.32 -16.23 13.80
N ALA F 118 31.14 -16.43 15.10
CA ALA F 118 31.20 -17.73 15.75
C ALA F 118 29.98 -17.87 16.66
N PHE F 119 29.59 -19.10 16.94
CA PHE F 119 28.36 -19.38 17.69
C PHE F 119 28.66 -20.41 18.76
N ASP F 120 28.64 -19.97 20.03
CA ASP F 120 29.06 -20.76 21.18
C ASP F 120 27.84 -21.24 21.95
N PRO F 121 27.71 -22.55 22.22
CA PRO F 121 26.52 -23.02 22.94
C PRO F 121 26.42 -22.44 24.34
N LEU F 122 25.21 -22.00 24.69
CA LEU F 122 24.91 -21.51 26.02
C LEU F 122 24.38 -22.62 26.91
N LYS F 123 24.70 -22.53 28.21
CA LYS F 123 24.16 -23.50 29.16
C LYS F 123 22.65 -23.53 29.12
N LYS F 124 22.02 -22.36 29.03
CA LYS F 124 20.56 -22.27 29.04
C LYS F 124 20.01 -22.65 27.67
N PRO F 125 19.22 -23.72 27.57
CA PRO F 125 18.64 -24.08 26.26
C PRO F 125 17.45 -23.20 25.91
N LYS F 126 17.01 -23.32 24.66
CA LYS F 126 15.84 -22.59 24.21
C LYS F 126 14.59 -23.17 24.87
N PRO F 127 13.52 -22.37 24.96
CA PRO F 127 12.28 -22.86 25.60
C PRO F 127 11.87 -24.26 25.15
N ASN F 128 11.96 -24.54 23.86
CA ASN F 128 11.55 -25.82 23.30
C ASN F 128 12.62 -26.90 23.41
N GLY F 129 13.72 -26.62 24.11
CA GLY F 129 14.78 -27.59 24.28
C GLY F 129 15.90 -27.49 23.27
N ASP F 130 15.81 -26.60 22.29
CA ASP F 130 16.86 -26.43 21.31
C ASP F 130 18.03 -25.66 21.90
N ILE F 131 19.16 -25.72 21.22
CA ILE F 131 20.39 -25.09 21.69
C ILE F 131 20.37 -23.61 21.32
N ASP F 132 20.77 -22.77 22.27
CA ASP F 132 20.92 -21.34 22.08
C ASP F 132 22.41 -21.00 22.02
N TYR F 133 22.77 -20.09 21.12
CA TYR F 133 24.16 -19.75 20.86
C TYR F 133 24.43 -18.29 21.17
N SER F 134 25.63 -18.03 21.71
CA SER F 134 26.12 -16.67 21.88
C SER F 134 26.83 -16.24 20.60
N LYS F 135 26.36 -15.17 19.99
CA LYS F 135 26.97 -14.65 18.76
C LYS F 135 28.32 -14.04 19.10
N ILE F 136 29.40 -14.66 18.64
CA ILE F 136 30.75 -14.23 18.95
C ILE F 136 31.35 -13.63 17.69
N VAL F 137 31.63 -12.32 17.75
CA VAL F 137 32.32 -11.65 16.65
C VAL F 137 33.78 -12.08 16.65
N VAL F 138 34.24 -12.61 15.52
CA VAL F 138 35.65 -12.96 15.38
C VAL F 138 36.45 -11.82 14.78
N GLU F 139 35.88 -11.14 13.78
CA GLU F 139 36.60 -10.07 13.10
C GLU F 139 35.62 -9.18 12.36
N ILE F 140 35.90 -7.88 12.34
CA ILE F 140 35.11 -6.90 11.61
C ILE F 140 36.05 -6.11 10.72
N LEU F 141 35.73 -6.06 9.42
CA LEU F 141 36.52 -5.29 8.45
C LEU F 141 35.63 -4.25 7.77
N ILE F 142 36.26 -3.17 7.33
CA ILE F 142 35.55 -2.01 6.77
C ILE F 142 36.36 -1.43 5.62
N SER F 143 35.65 -0.77 4.72
CA SER F 143 36.27 -0.13 3.57
C SER F 143 36.67 1.30 3.88
N GLU F 144 37.21 1.99 2.88
CA GLU F 144 37.61 3.38 3.00
C GLU F 144 36.74 4.28 2.14
N ASP G 13 10.80 3.23 5.84
CA ASP G 13 10.89 3.45 7.28
C ASP G 13 9.52 3.41 7.95
N PRO G 14 8.51 4.07 7.38
CA PRO G 14 7.17 4.03 7.98
C PRO G 14 6.61 2.61 7.99
N ALA G 15 6.11 2.19 9.16
CA ALA G 15 5.54 0.87 9.31
C ALA G 15 4.20 0.80 8.57
N GLY G 16 4.15 -0.03 7.53
CA GLY G 16 3.03 -0.04 6.61
C GLY G 16 1.71 -0.40 7.25
N PRO G 17 0.68 -0.58 6.41
CA PRO G 17 -0.64 -0.97 6.95
C PRO G 17 -0.62 -2.29 7.69
N ILE G 18 0.30 -3.19 7.33
CA ILE G 18 0.45 -4.49 7.97
C ILE G 18 1.94 -4.75 8.15
N VAL G 19 2.32 -5.29 9.31
CA VAL G 19 3.72 -5.51 9.61
C VAL G 19 3.96 -6.90 10.18
N GLU G 20 3.00 -7.41 10.95
CA GLU G 20 3.20 -8.63 11.73
C GLU G 20 2.19 -9.69 11.33
N LEU G 21 2.64 -10.94 11.32
CA LEU G 21 1.80 -12.07 10.93
C LEU G 21 1.86 -13.14 12.01
N ASP G 22 0.86 -14.02 11.98
CA ASP G 22 0.80 -15.17 12.86
C ASP G 22 1.88 -16.19 12.50
N ALA G 23 2.08 -17.16 13.38
CA ALA G 23 2.88 -18.33 13.01
C ALA G 23 2.22 -19.13 11.91
N GLN G 24 0.93 -18.90 11.64
CA GLN G 24 0.21 -19.50 10.54
C GLN G 24 0.00 -18.55 9.37
N GLY G 25 0.49 -17.31 9.48
CA GLY G 25 0.37 -16.34 8.41
C GLY G 25 -0.73 -15.31 8.59
N ASN G 26 -1.55 -15.43 9.63
CA ASN G 26 -2.62 -14.48 9.88
C ASN G 26 -2.06 -13.12 10.27
N GLU G 27 -2.81 -12.07 9.95
CA GLU G 27 -2.41 -10.70 10.21
C GLU G 27 -2.77 -10.30 11.63
N ILE G 28 -1.89 -9.53 12.26
CA ILE G 28 -2.00 -9.17 13.68
C ILE G 28 -2.15 -7.66 13.80
N TYR G 29 -3.14 -7.23 14.58
CA TYR G 29 -3.44 -5.82 14.78
C TYR G 29 -3.64 -5.55 16.27
N TYR G 30 -3.86 -4.29 16.61
CA TYR G 30 -3.95 -3.89 18.01
C TYR G 30 -4.92 -2.73 18.16
N ARG G 31 -5.60 -2.72 19.31
CA ARG G 31 -6.55 -1.68 19.66
C ARG G 31 -6.79 -1.75 21.16
N THR G 32 -6.89 -0.58 21.80
CA THR G 32 -7.19 -0.46 23.21
C THR G 32 -8.64 -0.01 23.36
N LEU G 33 -9.42 -0.74 24.15
CA LEU G 33 -10.88 -0.63 24.13
C LEU G 33 -11.42 -0.36 25.52
N SER G 34 -12.65 0.14 25.56
CA SER G 34 -13.37 0.29 26.83
C SER G 34 -13.85 -1.09 27.30
N GLU G 35 -14.32 -1.14 28.55
CA GLU G 35 -14.86 -2.40 29.07
C GLU G 35 -16.11 -2.80 28.31
N GLN G 36 -17.00 -1.83 28.04
CA GLN G 36 -18.19 -2.12 27.25
C GLN G 36 -17.82 -2.74 25.90
N HIS G 37 -16.78 -2.21 25.26
CA HIS G 37 -16.36 -2.75 23.98
C HIS G 37 -15.69 -4.11 24.13
N LEU G 38 -15.02 -4.35 25.25
CA LEU G 38 -14.46 -5.67 25.50
C LEU G 38 -15.56 -6.69 25.76
N GLU G 39 -16.61 -6.28 26.47
CA GLU G 39 -17.74 -7.17 26.70
C GLU G 39 -18.34 -7.65 25.39
N ILE G 40 -18.57 -6.72 24.45
CA ILE G 40 -19.08 -7.11 23.14
C ILE G 40 -18.08 -8.02 22.43
N LEU G 41 -16.78 -7.72 22.55
CA LEU G 41 -15.77 -8.50 21.87
C LEU G 41 -15.78 -9.95 22.35
N ARG G 42 -15.98 -10.15 23.65
CA ARG G 42 -16.03 -11.51 24.19
C ARG G 42 -17.27 -12.25 23.72
N ASN G 43 -18.43 -11.59 23.79
CA ASN G 43 -19.72 -12.24 23.59
C ASN G 43 -20.25 -12.12 22.17
N ASN G 44 -19.77 -11.13 21.40
CA ASN G 44 -20.19 -10.97 20.02
C ASN G 44 -19.07 -11.21 19.01
N PHE G 45 -17.82 -11.27 19.46
CA PHE G 45 -16.69 -11.51 18.56
C PHE G 45 -16.57 -10.39 17.52
N GLU G 46 -16.83 -9.16 17.95
CA GLU G 46 -16.82 -8.02 17.06
C GLU G 46 -16.11 -6.84 17.71
N VAL G 47 -15.49 -6.02 16.86
CA VAL G 47 -14.98 -4.71 17.28
C VAL G 47 -16.14 -3.72 17.20
N PRO G 48 -16.59 -3.16 18.32
CA PRO G 48 -17.72 -2.22 18.25
C PRO G 48 -17.27 -0.90 17.63
N PRO G 49 -18.17 -0.19 16.96
CA PRO G 49 -17.79 1.08 16.33
C PRO G 49 -17.66 2.20 17.35
N THR G 50 -16.74 3.12 17.07
CA THR G 50 -16.64 4.37 17.81
C THR G 50 -15.78 5.33 17.02
N SER G 51 -16.40 6.36 16.43
CA SER G 51 -15.71 7.36 15.62
C SER G 51 -14.98 6.70 14.45
N GLU G 52 -13.65 6.72 14.45
CA GLU G 52 -12.87 6.21 13.32
C GLU G 52 -12.64 4.72 13.38
N THR G 53 -12.75 4.12 14.57
CA THR G 53 -12.47 2.70 14.78
C THR G 53 -11.11 2.34 14.18
N PHE G 54 -10.07 2.97 14.74
CA PHE G 54 -8.71 2.76 14.27
C PHE G 54 -8.15 1.45 14.80
N ILE G 55 -7.49 0.70 13.92
CA ILE G 55 -6.65 -0.41 14.33
C ILE G 55 -5.22 -0.09 13.88
N SER G 56 -4.25 -0.57 14.65
CA SER G 56 -2.86 -0.28 14.39
C SER G 56 -2.07 -1.58 14.27
N PRO G 57 -1.10 -1.64 13.34
CA PRO G 57 -0.30 -2.86 13.20
C PRO G 57 0.73 -3.05 14.31
N LEU G 58 0.88 -2.08 15.22
CA LEU G 58 1.93 -2.12 16.23
C LEU G 58 1.30 -1.95 17.60
N GLN G 59 1.71 -2.79 18.55
CA GLN G 59 1.20 -2.68 19.92
C GLN G 59 1.65 -1.37 20.56
N SER G 60 2.87 -0.92 20.24
CA SER G 60 3.40 0.28 20.87
C SER G 60 2.49 1.48 20.68
N TYR G 61 1.75 1.54 19.58
CA TYR G 61 0.85 2.66 19.35
C TYR G 61 -0.37 2.58 20.26
N SER G 62 -1.16 1.51 20.12
CA SER G 62 -2.36 1.36 20.93
C SER G 62 -2.05 1.32 22.42
N GLN G 63 -0.82 0.91 22.77
CA GLN G 63 -0.41 0.84 24.16
C GLN G 63 -0.38 2.20 24.83
N GLU G 64 -0.24 3.29 24.06
CA GLU G 64 -0.25 4.63 24.63
C GLU G 64 -1.62 5.05 25.14
N TYR G 65 -2.66 4.25 24.89
CA TYR G 65 -4.02 4.57 25.31
C TYR G 65 -4.39 3.79 26.56
N ASP G 66 -5.25 4.39 27.38
CA ASP G 66 -5.71 3.76 28.61
C ASP G 66 -6.88 2.83 28.31
N GLY G 67 -6.87 1.66 28.93
CA GLY G 67 -7.94 0.70 28.79
C GLY G 67 -7.40 -0.71 28.62
N LYS G 68 -8.23 -1.56 28.03
CA LYS G 68 -7.90 -2.97 27.83
C LYS G 68 -7.23 -3.14 26.48
N LEU G 69 -5.97 -3.58 26.48
CA LEU G 69 -5.24 -3.79 25.24
C LEU G 69 -5.58 -5.16 24.67
N VAL G 70 -5.93 -5.19 23.39
CA VAL G 70 -6.35 -6.41 22.71
C VAL G 70 -5.46 -6.63 21.50
N ARG G 71 -4.98 -7.86 21.33
CA ARG G 71 -4.27 -8.28 20.12
C ARG G 71 -5.29 -8.98 19.23
N LEU G 72 -5.56 -8.39 18.07
CA LEU G 72 -6.58 -8.88 17.15
C LEU G 72 -5.92 -9.68 16.04
N THR G 73 -6.47 -10.87 15.76
CA THR G 73 -5.98 -11.75 14.72
C THR G 73 -6.97 -11.76 13.56
N ALA G 74 -6.47 -11.46 12.35
CA ALA G 74 -7.32 -11.32 11.18
C ALA G 74 -6.90 -12.30 10.09
N SER G 75 -7.83 -12.57 9.19
CA SER G 75 -7.60 -13.54 8.12
C SER G 75 -6.61 -12.97 7.10
N PRO G 76 -5.77 -13.82 6.50
CA PRO G 76 -4.83 -13.33 5.49
C PRO G 76 -5.56 -12.68 4.32
N GLY G 77 -5.07 -11.52 3.91
CA GLY G 77 -5.71 -10.75 2.86
C GLY G 77 -6.69 -9.72 3.33
N THR G 78 -6.84 -9.54 4.65
CA THR G 78 -7.78 -8.54 5.16
C THR G 78 -7.35 -7.14 4.76
N MET G 79 -6.10 -6.77 5.04
CA MET G 79 -5.62 -5.45 4.68
C MET G 79 -5.76 -5.20 3.18
N ASN G 80 -5.55 -6.25 2.37
CA ASN G 80 -5.76 -6.12 0.94
C ASN G 80 -7.19 -5.66 0.65
N GLU G 81 -8.18 -6.32 1.26
CA GLU G 81 -9.57 -5.93 1.04
C GLU G 81 -9.84 -4.54 1.57
N LEU G 82 -9.25 -4.19 2.73
CA LEU G 82 -9.47 -2.88 3.31
C LEU G 82 -8.89 -1.77 2.42
N SER G 83 -7.71 -2.01 1.85
CA SER G 83 -7.10 -1.00 0.99
C SER G 83 -7.92 -0.75 -0.27
N LYS G 84 -8.66 -1.76 -0.75
CA LYS G 84 -9.45 -1.59 -1.96
C LYS G 84 -10.49 -0.50 -1.79
N ILE G 85 -11.01 -0.32 -0.57
CA ILE G 85 -12.00 0.71 -0.30
C ILE G 85 -11.33 1.83 0.49
N GLY G 86 -10.01 1.97 0.35
CA GLY G 86 -9.26 2.82 1.22
C GLY G 86 -9.25 4.27 0.78
N VAL G 87 -9.17 5.16 1.77
CA VAL G 87 -8.93 6.59 1.55
C VAL G 87 -7.77 7.00 2.45
N THR G 88 -7.12 8.09 2.08
CA THR G 88 -5.93 8.59 2.78
C THR G 88 -6.30 9.84 3.55
N ALA G 89 -6.01 9.83 4.85
CA ALA G 89 -6.50 10.87 5.75
C ALA G 89 -5.85 12.21 5.46
N ASN G 90 -4.52 12.26 5.50
CA ASN G 90 -3.77 13.50 5.28
C ASN G 90 -2.72 13.23 4.20
N SER G 91 -1.66 14.04 4.19
CA SER G 91 -0.67 13.93 3.14
C SER G 91 0.26 12.74 3.36
N GLY G 92 0.78 12.59 4.58
CA GLY G 92 1.73 11.52 4.84
C GLY G 92 1.26 10.16 4.34
N THR G 93 -0.02 9.86 4.54
CA THR G 93 -0.56 8.60 4.04
C THR G 93 -0.79 8.67 2.53
N GLY G 94 -1.22 9.82 2.01
CA GLY G 94 -1.39 9.97 0.57
C GLY G 94 -0.10 9.85 -0.21
N LEU G 95 1.05 9.98 0.48
CA LEU G 95 2.35 9.85 -0.14
C LEU G 95 2.86 8.41 -0.08
N LEU G 96 2.66 7.74 1.06
CA LEU G 96 2.98 6.32 1.17
C LEU G 96 1.99 5.44 0.44
N LEU G 97 0.76 5.91 0.25
CA LEU G 97 -0.28 5.23 -0.50
C LEU G 97 -0.77 6.20 -1.57
N PRO G 98 0.05 6.50 -2.58
CA PRO G 98 -0.38 7.43 -3.62
C PRO G 98 -1.55 6.91 -4.43
N ASP G 99 -1.62 5.59 -4.64
CA ASP G 99 -2.71 4.97 -5.35
C ASP G 99 -4.00 4.96 -4.53
N LEU G 100 -4.37 6.09 -3.93
CA LEU G 100 -5.51 6.10 -3.02
C LEU G 100 -6.21 7.43 -3.00
N PRO G 101 -7.56 7.44 -3.03
CA PRO G 101 -8.28 8.71 -3.04
C PRO G 101 -8.21 9.39 -1.70
N PRO G 102 -8.29 10.71 -1.66
CA PRO G 102 -8.38 11.41 -0.37
C PRO G 102 -9.74 11.23 0.27
N ALA G 103 -9.77 11.33 1.60
CA ALA G 103 -10.97 11.05 2.39
C ALA G 103 -11.96 12.22 2.37
N ARG G 104 -13.26 11.91 2.22
CA ARG G 104 -14.31 12.89 2.47
C ARG G 104 -15.08 12.59 3.75
N LYS G 105 -16.18 13.29 3.90
CA LYS G 105 -17.19 13.03 4.91
C LYS G 105 -18.12 11.92 4.43
N GLY G 106 -18.33 10.93 5.29
CA GLY G 106 -19.07 9.74 4.92
C GLY G 106 -18.20 8.56 4.58
N TRP G 107 -16.89 8.66 4.83
CA TRP G 107 -15.99 7.55 4.58
C TRP G 107 -16.22 6.41 5.56
N LYS G 108 -16.67 6.73 6.77
CA LYS G 108 -16.90 5.69 7.78
C LYS G 108 -17.90 4.65 7.33
N GLN G 109 -18.74 4.96 6.35
CA GLN G 109 -19.79 4.05 5.93
C GLN G 109 -19.39 3.18 4.75
N ASN G 110 -18.46 3.65 3.89
CA ASN G 110 -18.05 2.90 2.72
C ASN G 110 -16.53 2.69 2.61
N ASN G 111 -15.72 3.37 3.41
CA ASN G 111 -14.30 3.46 3.15
C ASN G 111 -13.49 3.04 4.37
N ALA G 112 -12.23 2.70 4.10
CA ALA G 112 -11.22 2.48 5.13
C ALA G 112 -10.29 3.68 5.14
N LEU G 113 -10.04 4.24 6.32
CA LEU G 113 -9.22 5.44 6.46
C LEU G 113 -7.80 5.01 6.83
N PHE G 114 -6.86 5.24 5.92
CA PHE G 114 -5.45 5.01 6.17
C PHE G 114 -4.79 6.30 6.61
N LYS G 115 -4.11 6.26 7.74
CA LYS G 115 -3.57 7.47 8.35
C LYS G 115 -2.19 7.19 8.92
N LEU G 116 -1.21 7.99 8.51
CA LEU G 116 0.13 7.94 9.10
C LEU G 116 0.11 8.72 10.41
N GLU G 117 0.59 8.09 11.48
CA GLU G 117 0.54 8.70 12.80
C GLU G 117 1.82 8.43 13.56
N ALA G 118 2.01 9.20 14.63
CA ALA G 118 3.04 8.94 15.63
C ALA G 118 4.45 9.01 15.04
N LEU G 119 4.71 10.03 14.23
CA LEU G 119 6.07 10.33 13.82
C LEU G 119 6.85 10.88 15.01
N LYS G 120 8.11 10.46 15.13
CA LYS G 120 9.06 10.95 16.14
C LYS G 120 8.74 10.46 17.55
N LYS G 121 7.89 9.44 17.69
CA LYS G 121 7.65 8.86 19.00
C LYS G 121 8.43 7.56 19.11
N PRO G 122 9.45 7.48 19.98
CA PRO G 122 10.43 6.39 19.85
C PRO G 122 9.87 4.99 20.07
N THR G 123 8.85 4.82 20.92
CA THR G 123 8.37 3.48 21.20
C THR G 123 7.83 2.80 19.95
N ILE G 124 7.33 3.59 18.99
CA ILE G 124 6.62 3.08 17.83
C ILE G 124 7.55 3.23 16.61
N ASN G 125 8.10 2.11 16.15
CA ASN G 125 8.92 2.08 14.93
C ASN G 125 10.06 3.09 14.99
N GLU G 126 10.71 3.19 16.15
CA GLU G 126 11.87 4.07 16.32
C GLU G 126 11.57 5.49 15.82
N GLY G 127 10.35 5.96 16.08
CA GLY G 127 9.95 7.27 15.62
C GLY G 127 9.63 7.36 14.14
N GLY G 128 9.62 6.22 13.43
CA GLY G 128 9.44 6.25 11.99
C GLY G 128 8.01 6.45 11.53
N GLY G 129 7.03 6.18 12.38
CA GLY G 129 5.65 6.37 12.03
C GLY G 129 4.93 5.05 11.79
N VAL G 130 3.60 5.12 11.86
CA VAL G 130 2.74 3.95 11.69
C VAL G 130 1.52 4.38 10.89
N ILE G 131 1.12 3.53 9.94
CA ILE G 131 -0.08 3.76 9.15
C ILE G 131 -1.20 2.94 9.79
N ASN G 132 -2.06 3.61 10.55
CA ASN G 132 -3.20 2.96 11.17
C ASN G 132 -4.39 2.97 10.21
N THR G 133 -5.39 2.16 10.53
CA THR G 133 -6.56 1.97 9.66
C THR G 133 -7.83 2.27 10.43
N GLY G 134 -8.53 3.31 10.01
CA GLY G 134 -9.84 3.62 10.57
C GLY G 134 -10.92 2.85 9.84
N LEU G 135 -11.73 2.14 10.62
CA LEU G 135 -12.78 1.29 10.06
C LEU G 135 -14.16 1.95 10.05
N GLY G 136 -14.29 3.13 10.65
CA GLY G 136 -15.61 3.76 10.70
C GLY G 136 -16.59 2.88 11.45
N ASP G 137 -17.82 2.81 10.93
CA ASP G 137 -18.82 1.90 11.45
C ASP G 137 -19.58 1.17 10.35
N GLY G 138 -19.16 1.32 9.09
CA GLY G 138 -19.84 0.69 7.99
C GLY G 138 -19.09 -0.48 7.38
N LYS G 139 -18.89 -0.44 6.07
CA LYS G 139 -18.38 -1.61 5.35
C LYS G 139 -16.97 -1.97 5.80
N ALA G 140 -16.15 -0.98 6.17
CA ALA G 140 -14.79 -1.28 6.61
C ALA G 140 -14.80 -2.09 7.90
N LEU G 141 -15.70 -1.75 8.83
CA LEU G 141 -15.79 -2.51 10.07
C LEU G 141 -16.32 -3.92 9.82
N GLU G 142 -17.22 -4.08 8.84
CA GLU G 142 -17.77 -5.40 8.56
C GLU G 142 -16.72 -6.34 7.98
N ILE G 143 -15.89 -5.84 7.06
CA ILE G 143 -14.83 -6.67 6.50
C ILE G 143 -13.90 -7.15 7.61
N PHE G 144 -13.49 -6.23 8.49
CA PHE G 144 -12.60 -6.60 9.58
C PHE G 144 -13.25 -7.63 10.50
N ASN G 145 -14.52 -7.40 10.85
CA ASN G 145 -15.21 -8.32 11.75
C ASN G 145 -15.50 -9.65 11.08
N LYS G 146 -15.80 -9.64 9.78
CA LYS G 146 -16.00 -10.90 9.05
C LYS G 146 -14.73 -11.73 9.01
N ASN G 147 -13.57 -11.08 8.97
CA ASN G 147 -12.29 -11.76 8.88
C ASN G 147 -11.67 -12.07 10.24
N LEU G 148 -12.30 -11.68 11.34
CA LEU G 148 -11.71 -11.88 12.65
C LEU G 148 -11.60 -13.37 12.96
N ILE G 149 -10.44 -13.79 13.46
CA ILE G 149 -10.16 -15.20 13.71
C ILE G 149 -9.93 -15.43 15.20
N ASP G 150 -9.33 -14.46 15.88
CA ASP G 150 -8.99 -14.63 17.29
C ASP G 150 -8.73 -13.27 17.93
N PHE G 151 -8.88 -13.23 19.25
CA PHE G 151 -8.56 -12.04 20.03
C PHE G 151 -7.93 -12.48 21.34
N GLU G 152 -7.15 -11.57 21.93
CA GLU G 152 -6.36 -11.89 23.12
C GLU G 152 -6.13 -10.63 23.93
N VAL G 153 -6.57 -10.64 25.18
CA VAL G 153 -6.38 -9.51 26.09
C VAL G 153 -5.01 -9.61 26.73
N ILE G 154 -4.26 -8.51 26.72
CA ILE G 154 -2.91 -8.47 27.28
C ILE G 154 -3.05 -7.89 28.69
N ASP G 155 -3.14 -8.78 29.67
CA ASP G 155 -3.36 -8.40 31.06
C ASP G 155 -4.74 -7.75 31.23
N MET H 1 -29.79 3.45 48.10
CA MET H 1 -29.27 2.54 47.03
C MET H 1 -30.31 2.32 45.95
N LYS H 2 -30.03 2.84 44.76
CA LYS H 2 -30.90 2.68 43.60
C LYS H 2 -30.18 1.90 42.53
N THR H 3 -30.92 1.03 41.83
CA THR H 3 -30.36 0.28 40.72
C THR H 3 -30.15 1.21 39.53
N ILE H 4 -28.89 1.42 39.15
CA ILE H 4 -28.59 2.21 37.96
C ILE H 4 -28.37 1.34 36.73
N TYR H 5 -28.24 0.03 36.88
CA TYR H 5 -28.16 -0.85 35.72
C TYR H 5 -28.72 -2.22 36.07
N ASN H 6 -29.52 -2.76 35.16
CA ASN H 6 -30.11 -4.09 35.30
C ASN H 6 -29.96 -4.81 33.97
N PHE H 7 -29.43 -6.03 34.01
CA PHE H 7 -29.24 -6.78 32.78
C PHE H 7 -30.58 -7.14 32.12
N LYS H 8 -31.64 -7.27 32.92
CA LYS H 8 -32.92 -7.66 32.36
C LYS H 8 -33.44 -6.63 31.36
N GLN H 9 -33.32 -5.34 31.70
CA GLN H 9 -33.70 -4.31 30.74
C GLN H 9 -32.66 -4.19 29.62
N ARG H 10 -31.38 -4.44 29.93
CA ARG H 10 -30.36 -4.48 28.90
C ARG H 10 -30.75 -5.44 27.78
N ILE H 11 -31.42 -6.53 28.12
CA ILE H 11 -31.83 -7.51 27.12
C ILE H 11 -32.85 -6.88 26.17
N LYS H 12 -33.76 -6.06 26.70
CA LYS H 12 -34.84 -5.51 25.90
C LYS H 12 -34.44 -4.25 25.13
N GLU H 13 -33.40 -3.54 25.59
CA GLU H 13 -32.99 -2.30 24.97
C GLU H 13 -31.81 -2.46 24.00
N ASP H 14 -31.11 -3.59 24.04
CA ASP H 14 -29.94 -3.84 23.19
C ASP H 14 -30.12 -5.18 22.48
N PRO H 15 -31.11 -5.28 21.58
CA PRO H 15 -31.39 -6.57 20.95
C PRO H 15 -30.30 -7.03 19.99
N GLU H 16 -29.53 -6.11 19.41
CA GLU H 16 -28.46 -6.51 18.51
C GLU H 16 -27.37 -7.27 19.27
N TYR H 17 -27.00 -6.76 20.45
CA TYR H 17 -26.02 -7.43 21.28
C TYR H 17 -26.50 -8.81 21.70
N ILE H 18 -27.80 -8.94 22.00
CA ILE H 18 -28.34 -10.23 22.43
C ILE H 18 -28.37 -11.20 21.25
N ARG H 19 -28.96 -10.79 20.13
CA ARG H 19 -29.11 -11.70 18.99
C ARG H 19 -27.75 -12.17 18.48
N LYS H 20 -26.80 -11.25 18.34
CA LYS H 20 -25.48 -11.63 17.84
C LYS H 20 -24.78 -12.58 18.80
N ALA H 21 -25.03 -12.44 20.10
CA ALA H 21 -24.50 -13.39 21.06
C ALA H 21 -25.16 -14.75 20.89
N HIS H 22 -26.49 -14.77 20.79
CA HIS H 22 -27.21 -16.02 20.58
C HIS H 22 -26.82 -16.66 19.26
N GLU H 23 -26.72 -15.86 18.19
CA GLU H 23 -26.29 -16.39 16.91
C GLU H 23 -24.90 -17.00 17.02
N LEU H 24 -24.01 -16.35 17.78
CA LEU H 24 -22.67 -16.86 17.96
C LEU H 24 -22.69 -18.15 18.78
N THR H 25 -23.55 -18.23 19.80
CA THR H 25 -23.60 -19.43 20.61
C THR H 25 -24.08 -20.63 19.80
N LEU H 26 -25.11 -20.45 18.98
CA LEU H 26 -25.63 -21.53 18.16
C LEU H 26 -24.80 -21.79 16.92
N ASN H 27 -23.85 -20.91 16.58
CA ASN H 27 -23.07 -21.04 15.36
C ASN H 27 -22.11 -22.22 15.49
N THR H 28 -22.37 -23.28 14.72
CA THR H 28 -21.53 -24.46 14.72
C THR H 28 -20.16 -24.22 14.08
N THR H 29 -19.97 -23.10 13.40
CA THR H 29 -18.76 -22.85 12.63
C THR H 29 -17.68 -22.13 13.44
N LYS H 30 -17.99 -21.63 14.64
CA LYS H 30 -17.05 -20.87 15.46
C LYS H 30 -16.97 -21.51 16.85
N PRO H 31 -16.32 -22.67 16.96
CA PRO H 31 -16.31 -23.40 18.24
C PRO H 31 -15.32 -22.88 19.26
N LYS H 32 -14.59 -21.81 18.95
CA LYS H 32 -13.66 -21.19 19.88
C LYS H 32 -13.99 -19.73 20.12
N ALA H 33 -15.14 -19.26 19.64
CA ALA H 33 -15.53 -17.87 19.74
C ALA H 33 -16.82 -17.76 20.55
N GLY H 34 -16.91 -16.74 21.38
CA GLY H 34 -18.15 -16.41 22.05
C GLY H 34 -18.42 -17.25 23.28
N LEU H 35 -19.64 -17.12 23.78
CA LEU H 35 -20.07 -17.84 24.98
C LEU H 35 -20.51 -19.25 24.60
N LYS H 36 -20.24 -20.20 25.48
CA LYS H 36 -20.59 -21.59 25.22
C LYS H 36 -22.09 -21.81 25.29
N GLY H 37 -22.76 -21.14 26.24
CA GLY H 37 -24.15 -21.42 26.49
C GLY H 37 -24.38 -22.58 27.41
N THR H 38 -23.41 -22.87 28.29
CA THR H 38 -23.51 -24.05 29.15
C THR H 38 -24.75 -23.99 30.03
N TYR H 39 -25.10 -22.80 30.51
CA TYR H 39 -26.27 -22.61 31.36
C TYR H 39 -27.41 -21.91 30.62
N GLY H 40 -27.44 -22.05 29.30
CA GLY H 40 -28.47 -21.44 28.49
C GLY H 40 -28.00 -20.16 27.80
N LEU H 41 -28.75 -19.78 26.76
CA LEU H 41 -28.44 -18.56 26.03
C LEU H 41 -28.50 -17.35 26.96
N LEU H 42 -27.59 -16.41 26.74
CA LEU H 42 -27.47 -15.24 27.61
C LEU H 42 -28.80 -14.51 27.73
N GLY H 43 -29.29 -14.38 28.96
CA GLY H 43 -30.52 -13.68 29.23
C GLY H 43 -31.78 -14.48 29.01
N SER H 44 -31.67 -15.75 28.63
CA SER H 44 -32.84 -16.59 28.43
C SER H 44 -33.45 -16.97 29.78
N LYS H 45 -34.63 -17.58 29.74
CA LYS H 45 -35.25 -18.09 30.95
C LYS H 45 -34.37 -19.15 31.59
N GLU H 46 -33.88 -20.10 30.77
CA GLU H 46 -32.92 -21.07 31.26
C GLU H 46 -31.74 -20.39 31.93
N TRP H 47 -31.27 -19.29 31.33
CA TRP H 47 -30.14 -18.56 31.89
C TRP H 47 -30.48 -17.96 33.25
N TRP H 48 -31.64 -17.33 33.35
CA TRP H 48 -32.01 -16.68 34.62
C TRP H 48 -32.36 -17.71 35.69
N ASP H 49 -32.91 -18.86 35.29
CA ASP H 49 -33.17 -19.93 36.26
C ASP H 49 -31.88 -20.51 36.81
N ASN H 50 -30.88 -20.69 35.95
CA ASN H 50 -29.59 -21.19 36.42
C ASN H 50 -28.89 -20.16 37.29
N LEU H 51 -29.16 -18.88 37.07
CA LEU H 51 -28.71 -17.86 38.01
C LEU H 51 -29.44 -18.00 39.35
N GLU H 52 -30.74 -18.24 39.30
CA GLU H 52 -31.53 -18.34 40.53
C GLU H 52 -31.13 -19.57 41.34
N ASN H 53 -31.11 -20.74 40.71
CA ASN H 53 -30.73 -21.94 41.44
C ASN H 53 -29.23 -22.00 41.73
N GLY H 54 -28.47 -21.01 41.28
CA GLY H 54 -27.07 -20.90 41.66
C GLY H 54 -26.11 -21.79 40.90
N SER H 55 -26.48 -22.25 39.70
CA SER H 55 -25.59 -23.11 38.95
C SER H 55 -24.50 -22.34 38.23
N ILE H 56 -24.75 -21.07 37.91
CA ILE H 56 -23.75 -20.25 37.22
C ILE H 56 -22.96 -19.49 38.27
N PRO H 57 -21.62 -19.54 38.25
CA PRO H 57 -20.84 -18.84 39.28
C PRO H 57 -21.16 -17.34 39.29
N GLN H 58 -21.31 -16.80 40.50
CA GLN H 58 -21.63 -15.39 40.69
C GLN H 58 -20.81 -14.82 41.84
N LYS H 59 -20.58 -13.51 41.77
CA LYS H 59 -20.01 -12.77 42.89
C LYS H 59 -20.75 -11.44 43.02
N GLU H 60 -20.72 -10.88 44.21
CA GLU H 60 -21.31 -9.59 44.51
C GLU H 60 -20.29 -8.78 45.30
N ILE H 61 -20.02 -7.56 44.85
CA ILE H 61 -19.02 -6.69 45.48
C ILE H 61 -19.68 -5.38 45.85
N SER H 62 -19.26 -4.83 46.99
CA SER H 62 -19.67 -3.52 47.45
C SER H 62 -18.43 -2.67 47.68
N GLY H 63 -18.57 -1.36 47.44
CA GLY H 63 -17.46 -0.47 47.60
C GLY H 63 -17.77 0.97 47.24
N THR H 64 -16.75 1.73 46.86
CA THR H 64 -16.89 3.14 46.56
C THR H 64 -16.23 3.45 45.23
N ILE H 65 -16.87 4.30 44.44
CA ILE H 65 -16.30 4.75 43.18
C ILE H 65 -15.07 5.60 43.49
N LYS H 66 -13.92 5.22 42.95
CA LYS H 66 -12.67 5.91 43.23
C LYS H 66 -12.21 6.83 42.10
N LYS H 67 -12.53 6.51 40.85
CA LYS H 67 -12.14 7.36 39.73
C LYS H 67 -13.11 7.18 38.58
N VAL H 68 -13.53 8.30 38.00
CA VAL H 68 -14.41 8.31 36.82
C VAL H 68 -13.59 8.89 35.68
N TYR H 69 -13.27 8.07 34.69
CA TYR H 69 -12.37 8.45 33.62
C TYR H 69 -12.82 7.78 32.32
N LEU H 70 -11.95 7.85 31.30
CA LEU H 70 -12.28 7.38 29.96
C LEU H 70 -11.16 6.47 29.46
N THR H 71 -11.54 5.32 28.93
CA THR H 71 -10.61 4.37 28.32
C THR H 71 -11.07 4.06 26.90
N GLY H 72 -10.19 3.38 26.15
CA GLY H 72 -10.47 3.03 24.78
C GLY H 72 -9.99 4.09 23.81
N GLN H 73 -10.10 3.77 22.52
CA GLN H 73 -9.65 4.64 21.44
C GLN H 73 -10.83 5.27 20.72
N ASP H 74 -10.61 6.49 20.23
CA ASP H 74 -11.58 7.18 19.39
C ASP H 74 -12.92 7.37 20.07
N ASN H 75 -12.90 7.57 21.39
CA ASN H 75 -14.14 7.69 22.16
C ASN H 75 -14.62 9.13 22.18
N THR H 76 -15.94 9.30 22.09
CA THR H 76 -16.54 10.62 22.00
C THR H 76 -16.96 11.18 23.36
N GLU H 77 -17.49 10.34 24.25
CA GLU H 77 -18.04 10.85 25.50
C GLU H 77 -16.93 11.16 26.49
N ASP H 78 -17.33 11.72 27.63
CA ASP H 78 -16.35 12.18 28.61
C ASP H 78 -15.81 11.03 29.45
N PHE H 79 -16.67 10.14 29.94
CA PHE H 79 -16.18 9.01 30.73
C PHE H 79 -16.93 7.73 30.37
N ASN H 80 -16.22 6.62 30.53
CA ASN H 80 -16.69 5.28 30.19
C ASN H 80 -16.50 4.27 31.31
N THR H 81 -15.69 4.59 32.32
CA THR H 81 -15.20 3.57 33.24
C THR H 81 -15.08 4.15 34.64
N ILE H 82 -15.10 3.25 35.63
CA ILE H 82 -14.98 3.63 37.03
C ILE H 82 -14.06 2.64 37.73
N ASP H 83 -13.27 3.12 38.69
CA ASP H 83 -12.48 2.28 39.57
C ASP H 83 -13.17 2.23 40.94
N ILE H 84 -13.09 1.08 41.61
CA ILE H 84 -13.83 0.85 42.84
C ILE H 84 -12.91 0.19 43.87
N GLU H 85 -12.90 0.75 45.08
CA GLU H 85 -12.22 0.16 46.23
C GLU H 85 -13.27 -0.61 47.04
N THR H 86 -13.18 -1.93 47.03
CA THR H 86 -14.12 -2.75 47.78
C THR H 86 -13.72 -2.83 49.25
N GLU H 87 -14.62 -3.38 50.06
CA GLU H 87 -14.36 -3.51 51.49
C GLU H 87 -13.20 -4.45 51.77
N ASN H 88 -12.88 -5.35 50.84
CA ASN H 88 -11.74 -6.25 50.96
C ASN H 88 -10.43 -5.59 50.55
N LYS H 89 -10.40 -4.26 50.45
CA LYS H 89 -9.21 -3.48 50.09
C LYS H 89 -8.76 -3.73 48.66
N THR H 90 -9.64 -4.19 47.79
CA THR H 90 -9.29 -4.46 46.40
C THR H 90 -9.80 -3.36 45.49
N LEU H 91 -9.06 -3.11 44.42
CA LEU H 91 -9.42 -2.14 43.39
C LEU H 91 -10.09 -2.87 42.23
N CYS H 92 -11.29 -2.43 41.87
CA CYS H 92 -12.03 -2.99 40.75
C CYS H 92 -12.36 -1.91 39.74
N THR H 93 -12.25 -2.25 38.47
CA THR H 93 -12.59 -1.36 37.36
C THR H 93 -13.76 -1.95 36.59
N GLU H 94 -14.74 -1.11 36.26
CA GLU H 94 -15.91 -1.55 35.53
C GLU H 94 -16.42 -0.43 34.66
N GLY H 95 -17.07 -0.81 33.56
CA GLY H 95 -17.69 0.18 32.70
C GLY H 95 -18.88 0.83 33.37
N THR H 96 -19.13 2.09 32.97
CA THR H 96 -20.26 2.85 33.52
C THR H 96 -21.51 2.50 32.73
N TYR H 97 -21.96 1.26 32.92
CA TYR H 97 -23.13 0.77 32.20
C TYR H 97 -24.38 1.50 32.66
N THR H 98 -25.23 1.84 31.69
CA THR H 98 -26.50 2.50 31.96
C THR H 98 -27.57 1.89 31.09
N ASN H 99 -28.81 1.99 31.55
CA ASN H 99 -29.94 1.64 30.71
C ASN H 99 -30.35 2.85 29.87
N LYS H 100 -31.28 2.62 28.93
CA LYS H 100 -31.64 3.66 27.99
C LYS H 100 -32.11 4.93 28.71
N ASN H 101 -32.97 4.77 29.72
CA ASN H 101 -33.55 5.89 30.43
C ASN H 101 -32.95 6.09 31.82
N THR H 102 -31.91 5.35 32.17
CA THR H 102 -31.15 5.63 33.38
C THR H 102 -30.06 6.66 33.06
N ASP H 103 -29.66 7.42 34.08
CA ASP H 103 -28.84 8.61 33.89
C ASP H 103 -27.40 8.31 34.26
N ARG H 104 -26.48 8.56 33.31
CA ARG H 104 -25.07 8.25 33.48
C ARG H 104 -24.34 9.25 34.36
N LYS H 105 -24.84 10.49 34.46
CA LYS H 105 -24.14 11.50 35.24
C LYS H 105 -24.09 11.18 36.73
N HIS H 106 -24.84 10.18 37.19
CA HIS H 106 -24.80 9.79 38.59
C HIS H 106 -23.54 9.06 38.97
N TYR H 107 -22.73 8.66 37.99
CA TYR H 107 -21.41 8.08 38.26
C TYR H 107 -20.47 9.20 38.68
N GLU H 108 -20.16 9.25 39.98
CA GLU H 108 -19.21 10.22 40.51
C GLU H 108 -18.38 9.54 41.59
N ALA H 109 -17.16 10.03 41.77
CA ALA H 109 -16.27 9.45 42.78
C ALA H 109 -16.88 9.64 44.17
N GLY H 110 -16.66 8.64 45.03
CA GLY H 110 -17.12 8.68 46.39
C GLY H 110 -18.49 8.06 46.61
N LYS H 111 -19.29 7.88 45.56
CA LYS H 111 -20.62 7.31 45.72
C LYS H 111 -20.52 5.82 46.04
N LYS H 112 -21.55 5.32 46.73
CA LYS H 112 -21.59 3.91 47.09
C LYS H 112 -22.06 3.09 45.91
N ILE H 113 -21.41 1.94 45.70
CA ILE H 113 -21.60 1.12 44.52
C ILE H 113 -21.67 -0.33 44.94
N THR H 114 -22.59 -1.08 44.33
CA THR H 114 -22.66 -2.52 44.47
C THR H 114 -22.77 -3.11 43.08
N ILE H 115 -21.98 -4.15 42.80
CA ILE H 115 -21.99 -4.81 41.49
C ILE H 115 -22.29 -6.28 41.73
N LYS H 116 -23.34 -6.78 41.08
CA LYS H 116 -23.67 -8.19 41.06
C LYS H 116 -23.16 -8.78 39.74
N TYR H 117 -22.44 -9.89 39.83
CA TYR H 117 -21.76 -10.45 38.68
C TYR H 117 -22.24 -11.88 38.39
N ALA H 118 -22.19 -12.22 37.11
CA ALA H 118 -22.35 -13.60 36.65
C ALA H 118 -21.17 -13.89 35.73
N PHE H 119 -20.79 -15.16 35.67
CA PHE H 119 -19.62 -15.58 34.90
C PHE H 119 -20.06 -16.67 33.94
N ASP H 120 -20.17 -16.31 32.66
CA ASP H 120 -20.70 -17.19 31.63
C ASP H 120 -19.55 -17.81 30.86
N PRO H 121 -19.45 -19.14 30.80
CA PRO H 121 -18.29 -19.75 30.13
C PRO H 121 -18.21 -19.36 28.67
N LEU H 122 -16.99 -19.02 28.23
CA LEU H 122 -16.70 -18.79 26.82
C LEU H 122 -16.24 -20.09 26.17
N LYS H 123 -16.54 -20.22 24.88
CA LYS H 123 -16.15 -21.42 24.15
C LYS H 123 -14.64 -21.66 24.25
N LYS H 124 -13.85 -20.60 24.17
CA LYS H 124 -12.40 -20.73 24.14
C LYS H 124 -11.87 -20.99 25.55
N PRO H 125 -11.16 -22.10 25.78
CA PRO H 125 -10.60 -22.36 27.11
C PRO H 125 -9.33 -21.56 27.33
N LYS H 126 -8.87 -21.57 28.58
CA LYS H 126 -7.61 -20.94 28.92
C LYS H 126 -6.45 -21.72 28.31
N PRO H 127 -5.32 -21.06 28.04
CA PRO H 127 -4.17 -21.74 27.42
C PRO H 127 -3.88 -23.11 28.01
N ASN H 128 -3.95 -23.21 29.34
CA ASN H 128 -3.66 -24.45 30.05
C ASN H 128 -4.83 -25.41 30.08
N GLY H 129 -5.92 -25.10 29.37
CA GLY H 129 -7.08 -25.97 29.33
C GLY H 129 -8.17 -25.62 30.32
N ASP H 130 -7.96 -24.61 31.17
CA ASP H 130 -8.97 -24.23 32.13
C ASP H 130 -10.13 -23.51 31.45
N ILE H 131 -11.26 -23.45 32.16
CA ILE H 131 -12.45 -22.82 31.62
C ILE H 131 -12.33 -21.31 31.75
N ASP H 132 -12.65 -20.60 30.68
CA ASP H 132 -12.60 -19.15 30.63
C ASP H 132 -14.01 -18.58 30.70
N TYR H 133 -14.17 -17.49 31.44
CA TYR H 133 -15.49 -16.93 31.73
C TYR H 133 -15.58 -15.49 31.22
N SER H 134 -16.76 -15.15 30.69
CA SER H 134 -17.07 -13.77 30.36
C SER H 134 -17.73 -13.12 31.58
N LYS H 135 -17.16 -12.02 32.04
CA LYS H 135 -17.70 -11.28 33.17
C LYS H 135 -18.99 -10.59 32.75
N ILE H 136 -20.11 -11.01 33.32
CA ILE H 136 -21.42 -10.50 32.97
C ILE H 136 -21.91 -9.63 34.12
N VAL H 137 -22.01 -8.32 33.87
CA VAL H 137 -22.60 -7.42 34.85
C VAL H 137 -24.10 -7.71 34.92
N VAL H 138 -24.55 -8.14 36.11
CA VAL H 138 -25.96 -8.44 36.30
C VAL H 138 -26.73 -7.20 36.77
N GLU H 139 -26.19 -6.48 37.74
CA GLU H 139 -26.86 -5.30 38.26
C GLU H 139 -25.86 -4.38 38.93
N ILE H 140 -26.08 -3.08 38.79
CA ILE H 140 -25.26 -2.06 39.45
C ILE H 140 -26.20 -1.16 40.24
N LEU H 141 -25.95 -1.03 41.53
CA LEU H 141 -26.68 -0.11 42.39
C LEU H 141 -25.76 1.02 42.82
N ILE H 142 -26.36 2.19 43.09
CA ILE H 142 -25.61 3.39 43.40
C ILE H 142 -26.36 4.18 44.45
N SER H 143 -25.60 4.89 45.29
CA SER H 143 -26.18 5.84 46.22
C SER H 143 -26.28 7.20 45.54
N GLU H 144 -26.85 8.17 46.24
CA GLU H 144 -27.01 9.51 45.70
C GLU H 144 -26.10 10.50 46.43
N ASP I 13 -26.34 -11.37 -38.15
CA ASP I 13 -26.22 -12.77 -37.76
C ASP I 13 -24.77 -13.20 -37.52
N PRO I 14 -23.84 -12.86 -38.42
CA PRO I 14 -22.45 -13.25 -38.20
C PRO I 14 -21.85 -12.49 -37.02
N ALA I 15 -21.18 -13.24 -36.14
CA ALA I 15 -20.61 -12.64 -34.93
C ALA I 15 -19.43 -11.76 -35.30
N GLY I 16 -19.50 -10.49 -34.91
CA GLY I 16 -18.58 -9.48 -35.38
C GLY I 16 -17.12 -9.74 -35.03
N PRO I 17 -16.27 -8.75 -35.30
CA PRO I 17 -14.83 -8.96 -35.07
C PRO I 17 -14.45 -9.09 -33.61
N ILE I 18 -15.25 -8.54 -32.71
CA ILE I 18 -15.02 -8.64 -31.27
C ILE I 18 -16.36 -8.82 -30.59
N VAL I 19 -16.44 -9.77 -29.65
CA VAL I 19 -17.72 -10.14 -29.04
C VAL I 19 -17.60 -10.24 -27.53
N GLU I 20 -16.42 -10.61 -27.03
CA GLU I 20 -16.24 -10.94 -25.62
C GLU I 20 -15.25 -9.97 -24.98
N LEU I 21 -15.53 -9.60 -23.73
CA LEU I 21 -14.71 -8.65 -22.99
C LEU I 21 -14.33 -9.21 -21.63
N ASP I 22 -13.30 -8.60 -21.05
CA ASP I 22 -12.85 -8.93 -19.71
C ASP I 22 -13.86 -8.44 -18.67
N ALA I 23 -13.72 -8.96 -17.45
CA ALA I 23 -14.42 -8.38 -16.31
C ALA I 23 -13.91 -6.98 -16.00
N GLN I 24 -12.73 -6.62 -16.51
CA GLN I 24 -12.17 -5.29 -16.35
C GLN I 24 -12.18 -4.48 -17.65
N GLY I 25 -12.74 -5.03 -18.73
CA GLY I 25 -12.91 -4.31 -19.97
C GLY I 25 -11.95 -4.67 -21.08
N ASN I 26 -10.95 -5.51 -20.81
CA ASN I 26 -10.00 -5.89 -21.85
C ASN I 26 -10.68 -6.80 -22.87
N GLU I 27 -10.16 -6.76 -24.10
CA GLU I 27 -10.73 -7.49 -25.21
C GLU I 27 -10.12 -8.88 -25.29
N ILE I 28 -10.94 -9.86 -25.69
CA ILE I 28 -10.59 -11.28 -25.62
C ILE I 28 -10.60 -11.87 -27.03
N TYR I 29 -9.55 -12.61 -27.36
CA TYR I 29 -9.41 -13.27 -28.65
C TYR I 29 -8.87 -14.67 -28.42
N TYR I 30 -8.81 -15.46 -29.48
CA TYR I 30 -8.41 -16.86 -29.40
C TYR I 30 -7.55 -17.25 -30.58
N ARG I 31 -6.66 -18.21 -30.35
CA ARG I 31 -5.82 -18.76 -31.41
C ARG I 31 -5.32 -20.14 -30.98
N THR I 32 -5.26 -21.06 -31.94
CA THR I 32 -4.66 -22.36 -31.74
C THR I 32 -3.25 -22.34 -32.35
N LEU I 33 -2.26 -22.75 -31.57
CA LEU I 33 -0.87 -22.54 -31.94
C LEU I 33 -0.08 -23.85 -31.90
N SER I 34 1.03 -23.83 -32.64
CA SER I 34 1.98 -24.93 -32.59
C SER I 34 2.76 -24.89 -31.27
N GLU I 35 3.57 -25.93 -31.06
CA GLU I 35 4.47 -25.92 -29.92
C GLU I 35 5.53 -24.85 -30.06
N GLN I 36 6.10 -24.70 -31.26
CA GLN I 36 7.09 -23.66 -31.50
C GLN I 36 6.51 -22.28 -31.20
N HIS I 37 5.28 -22.02 -31.66
CA HIS I 37 4.66 -20.72 -31.41
C HIS I 37 4.32 -20.55 -29.93
N LEU I 38 3.93 -21.64 -29.26
CA LEU I 38 3.61 -21.55 -27.84
C LEU I 38 4.85 -21.25 -27.01
N GLU I 39 6.03 -21.73 -27.43
CA GLU I 39 7.26 -21.42 -26.73
C GLU I 39 7.54 -19.92 -26.78
N ILE I 40 7.39 -19.32 -27.95
CA ILE I 40 7.68 -17.89 -28.10
C ILE I 40 6.70 -17.06 -27.28
N LEU I 41 5.42 -17.48 -27.24
CA LEU I 41 4.43 -16.70 -26.51
C LEU I 41 4.72 -16.69 -25.01
N ARG I 42 5.19 -17.82 -24.47
CA ARG I 42 5.47 -17.88 -23.04
C ARG I 42 6.76 -17.14 -22.69
N ASN I 43 7.79 -17.27 -23.53
CA ASN I 43 9.12 -16.77 -23.19
C ASN I 43 9.41 -15.39 -23.76
N ASN I 44 8.72 -14.99 -24.83
CA ASN I 44 8.87 -13.65 -25.40
C ASN I 44 7.61 -12.81 -25.29
N PHE I 45 6.47 -13.39 -24.92
CA PHE I 45 5.22 -12.65 -24.75
C PHE I 45 4.80 -11.98 -26.07
N GLU I 46 4.95 -12.71 -27.17
CA GLU I 46 4.60 -12.20 -28.49
C GLU I 46 3.92 -13.32 -29.28
N VAL I 47 2.93 -12.94 -30.08
CA VAL I 47 2.30 -13.89 -31.01
C VAL I 47 3.17 -13.95 -32.25
N PRO I 48 3.81 -15.08 -32.56
CA PRO I 48 4.69 -15.13 -33.73
C PRO I 48 3.89 -15.12 -35.02
N PRO I 49 4.41 -14.50 -36.08
CA PRO I 49 3.67 -14.46 -37.35
C PRO I 49 3.73 -15.76 -38.12
N THR I 50 2.66 -16.00 -38.88
CA THR I 50 2.63 -17.08 -39.87
C THR I 50 1.51 -16.78 -40.84
N SER I 51 1.87 -16.42 -42.07
CA SER I 51 0.90 -16.06 -43.09
C SER I 51 -0.04 -14.97 -42.59
N GLU I 52 -1.32 -15.28 -42.41
CA GLU I 52 -2.31 -14.28 -42.05
C GLU I 52 -2.39 -14.01 -40.56
N THR I 53 -1.88 -14.91 -39.72
CA THR I 53 -1.88 -14.75 -38.27
C THR I 53 -3.25 -14.29 -37.77
N PHE I 54 -4.22 -15.17 -37.96
CA PHE I 54 -5.61 -14.88 -37.61
C PHE I 54 -5.81 -14.94 -36.10
N ILE I 55 -6.58 -13.98 -35.59
CA ILE I 55 -7.14 -14.05 -34.24
C ILE I 55 -8.65 -14.14 -34.39
N SER I 56 -9.28 -14.81 -33.43
CA SER I 56 -10.71 -15.06 -33.53
C SER I 56 -11.44 -14.51 -32.31
N PRO I 57 -12.63 -13.91 -32.49
CA PRO I 57 -13.42 -13.47 -31.34
C PRO I 57 -14.17 -14.59 -30.65
N LEU I 58 -14.16 -15.80 -31.20
CA LEU I 58 -14.93 -16.92 -30.67
C LEU I 58 -14.01 -18.10 -30.41
N GLN I 59 -14.19 -18.73 -29.23
CA GLN I 59 -13.46 -19.94 -28.93
C GLN I 59 -13.91 -21.10 -29.82
N SER I 60 -15.20 -21.12 -30.18
CA SER I 60 -15.72 -22.22 -30.98
C SER I 60 -15.01 -22.34 -32.32
N TYR I 61 -14.45 -21.25 -32.85
CA TYR I 61 -13.76 -21.34 -34.13
C TYR I 61 -12.38 -21.96 -33.96
N SER I 62 -11.51 -21.32 -33.19
CA SER I 62 -10.15 -21.83 -33.03
C SER I 62 -10.12 -23.21 -32.39
N GLN I 63 -11.17 -23.56 -31.63
CA GLN I 63 -11.24 -24.89 -31.04
C GLN I 63 -11.22 -25.98 -32.11
N GLU I 64 -11.65 -25.66 -33.33
CA GLU I 64 -11.66 -26.65 -34.40
C GLU I 64 -10.25 -27.05 -34.84
N TYR I 65 -9.22 -26.35 -34.37
CA TYR I 65 -7.85 -26.60 -34.82
C TYR I 65 -7.08 -27.44 -33.82
N ASP I 66 -6.17 -28.24 -34.33
CA ASP I 66 -5.29 -29.06 -33.51
C ASP I 66 -4.06 -28.25 -33.10
N GLY I 67 -3.63 -28.44 -31.86
CA GLY I 67 -2.51 -27.73 -31.29
C GLY I 67 -2.86 -27.22 -29.92
N LYS I 68 -2.13 -26.19 -29.48
CA LYS I 68 -2.36 -25.60 -28.16
C LYS I 68 -3.32 -24.43 -28.31
N LEU I 69 -4.49 -24.55 -27.71
CA LEU I 69 -5.52 -23.52 -27.79
C LEU I 69 -5.23 -22.43 -26.77
N VAL I 70 -5.24 -21.18 -27.22
CA VAL I 70 -4.84 -20.04 -26.40
C VAL I 70 -5.96 -19.01 -26.41
N ARG I 71 -6.30 -18.49 -25.24
CA ARG I 71 -7.20 -17.35 -25.09
C ARG I 71 -6.34 -16.10 -24.94
N LEU I 72 -6.47 -15.17 -25.89
CA LEU I 72 -5.64 -13.98 -25.94
C LEU I 72 -6.40 -12.79 -25.35
N THR I 73 -5.75 -12.05 -24.46
CA THR I 73 -6.30 -10.87 -23.82
C THR I 73 -5.54 -9.64 -24.33
N ALA I 74 -6.25 -8.70 -24.93
CA ALA I 74 -5.66 -7.49 -25.47
C ALA I 74 -6.29 -6.26 -24.82
N SER I 75 -5.54 -5.16 -24.85
CA SER I 75 -5.97 -3.96 -24.16
C SER I 75 -7.18 -3.33 -24.86
N PRO I 76 -8.09 -2.72 -24.10
CA PRO I 76 -9.30 -2.16 -24.72
C PRO I 76 -8.96 -1.15 -25.81
N GLY I 77 -9.66 -1.26 -26.94
CA GLY I 77 -9.41 -0.43 -28.09
C GLY I 77 -8.52 -1.08 -29.14
N THR I 78 -8.09 -2.31 -28.93
CA THR I 78 -7.25 -2.98 -29.92
C THR I 78 -7.97 -3.11 -31.24
N MET I 79 -9.19 -3.64 -31.22
CA MET I 79 -9.94 -3.79 -32.47
C MET I 79 -10.17 -2.44 -33.13
N ASN I 80 -10.42 -1.40 -32.34
CA ASN I 80 -10.53 -0.06 -32.90
C ASN I 80 -9.26 0.30 -33.65
N GLU I 81 -8.10 0.04 -33.03
CA GLU I 81 -6.83 0.30 -33.72
C GLU I 81 -6.67 -0.58 -34.94
N LEU I 82 -7.07 -1.85 -34.84
CA LEU I 82 -6.95 -2.75 -35.98
C LEU I 82 -7.80 -2.29 -37.16
N SER I 83 -9.03 -1.85 -36.88
CA SER I 83 -9.95 -1.49 -37.95
C SER I 83 -9.42 -0.32 -38.77
N LYS I 84 -8.71 0.61 -38.14
CA LYS I 84 -8.20 1.77 -38.86
C LYS I 84 -7.21 1.39 -39.96
N ILE I 85 -6.61 0.20 -39.87
CA ILE I 85 -5.68 -0.28 -40.89
C ILE I 85 -6.25 -1.51 -41.60
N GLY I 86 -7.58 -1.65 -41.64
CA GLY I 86 -8.18 -2.90 -42.10
C GLY I 86 -8.48 -2.94 -43.59
N VAL I 87 -8.55 -4.18 -44.11
CA VAL I 87 -8.94 -4.49 -45.48
C VAL I 87 -9.95 -5.63 -45.44
N THR I 88 -10.42 -6.08 -46.63
CA THR I 88 -11.48 -7.08 -46.69
C THR I 88 -11.12 -8.22 -47.64
N ALA I 89 -11.32 -9.46 -47.17
CA ALA I 89 -11.12 -10.68 -47.96
C ALA I 89 -12.47 -11.32 -48.22
N ASN I 90 -12.95 -11.22 -49.45
CA ASN I 90 -14.29 -11.67 -49.83
C ASN I 90 -15.33 -10.94 -48.99
N LEU I 95 -19.53 -7.24 -46.16
CA LEU I 95 -20.93 -6.88 -46.00
C LEU I 95 -21.21 -6.41 -44.58
N LEU I 96 -20.54 -7.02 -43.61
CA LEU I 96 -20.64 -6.56 -42.24
C LEU I 96 -19.76 -5.35 -41.96
N LEU I 97 -18.74 -5.15 -42.78
CA LEU I 97 -17.88 -3.96 -42.72
C LEU I 97 -17.87 -3.35 -44.11
N PRO I 98 -18.97 -2.71 -44.51
CA PRO I 98 -19.07 -2.22 -45.89
C PRO I 98 -18.09 -1.10 -46.19
N ASP I 99 -17.74 -0.29 -45.20
CA ASP I 99 -16.82 0.82 -45.39
C ASP I 99 -15.37 0.36 -45.16
N LEU I 100 -14.93 -0.58 -46.02
CA LEU I 100 -13.65 -1.25 -45.84
C LEU I 100 -12.93 -1.37 -47.18
N PRO I 101 -11.68 -0.94 -47.28
CA PRO I 101 -10.94 -1.13 -48.54
C PRO I 101 -10.78 -2.60 -48.86
N PRO I 102 -10.60 -2.96 -50.13
CA PRO I 102 -10.28 -4.34 -50.48
C PRO I 102 -8.83 -4.67 -50.15
N ALA I 103 -8.59 -5.97 -49.97
CA ALA I 103 -7.25 -6.41 -49.64
C ALA I 103 -6.35 -6.31 -50.86
N ARG I 104 -5.08 -6.00 -50.61
CA ARG I 104 -4.06 -5.87 -51.63
C ARG I 104 -3.20 -7.13 -51.63
N LYS I 105 -2.24 -7.21 -52.53
CA LYS I 105 -1.10 -8.08 -52.35
C LYS I 105 -0.07 -7.27 -51.56
N GLY I 106 0.34 -7.81 -50.42
CA GLY I 106 1.18 -7.09 -49.49
C GLY I 106 0.43 -6.43 -48.37
N TRP I 107 -0.68 -7.01 -47.92
CA TRP I 107 -1.42 -6.49 -46.77
C TRP I 107 -0.79 -6.95 -45.47
N LYS I 108 -0.06 -8.07 -45.49
CA LYS I 108 0.48 -8.65 -44.27
C LYS I 108 1.52 -7.74 -43.61
N GLN I 109 2.11 -6.80 -44.34
CA GLN I 109 3.07 -5.89 -43.77
C GLN I 109 2.45 -4.60 -43.25
N ASN I 110 1.26 -4.23 -43.74
CA ASN I 110 0.65 -2.96 -43.39
C ASN I 110 -0.79 -3.03 -42.91
N ASN I 111 -1.48 -4.16 -43.08
CA ASN I 111 -2.93 -4.21 -42.90
C ASN I 111 -3.34 -5.32 -41.94
N ALA I 112 -4.56 -5.17 -41.44
CA ALA I 112 -5.27 -6.22 -40.71
C ALA I 112 -6.40 -6.73 -41.58
N LEU I 113 -6.49 -8.05 -41.73
CA LEU I 113 -7.43 -8.67 -42.66
C LEU I 113 -8.66 -9.15 -41.91
N PHE I 114 -9.82 -8.62 -42.26
CA PHE I 114 -11.10 -9.06 -41.73
C PHE I 114 -11.78 -9.96 -42.76
N LYS I 115 -12.19 -11.15 -42.33
CA LYS I 115 -12.74 -12.15 -43.24
C LYS I 115 -13.87 -12.91 -42.57
N LEU I 116 -14.96 -13.10 -43.31
CA LEU I 116 -16.08 -13.92 -42.85
C LEU I 116 -15.77 -15.39 -43.07
N GLU I 117 -15.93 -16.20 -42.02
CA GLU I 117 -15.62 -17.62 -42.11
C GLU I 117 -16.60 -18.44 -41.29
N ALA I 118 -16.63 -19.75 -41.59
CA ALA I 118 -17.29 -20.76 -40.78
C ALA I 118 -18.81 -20.58 -40.78
N LEU I 119 -19.39 -20.31 -41.95
CA LEU I 119 -20.83 -20.24 -42.07
C LEU I 119 -21.43 -21.63 -42.04
N LYS I 120 -22.61 -21.74 -41.44
CA LYS I 120 -23.42 -22.96 -41.39
C LYS I 120 -22.77 -24.07 -40.58
N LYS I 121 -21.76 -23.76 -39.77
CA LYS I 121 -21.18 -24.74 -38.86
C LYS I 121 -21.86 -24.58 -37.51
N PRO I 122 -22.64 -25.55 -37.04
CA PRO I 122 -23.52 -25.29 -35.87
C PRO I 122 -22.77 -24.93 -34.61
N THR I 123 -21.55 -25.44 -34.41
CA THR I 123 -20.83 -25.13 -33.19
C THR I 123 -20.48 -23.65 -33.10
N ILE I 124 -20.32 -22.99 -34.24
CA ILE I 124 -19.83 -21.61 -34.30
C ILE I 124 -20.99 -20.69 -34.64
N ASN I 125 -21.44 -19.92 -33.65
CA ASN I 125 -22.45 -18.89 -33.86
C ASN I 125 -23.69 -19.45 -34.54
N GLU I 126 -24.06 -20.68 -34.16
CA GLU I 126 -25.25 -21.33 -34.71
C GLU I 126 -25.25 -21.28 -36.23
N GLY I 127 -24.07 -21.51 -36.82
CA GLY I 127 -23.91 -21.44 -38.25
C GLY I 127 -23.90 -20.06 -38.84
N GLY I 128 -23.95 -19.00 -38.01
CA GLY I 128 -24.06 -17.65 -38.51
C GLY I 128 -22.77 -17.04 -39.02
N GLY I 129 -21.63 -17.56 -38.59
CA GLY I 129 -20.35 -17.07 -39.07
C GLY I 129 -19.64 -16.20 -38.06
N VAL I 130 -18.35 -16.00 -38.30
CA VAL I 130 -17.49 -15.18 -37.45
C VAL I 130 -16.54 -14.41 -38.36
N ILE I 131 -16.26 -13.16 -37.99
CA ILE I 131 -15.35 -12.30 -38.74
C ILE I 131 -14.01 -12.32 -38.02
N ASN I 132 -13.04 -13.04 -38.58
CA ASN I 132 -11.71 -13.12 -38.00
C ASN I 132 -10.86 -11.94 -38.44
N THR I 133 -9.74 -11.75 -37.74
CA THR I 133 -8.83 -10.64 -38.01
C THR I 133 -7.43 -11.18 -38.27
N GLY I 134 -6.94 -10.98 -39.49
CA GLY I 134 -5.58 -11.39 -39.83
C GLY I 134 -4.59 -10.33 -39.41
N LEU I 135 -3.58 -10.73 -38.64
CA LEU I 135 -2.56 -9.83 -38.15
C LEU I 135 -1.30 -9.81 -39.00
N GLY I 136 -1.18 -10.74 -39.95
CA GLY I 136 -0.02 -10.75 -40.82
C GLY I 136 1.26 -10.95 -40.04
N ASP I 137 2.31 -10.23 -40.47
CA ASP I 137 3.57 -10.18 -39.74
C ASP I 137 4.03 -8.74 -39.54
N GLY I 138 3.22 -7.76 -39.92
CA GLY I 138 3.60 -6.37 -39.84
C GLY I 138 2.83 -5.59 -38.79
N LYS I 139 2.20 -4.50 -39.22
CA LYS I 139 1.68 -3.52 -38.28
C LYS I 139 0.55 -4.09 -37.42
N ALA I 140 -0.32 -4.90 -38.00
CA ALA I 140 -1.44 -5.44 -37.24
C ALA I 140 -0.97 -6.32 -36.10
N LEU I 141 0.10 -7.08 -36.32
CA LEU I 141 0.65 -7.91 -35.25
C LEU I 141 1.38 -7.05 -34.22
N GLU I 142 1.97 -5.93 -34.65
CA GLU I 142 2.71 -5.07 -33.72
C GLU I 142 1.78 -4.41 -32.72
N ILE I 143 0.63 -3.90 -33.19
CA ILE I 143 -0.35 -3.31 -32.27
C ILE I 143 -0.85 -4.37 -31.29
N PHE I 144 -1.17 -5.56 -31.80
CA PHE I 144 -1.67 -6.61 -30.92
C PHE I 144 -0.63 -7.00 -29.88
N ASN I 145 0.61 -7.26 -30.33
CA ASN I 145 1.66 -7.65 -29.40
C ASN I 145 2.01 -6.50 -28.45
N LYS I 146 1.87 -5.25 -28.91
CA LYS I 146 2.00 -4.13 -27.98
C LYS I 146 0.82 -4.08 -27.03
N ASN I 147 -0.38 -4.41 -27.52
CA ASN I 147 -1.60 -4.34 -26.73
C ASN I 147 -1.90 -5.63 -25.97
N LEU I 148 -1.14 -6.69 -26.19
CA LEU I 148 -1.39 -7.95 -25.51
C LEU I 148 -1.14 -7.81 -24.02
N ILE I 149 -2.08 -8.29 -23.21
CA ILE I 149 -2.01 -8.16 -21.76
C ILE I 149 -1.77 -9.50 -21.08
N ASP I 150 -2.38 -10.56 -21.58
CA ASP I 150 -2.26 -11.88 -20.95
C ASP I 150 -2.72 -12.92 -21.95
N PHE I 151 -2.32 -14.17 -21.69
CA PHE I 151 -2.73 -15.30 -22.51
C PHE I 151 -3.11 -16.45 -21.58
N GLU I 152 -3.86 -17.40 -22.11
CA GLU I 152 -4.33 -18.53 -21.32
C GLU I 152 -4.51 -19.74 -22.21
N VAL I 153 -3.80 -20.82 -21.87
CA VAL I 153 -3.92 -22.07 -22.60
C VAL I 153 -5.09 -22.86 -22.04
N ILE I 154 -5.94 -23.37 -22.92
CA ILE I 154 -7.11 -24.14 -22.53
C ILE I 154 -6.75 -25.61 -22.70
N ASP I 155 -6.47 -26.27 -21.57
CA ASP I 155 -6.10 -27.68 -21.55
C ASP I 155 -4.76 -27.89 -22.25
N MET J 1 21.85 -42.58 -32.16
CA MET J 1 21.14 -41.31 -31.83
C MET J 1 21.99 -40.11 -32.22
N LYS J 2 21.53 -39.32 -33.19
CA LYS J 2 22.20 -38.09 -33.58
C LYS J 2 21.37 -36.88 -33.18
N THR J 3 22.05 -35.85 -32.71
CA THR J 3 21.38 -34.64 -32.22
C THR J 3 20.83 -33.85 -33.41
N ILE J 4 19.50 -33.76 -33.49
CA ILE J 4 18.85 -32.98 -34.53
C ILE J 4 18.43 -31.60 -34.03
N TYR J 5 18.48 -31.35 -32.72
CA TYR J 5 18.22 -30.03 -32.17
C TYR J 5 18.96 -29.91 -30.84
N ASN J 6 19.57 -28.75 -30.62
CA ASN J 6 20.34 -28.49 -29.40
C ASN J 6 20.02 -27.09 -28.92
N PHE J 7 19.57 -26.97 -27.67
CA PHE J 7 19.24 -25.65 -27.14
C PHE J 7 20.48 -24.77 -27.02
N LYS J 8 21.64 -25.38 -26.81
CA LYS J 8 22.88 -24.59 -26.74
C LYS J 8 23.11 -23.86 -28.05
N GLN J 9 22.95 -24.55 -29.18
CA GLN J 9 23.12 -23.91 -30.48
C GLN J 9 21.96 -22.97 -30.77
N ARG J 10 20.77 -23.27 -30.25
CA ARG J 10 19.64 -22.35 -30.37
C ARG J 10 20.00 -20.97 -29.85
N ILE J 11 20.83 -20.91 -28.81
CA ILE J 11 21.14 -19.62 -28.19
C ILE J 11 21.98 -18.77 -29.12
N LYS J 12 22.89 -19.39 -29.88
CA LYS J 12 23.77 -18.64 -30.76
C LYS J 12 23.12 -18.29 -32.09
N GLU J 13 22.11 -19.06 -32.52
CA GLU J 13 21.47 -18.85 -33.80
C GLU J 13 20.19 -18.03 -33.72
N ASP J 14 19.66 -17.79 -32.51
CA ASP J 14 18.40 -17.07 -32.32
C ASP J 14 18.59 -16.03 -31.22
N PRO J 15 19.39 -14.99 -31.50
CA PRO J 15 19.69 -14.01 -30.43
C PRO J 15 18.52 -13.12 -30.08
N GLU J 16 17.58 -12.91 -31.00
CA GLU J 16 16.42 -12.06 -30.71
C GLU J 16 15.52 -12.72 -29.67
N TYR J 17 15.27 -14.01 -29.83
CA TYR J 17 14.44 -14.75 -28.87
C TYR J 17 15.05 -14.73 -27.48
N ILE J 18 16.38 -14.84 -27.38
CA ILE J 18 17.04 -14.83 -26.08
C ILE J 18 16.97 -13.44 -25.46
N ARG J 19 17.31 -12.42 -26.25
CA ARG J 19 17.32 -11.06 -25.71
C ARG J 19 15.95 -10.65 -25.19
N LYS J 20 14.89 -10.96 -25.94
CA LYS J 20 13.55 -10.61 -25.50
C LYS J 20 13.17 -11.35 -24.22
N ALA J 21 13.66 -12.57 -24.05
CA ALA J 21 13.36 -13.32 -22.83
C ALA J 21 14.00 -12.66 -21.61
N HIS J 22 15.28 -12.32 -21.72
CA HIS J 22 15.97 -11.67 -20.61
C HIS J 22 15.39 -10.28 -20.34
N GLU J 23 15.06 -9.54 -21.40
CA GLU J 23 14.45 -8.23 -21.21
C GLU J 23 13.05 -8.37 -20.61
N LEU J 24 12.33 -9.42 -21.00
CA LEU J 24 11.02 -9.69 -20.39
C LEU J 24 11.15 -10.08 -18.93
N THR J 25 12.22 -10.81 -18.58
CA THR J 25 12.42 -11.20 -17.20
C THR J 25 12.80 -10.00 -16.34
N LEU J 26 13.68 -9.14 -16.85
CA LEU J 26 14.22 -8.02 -16.08
C LEU J 26 13.28 -6.83 -16.03
N ASN J 27 12.27 -6.78 -16.89
CA ASN J 27 11.33 -5.66 -16.87
C ASN J 27 10.40 -5.81 -15.67
N THR J 28 10.62 -4.97 -14.65
CA THR J 28 9.78 -5.01 -13.45
C THR J 28 8.38 -4.47 -13.70
N THR J 29 8.14 -3.81 -14.83
CA THR J 29 6.81 -3.30 -15.15
C THR J 29 5.95 -4.32 -15.87
N LYS J 30 6.46 -5.52 -16.13
CA LYS J 30 5.70 -6.63 -16.71
C LYS J 30 5.78 -7.81 -15.74
N PRO J 31 5.09 -7.72 -14.60
CA PRO J 31 5.20 -8.78 -13.59
C PRO J 31 4.33 -9.99 -13.85
N LYS J 32 3.61 -10.03 -14.97
CA LYS J 32 2.79 -11.17 -15.34
C LYS J 32 3.31 -11.91 -16.56
N ALA J 33 4.38 -11.42 -17.18
CA ALA J 33 4.80 -11.88 -18.49
C ALA J 33 6.19 -12.47 -18.44
N GLY J 34 6.37 -13.62 -19.05
CA GLY J 34 7.68 -14.21 -19.20
C GLY J 34 8.10 -15.06 -18.02
N LEU J 35 9.39 -15.40 -18.05
CA LEU J 35 9.99 -16.25 -17.04
C LEU J 35 10.53 -15.41 -15.89
N LYS J 36 10.55 -16.01 -14.69
CA LYS J 36 11.09 -15.31 -13.53
C LYS J 36 12.60 -15.19 -13.60
N GLY J 37 13.27 -16.18 -14.18
CA GLY J 37 14.72 -16.26 -14.08
C GLY J 37 15.18 -16.89 -12.79
N THR J 38 14.35 -17.76 -12.20
CA THR J 38 14.62 -18.28 -10.87
C THR J 38 15.94 -19.04 -10.82
N TYR J 39 16.24 -19.82 -11.87
CA TYR J 39 17.47 -20.60 -11.95
C TYR J 39 18.46 -19.97 -12.92
N GLY J 40 18.39 -18.66 -13.11
CA GLY J 40 19.24 -17.96 -14.05
C GLY J 40 18.53 -17.65 -15.35
N LEU J 41 19.06 -16.65 -16.05
CA LEU J 41 18.46 -16.23 -17.30
C LEU J 41 18.55 -17.35 -18.34
N LEU J 42 17.51 -17.42 -19.18
CA LEU J 42 17.37 -18.53 -20.11
C LEU J 42 18.63 -18.69 -20.96
N GLY J 43 19.25 -19.87 -20.87
CA GLY J 43 20.44 -20.17 -21.64
C GLY J 43 21.72 -19.59 -21.07
N SER J 44 21.66 -18.87 -19.96
CA SER J 44 22.86 -18.29 -19.37
C SER J 44 23.73 -19.40 -18.77
N LYS J 45 24.95 -19.01 -18.36
CA LYS J 45 25.86 -19.97 -17.77
C LYS J 45 25.33 -20.50 -16.44
N GLU J 46 24.79 -19.62 -15.60
CA GLU J 46 24.16 -20.09 -14.37
C GLU J 46 23.05 -21.10 -14.66
N TRP J 47 22.30 -20.86 -15.74
CA TRP J 47 21.21 -21.78 -16.10
C TRP J 47 21.75 -23.17 -16.34
N TRP J 48 22.83 -23.30 -17.13
CA TRP J 48 23.35 -24.62 -17.46
C TRP J 48 23.98 -25.28 -16.22
N ASP J 49 24.49 -24.49 -15.29
CA ASP J 49 24.96 -25.05 -14.03
C ASP J 49 23.79 -25.63 -13.23
N ASN J 50 22.68 -24.90 -13.15
CA ASN J 50 21.50 -25.42 -12.46
C ASN J 50 20.93 -26.62 -13.20
N LEU J 51 21.03 -26.64 -14.53
CA LEU J 51 20.64 -27.83 -15.28
C LEU J 51 21.58 -28.98 -14.99
N GLU J 52 22.89 -28.70 -14.90
CA GLU J 52 23.85 -29.76 -14.60
C GLU J 52 23.65 -30.30 -13.20
N ASN J 53 23.58 -29.41 -12.21
CA ASN J 53 23.46 -29.83 -10.81
C ASN J 53 22.04 -30.22 -10.43
N GLY J 54 21.08 -30.11 -11.34
CA GLY J 54 19.74 -30.64 -11.11
C GLY J 54 18.83 -29.78 -10.27
N SER J 55 19.05 -28.47 -10.23
CA SER J 55 18.16 -27.60 -9.46
C SER J 55 16.92 -27.20 -10.24
N ILE J 56 16.99 -27.22 -11.57
CA ILE J 56 15.86 -26.85 -12.42
C ILE J 56 15.17 -28.14 -12.86
N PRO J 57 13.85 -28.27 -12.65
CA PRO J 57 13.18 -29.52 -13.00
C PRO J 57 13.41 -29.91 -14.46
N GLN J 58 13.76 -31.18 -14.67
CA GLN J 58 14.03 -31.71 -16.00
C GLN J 58 13.46 -33.12 -16.09
N LYS J 59 13.10 -33.52 -17.31
CA LYS J 59 12.74 -34.89 -17.60
C LYS J 59 13.27 -35.25 -18.98
N GLU J 60 13.47 -36.55 -19.19
CA GLU J 60 14.00 -37.08 -20.44
C GLU J 60 13.13 -38.26 -20.87
N ILE J 61 12.73 -38.26 -22.13
CA ILE J 61 11.83 -39.28 -22.66
C ILE J 61 12.49 -39.97 -23.84
N SER J 62 12.27 -41.28 -23.95
CA SER J 62 12.70 -42.06 -25.10
C SER J 62 11.50 -42.84 -25.63
N GLY J 63 11.48 -43.01 -26.94
CA GLY J 63 10.37 -43.72 -27.57
C GLY J 63 10.52 -43.74 -29.06
N THR J 64 9.40 -43.92 -29.76
CA THR J 64 9.37 -43.99 -31.21
C THR J 64 8.35 -42.99 -31.74
N ILE J 65 8.72 -42.30 -32.81
CA ILE J 65 7.80 -41.33 -33.42
C ILE J 65 6.66 -42.11 -34.08
N LYS J 66 5.43 -41.79 -33.67
CA LYS J 66 4.25 -42.47 -34.20
C LYS J 66 3.50 -41.66 -35.24
N LYS J 67 3.59 -40.33 -35.19
CA LYS J 67 2.91 -39.49 -36.18
C LYS J 67 3.68 -38.20 -36.38
N VAL J 68 3.93 -37.86 -37.64
CA VAL J 68 4.57 -36.60 -38.03
C VAL J 68 3.51 -35.80 -38.76
N TYR J 69 3.06 -34.70 -38.16
CA TYR J 69 1.87 -34.02 -38.64
C TYR J 69 2.01 -32.51 -38.41
N LEU J 70 0.87 -31.82 -38.53
CA LEU J 70 0.81 -30.36 -38.51
C LEU J 70 -0.27 -29.92 -37.54
N THR J 71 0.10 -29.06 -36.59
CA THR J 71 -0.84 -28.44 -35.67
C THR J 71 -0.79 -26.92 -35.85
N GLY J 72 -1.78 -26.24 -35.28
CA GLY J 72 -1.83 -24.80 -35.33
C GLY J 72 -2.60 -24.27 -36.53
N GLN J 73 -2.71 -22.95 -36.57
CA GLN J 73 -3.42 -22.24 -37.63
C GLN J 73 -2.44 -21.54 -38.55
N ASP J 74 -2.85 -21.35 -39.81
CA ASP J 74 -2.10 -20.56 -40.77
C ASP J 74 -0.69 -21.11 -40.98
N ASN J 75 -0.54 -22.42 -40.92
CA ASN J 75 0.78 -23.03 -41.08
C ASN J 75 1.12 -23.15 -42.57
N THR J 76 2.37 -22.82 -42.90
CA THR J 76 2.81 -22.84 -44.29
C THR J 76 3.51 -24.13 -44.67
N GLU J 77 4.37 -24.66 -43.80
CA GLU J 77 5.17 -25.83 -44.15
C GLU J 77 4.36 -27.11 -43.90
N ASP J 78 4.97 -28.25 -44.25
CA ASP J 78 4.25 -29.51 -44.19
C ASP J 78 4.09 -30.01 -42.76
N PHE J 79 5.16 -30.04 -41.98
CA PHE J 79 5.05 -30.52 -40.60
C PHE J 79 5.83 -29.63 -39.65
N ASN J 80 5.29 -29.50 -38.44
CA ASN J 80 5.93 -28.81 -37.34
C ASN J 80 5.82 -29.58 -36.03
N THR J 81 5.24 -30.77 -36.02
CA THR J 81 4.88 -31.47 -34.80
C THR J 81 5.13 -32.97 -34.96
N ILE J 82 5.35 -33.63 -33.82
CA ILE J 82 5.50 -35.09 -33.79
C ILE J 82 4.72 -35.62 -32.60
N ASP J 83 4.12 -36.79 -32.78
CA ASP J 83 3.58 -37.59 -31.68
C ASP J 83 4.59 -38.68 -31.36
N ILE J 84 4.81 -38.92 -30.06
CA ILE J 84 5.81 -39.88 -29.62
C ILE J 84 5.18 -40.76 -28.55
N GLU J 85 5.18 -42.07 -28.78
CA GLU J 85 4.75 -43.06 -27.80
C GLU J 85 5.99 -43.62 -27.12
N THR J 86 6.17 -43.29 -25.84
CA THR J 86 7.23 -43.94 -25.10
C THR J 86 6.83 -45.38 -24.80
N GLU J 87 7.83 -46.20 -24.45
CA GLU J 87 7.52 -47.60 -24.17
C GLU J 87 6.69 -47.76 -22.90
N ASN J 88 6.58 -46.72 -22.08
CA ASN J 88 5.60 -46.68 -21.01
C ASN J 88 4.20 -46.48 -21.50
N LYS J 89 3.96 -46.57 -22.81
CA LYS J 89 2.61 -46.62 -23.35
C LYS J 89 1.89 -45.27 -23.20
N THR J 90 2.65 -44.20 -22.96
CA THR J 90 2.14 -42.84 -22.91
C THR J 90 2.57 -42.10 -24.17
N LEU J 91 1.70 -41.20 -24.64
CA LEU J 91 2.00 -40.38 -25.82
C LEU J 91 2.40 -38.97 -25.39
N CYS J 92 3.49 -38.47 -25.97
CA CYS J 92 3.92 -37.09 -25.78
C CYS J 92 4.05 -36.43 -27.15
N THR J 93 3.72 -35.13 -27.22
CA THR J 93 3.70 -34.37 -28.45
C THR J 93 4.68 -33.21 -28.36
N GLU J 94 5.40 -32.95 -29.45
CA GLU J 94 6.41 -31.90 -29.47
C GLU J 94 6.53 -31.33 -30.88
N GLY J 95 7.03 -30.09 -30.95
CA GLY J 95 7.34 -29.49 -32.23
C GLY J 95 8.59 -30.08 -32.86
N THR J 96 8.67 -29.95 -34.18
CA THR J 96 9.80 -30.49 -34.94
C THR J 96 10.94 -29.46 -34.93
N TYR J 97 11.52 -29.31 -33.74
CA TYR J 97 12.58 -28.32 -33.55
C TYR J 97 13.85 -28.73 -34.26
N THR J 98 14.53 -27.76 -34.88
CA THR J 98 15.81 -27.98 -35.53
C THR J 98 16.69 -26.75 -35.34
N ASN J 99 18.00 -26.95 -35.49
CA ASN J 99 18.95 -25.87 -35.53
C ASN J 99 19.09 -25.38 -36.98
N LYS J 100 19.91 -24.34 -37.17
CA LYS J 100 19.92 -23.66 -38.47
C LYS J 100 20.24 -24.62 -39.60
N ASN J 101 21.32 -25.40 -39.47
CA ASN J 101 21.75 -26.29 -40.54
C ASN J 101 21.49 -27.76 -40.24
N THR J 102 20.75 -28.07 -39.18
CA THR J 102 20.19 -29.41 -39.05
C THR J 102 18.90 -29.49 -39.86
N ASP J 103 18.63 -30.67 -40.40
CA ASP J 103 17.64 -30.84 -41.45
C ASP J 103 16.36 -31.45 -40.89
N ARG J 104 15.23 -30.80 -41.20
CA ARG J 104 13.94 -31.21 -40.65
C ARG J 104 13.40 -32.47 -41.31
N LYS J 105 13.85 -32.80 -42.53
CA LYS J 105 13.31 -33.94 -43.24
C LYS J 105 13.53 -35.26 -42.52
N HIS J 106 14.36 -35.27 -41.47
CA HIS J 106 14.70 -36.50 -40.77
C HIS J 106 13.70 -36.88 -39.68
N TYR J 107 12.73 -36.02 -39.39
CA TYR J 107 11.62 -36.40 -38.51
C TYR J 107 10.69 -37.34 -39.26
N GLU J 108 10.71 -38.62 -38.90
CA GLU J 108 9.92 -39.62 -39.59
C GLU J 108 9.33 -40.60 -38.58
N ALA J 109 8.12 -41.08 -38.87
CA ALA J 109 7.47 -42.04 -38.01
C ALA J 109 8.23 -43.36 -38.02
N GLY J 110 8.23 -44.04 -36.87
CA GLY J 110 8.95 -45.28 -36.70
C GLY J 110 10.38 -45.12 -36.26
N LYS J 111 10.95 -43.92 -36.38
CA LYS J 111 12.30 -43.64 -35.92
C LYS J 111 12.33 -43.55 -34.41
N LYS J 112 13.48 -43.88 -33.83
CA LYS J 112 13.66 -43.75 -32.39
C LYS J 112 14.09 -42.33 -32.04
N ILE J 113 13.54 -41.83 -30.94
CA ILE J 113 13.56 -40.41 -30.60
C ILE J 113 13.89 -40.29 -29.12
N THR J 114 14.73 -39.31 -28.77
CA THR J 114 14.99 -38.99 -27.37
C THR J 114 15.01 -37.47 -27.23
N ILE J 115 14.27 -36.96 -26.25
CA ILE J 115 14.14 -35.53 -26.02
C ILE J 115 14.45 -35.24 -24.55
N LYS J 116 15.36 -34.29 -24.32
CA LYS J 116 15.71 -33.84 -22.98
C LYS J 116 15.02 -32.52 -22.71
N TYR J 117 14.44 -32.39 -21.51
CA TYR J 117 13.61 -31.24 -21.16
C TYR J 117 14.14 -30.52 -19.94
N ALA J 118 13.87 -29.22 -19.88
CA ALA J 118 14.01 -28.42 -18.68
C ALA J 118 12.72 -27.64 -18.49
N PHE J 119 12.41 -27.30 -17.24
CA PHE J 119 11.14 -26.64 -16.90
C PHE J 119 11.46 -25.37 -16.12
N ASP J 120 11.34 -24.23 -16.80
CA ASP J 120 11.77 -22.95 -16.27
C ASP J 120 10.57 -22.20 -15.71
N PRO J 121 10.58 -21.81 -14.43
CA PRO J 121 9.40 -21.16 -13.86
C PRO J 121 8.94 -19.94 -14.63
N LEU J 122 7.63 -19.84 -14.83
CA LEU J 122 7.00 -18.64 -15.37
C LEU J 122 6.60 -17.71 -14.24
N LYS J 123 6.64 -16.40 -14.52
CA LYS J 123 6.23 -15.42 -13.53
C LYS J 123 4.78 -15.66 -13.10
N LYS J 124 3.92 -15.99 -14.04
CA LYS J 124 2.49 -16.10 -13.77
C LYS J 124 2.19 -17.43 -13.09
N PRO J 125 1.58 -17.43 -11.90
CA PRO J 125 1.25 -18.69 -11.24
C PRO J 125 -0.06 -19.28 -11.77
N LYS J 126 -0.32 -20.52 -11.37
CA LYS J 126 -1.58 -21.15 -11.66
C LYS J 126 -2.70 -20.43 -10.89
N PRO J 127 -3.95 -20.59 -11.31
CA PRO J 127 -5.05 -19.92 -10.60
C PRO J 127 -4.96 -20.04 -9.09
N ASN J 128 -4.63 -21.23 -8.58
CA ASN J 128 -4.57 -21.50 -7.15
C ASN J 128 -3.25 -21.08 -6.52
N GLY J 129 -2.37 -20.43 -7.27
CA GLY J 129 -1.11 -19.95 -6.72
C GLY J 129 0.08 -20.87 -6.90
N ASP J 130 -0.11 -22.03 -7.53
CA ASP J 130 1.00 -22.94 -7.73
C ASP J 130 1.94 -22.39 -8.80
N ILE J 131 3.18 -22.91 -8.78
CA ILE J 131 4.21 -22.46 -9.72
C ILE J 131 3.96 -23.12 -11.07
N ASP J 132 3.95 -22.31 -12.13
CA ASP J 132 3.77 -22.78 -13.50
C ASP J 132 5.09 -22.68 -14.25
N TYR J 133 5.36 -23.67 -15.10
CA TYR J 133 6.63 -23.80 -15.79
C TYR J 133 6.45 -23.68 -17.30
N SER J 134 7.43 -23.05 -17.95
CA SER J 134 7.53 -23.05 -19.40
C SER J 134 8.43 -24.22 -19.82
N LYS J 135 7.88 -25.14 -20.60
CA LYS J 135 8.64 -26.31 -21.05
C LYS J 135 9.70 -25.88 -22.06
N ILE J 136 10.97 -26.14 -21.72
CA ILE J 136 12.11 -25.80 -22.58
C ILE J 136 12.70 -27.10 -23.11
N VAL J 137 12.63 -27.28 -24.43
CA VAL J 137 13.28 -28.42 -25.06
C VAL J 137 14.79 -28.15 -25.08
N VAL J 138 15.56 -29.03 -24.45
CA VAL J 138 17.01 -28.85 -24.38
C VAL J 138 17.71 -29.59 -25.52
N GLU J 139 17.26 -30.80 -25.85
CA GLU J 139 17.96 -31.59 -26.86
C GLU J 139 17.00 -32.60 -27.47
N ILE J 140 17.18 -32.86 -28.77
CA ILE J 140 16.41 -33.86 -29.51
C ILE J 140 17.41 -34.78 -30.21
N LEU J 141 17.28 -36.09 -29.96
CA LEU J 141 18.12 -37.09 -30.59
C LEU J 141 17.26 -38.01 -31.45
N ILE J 142 17.85 -38.51 -32.53
CA ILE J 142 17.10 -39.28 -33.52
C ILE J 142 18.00 -40.34 -34.11
N SER J 143 17.39 -41.47 -34.48
CA SER J 143 18.07 -42.53 -35.21
C SER J 143 17.92 -42.29 -36.71
N GLU J 144 18.47 -43.21 -37.51
CA GLU J 144 18.36 -43.11 -38.96
C GLU J 144 17.39 -44.17 -39.49
N ASP K 13 -42.10 -33.24 -26.75
CA ASP K 13 -41.66 -31.86 -26.57
C ASP K 13 -42.11 -31.26 -25.23
N PRO K 14 -43.33 -31.54 -24.80
CA PRO K 14 -43.78 -30.99 -23.51
C PRO K 14 -42.88 -31.43 -22.37
N ALA K 15 -42.52 -30.48 -21.51
CA ALA K 15 -41.64 -30.75 -20.39
C ALA K 15 -42.32 -31.68 -19.40
N GLY K 16 -41.69 -32.84 -19.15
CA GLY K 16 -42.29 -33.93 -18.42
C GLY K 16 -42.82 -33.57 -17.04
N PRO K 17 -43.33 -34.58 -16.33
CA PRO K 17 -43.75 -34.33 -14.94
C PRO K 17 -42.58 -34.05 -14.03
N ILE K 18 -41.40 -34.59 -14.34
CA ILE K 18 -40.17 -34.34 -13.60
C ILE K 18 -39.04 -34.16 -14.61
N VAL K 19 -38.19 -33.17 -14.38
CA VAL K 19 -37.13 -32.84 -15.33
C VAL K 19 -35.80 -32.66 -14.63
N GLU K 20 -35.82 -32.17 -13.39
CA GLU K 20 -34.63 -31.72 -12.69
C GLU K 20 -34.43 -32.56 -11.44
N LEU K 21 -33.17 -32.89 -11.16
CA LEU K 21 -32.83 -33.72 -10.01
C LEU K 21 -31.77 -33.04 -9.17
N ASP K 22 -31.70 -33.47 -7.91
CA ASP K 22 -30.60 -33.09 -7.03
C ASP K 22 -29.30 -33.73 -7.54
N ALA K 23 -28.18 -33.22 -7.03
CA ALA K 23 -26.92 -33.92 -7.26
C ALA K 23 -26.92 -35.28 -6.59
N GLN K 24 -27.86 -35.52 -5.68
CA GLN K 24 -28.00 -36.79 -4.99
C GLN K 24 -29.18 -37.62 -5.50
N GLY K 25 -29.87 -37.15 -6.54
CA GLY K 25 -30.93 -37.90 -7.18
C GLY K 25 -32.34 -37.53 -6.73
N ASN K 26 -32.47 -36.66 -5.74
CA ASN K 26 -33.79 -36.26 -5.27
C ASN K 26 -34.50 -35.41 -6.32
N GLU K 27 -35.82 -35.52 -6.34
CA GLU K 27 -36.65 -34.86 -7.34
C GLU K 27 -36.98 -33.44 -6.89
N ILE K 28 -36.91 -32.50 -7.83
CA ILE K 28 -37.05 -31.08 -7.55
C ILE K 28 -38.33 -30.58 -8.21
N TYR K 29 -39.14 -29.87 -7.42
CA TYR K 29 -40.41 -29.32 -7.89
C TYR K 29 -40.51 -27.87 -7.44
N TYR K 30 -41.57 -27.20 -7.89
CA TYR K 30 -41.74 -25.79 -7.61
C TYR K 30 -43.20 -25.46 -7.37
N ARG K 31 -43.45 -24.54 -6.47
CA ARG K 31 -44.78 -24.04 -6.17
C ARG K 31 -44.62 -22.69 -5.48
N THR K 32 -45.46 -21.74 -5.85
CA THR K 32 -45.48 -20.42 -5.23
C THR K 32 -46.64 -20.36 -4.25
N LEU K 33 -46.34 -19.99 -3.00
CA LEU K 33 -47.26 -20.15 -1.89
C LEU K 33 -47.69 -18.80 -1.33
N SER K 34 -48.72 -18.84 -0.49
CA SER K 34 -49.12 -17.67 0.28
C SER K 34 -48.22 -17.53 1.51
N GLU K 35 -48.31 -16.38 2.17
CA GLU K 35 -47.51 -16.18 3.38
C GLU K 35 -47.94 -17.16 4.47
N GLN K 36 -49.24 -17.45 4.55
CA GLN K 36 -49.72 -18.42 5.53
C GLN K 36 -49.23 -19.83 5.23
N HIS K 37 -49.28 -20.23 3.96
CA HIS K 37 -48.87 -21.59 3.60
C HIS K 37 -47.38 -21.78 3.79
N LEU K 38 -46.59 -20.73 3.58
CA LEU K 38 -45.16 -20.82 3.87
C LEU K 38 -44.92 -20.96 5.36
N GLU K 39 -45.75 -20.33 6.19
CA GLU K 39 -45.63 -20.51 7.63
C GLU K 39 -45.77 -21.98 8.00
N ILE K 40 -46.74 -22.68 7.41
CA ILE K 40 -46.94 -24.09 7.69
C ILE K 40 -45.74 -24.90 7.22
N LEU K 41 -45.18 -24.53 6.06
CA LEU K 41 -44.06 -25.30 5.51
C LEU K 41 -42.82 -25.19 6.38
N ARG K 42 -42.58 -24.02 6.97
CA ARG K 42 -41.39 -23.83 7.80
C ARG K 42 -41.52 -24.59 9.12
N ASN K 43 -42.67 -24.43 9.79
CA ASN K 43 -42.84 -24.92 11.15
C ASN K 43 -43.43 -26.31 11.24
N ASN K 44 -44.15 -26.76 10.20
CA ASN K 44 -44.71 -28.10 10.16
C ASN K 44 -44.07 -28.99 9.11
N PHE K 45 -43.30 -28.42 8.18
CA PHE K 45 -42.65 -29.17 7.11
C PHE K 45 -43.68 -29.88 6.23
N GLU K 46 -44.75 -29.16 5.88
CA GLU K 46 -45.81 -29.70 5.04
C GLU K 46 -46.19 -28.69 3.97
N VAL K 47 -46.58 -29.22 2.82
CA VAL K 47 -47.24 -28.42 1.78
C VAL K 47 -48.73 -28.43 2.09
N PRO K 48 -49.35 -27.29 2.42
CA PRO K 48 -50.76 -27.30 2.77
C PRO K 48 -51.62 -27.48 1.53
N PRO K 49 -52.77 -28.15 1.66
CA PRO K 49 -53.67 -28.30 0.50
C PRO K 49 -54.46 -27.04 0.21
N THR K 50 -54.75 -26.84 -1.08
CA THR K 50 -55.65 -25.78 -1.51
C THR K 50 -56.04 -26.05 -2.95
N SER K 51 -57.31 -26.42 -3.18
CA SER K 51 -57.86 -26.72 -4.50
C SER K 51 -57.05 -27.85 -5.11
N GLU K 52 -56.35 -27.63 -6.22
CA GLU K 52 -55.62 -28.67 -6.93
C GLU K 52 -54.23 -28.91 -6.36
N THR K 53 -53.70 -27.95 -5.60
CA THR K 53 -52.34 -28.03 -5.05
C THR K 53 -51.35 -28.49 -6.12
N PHE K 54 -51.21 -27.64 -7.13
CA PHE K 54 -50.34 -27.96 -8.26
C PHE K 54 -48.88 -27.78 -7.88
N ILE K 55 -48.05 -28.73 -8.28
CA ILE K 55 -46.60 -28.61 -8.25
C ILE K 55 -46.11 -28.65 -9.68
N SER K 56 -45.01 -27.95 -9.95
CA SER K 56 -44.47 -27.87 -11.29
C SER K 56 -43.00 -28.30 -11.28
N PRO K 57 -42.55 -29.03 -12.31
CA PRO K 57 -41.12 -29.38 -12.40
C PRO K 57 -40.24 -28.25 -12.90
N LEU K 58 -40.83 -27.11 -13.27
CA LEU K 58 -40.09 -25.97 -13.80
C LEU K 58 -40.30 -24.76 -12.92
N GLN K 59 -39.21 -24.05 -12.63
CA GLN K 59 -39.33 -22.78 -11.91
C GLN K 59 -40.03 -21.74 -12.77
N SER K 60 -39.86 -21.82 -14.10
CA SER K 60 -40.42 -20.81 -14.98
C SER K 60 -41.94 -20.70 -14.84
N TYR K 61 -42.61 -21.78 -14.45
CA TYR K 61 -44.07 -21.71 -14.29
C TYR K 61 -44.44 -21.02 -12.98
N SER K 62 -43.97 -21.56 -11.86
CA SER K 62 -44.33 -21.01 -10.57
C SER K 62 -43.86 -19.57 -10.41
N GLN K 63 -42.78 -19.20 -11.11
CA GLN K 63 -42.25 -17.84 -11.01
C GLN K 63 -43.27 -16.81 -11.47
N GLU K 64 -44.18 -17.19 -12.36
CA GLU K 64 -45.13 -16.23 -12.92
C GLU K 64 -46.21 -15.81 -11.93
N TYR K 65 -46.23 -16.38 -10.73
CA TYR K 65 -47.17 -16.01 -9.70
C TYR K 65 -46.52 -15.07 -8.70
N ASP K 66 -47.35 -14.25 -8.06
CA ASP K 66 -46.91 -13.41 -6.95
C ASP K 66 -46.98 -14.23 -5.67
N GLY K 67 -45.97 -14.08 -4.82
CA GLY K 67 -45.91 -14.79 -3.57
C GLY K 67 -44.52 -15.35 -3.35
N LYS K 68 -44.44 -16.39 -2.52
CA LYS K 68 -43.18 -17.00 -2.15
C LYS K 68 -42.90 -18.19 -3.07
N LEU K 69 -41.92 -18.04 -3.94
CA LEU K 69 -41.53 -19.13 -4.83
C LEU K 69 -40.68 -20.12 -4.06
N VAL K 70 -41.06 -21.39 -4.13
CA VAL K 70 -40.50 -22.44 -3.29
C VAL K 70 -39.94 -23.54 -4.17
N ARG K 71 -38.72 -23.98 -3.85
CA ARG K 71 -38.10 -25.14 -4.49
C ARG K 71 -38.26 -26.33 -3.55
N LEU K 72 -39.07 -27.31 -3.95
CA LEU K 72 -39.38 -28.47 -3.13
C LEU K 72 -38.52 -29.65 -3.54
N THR K 73 -37.90 -30.29 -2.56
CA THR K 73 -37.08 -31.48 -2.78
C THR K 73 -37.81 -32.69 -2.22
N ALA K 74 -38.01 -33.70 -3.05
CA ALA K 74 -38.72 -34.91 -2.67
C ALA K 74 -37.81 -36.12 -2.86
N SER K 75 -38.17 -37.21 -2.17
CA SER K 75 -37.33 -38.41 -2.22
C SER K 75 -37.39 -39.05 -3.59
N PRO K 76 -36.29 -39.65 -4.05
CA PRO K 76 -36.26 -40.22 -5.40
C PRO K 76 -37.36 -41.25 -5.59
N GLY K 77 -38.05 -41.16 -6.73
CA GLY K 77 -39.18 -42.02 -7.02
C GLY K 77 -40.53 -41.42 -6.71
N THR K 78 -40.57 -40.18 -6.23
CA THR K 78 -41.84 -39.56 -5.86
C THR K 78 -42.77 -39.47 -7.07
N MET K 79 -42.28 -38.95 -8.19
CA MET K 79 -43.10 -38.86 -9.39
C MET K 79 -43.65 -40.23 -9.76
N ASN K 80 -42.83 -41.28 -9.59
CA ASN K 80 -43.30 -42.64 -9.85
C ASN K 80 -44.50 -42.98 -8.98
N GLU K 81 -44.44 -42.66 -7.69
CA GLU K 81 -45.53 -43.00 -6.78
C GLU K 81 -46.80 -42.24 -7.15
N LEU K 82 -46.67 -40.96 -7.49
CA LEU K 82 -47.84 -40.17 -7.83
C LEU K 82 -48.53 -40.72 -9.08
N SER K 83 -47.75 -41.15 -10.06
CA SER K 83 -48.33 -41.63 -11.31
C SER K 83 -49.21 -42.84 -11.09
N LYS K 84 -48.87 -43.69 -10.10
CA LYS K 84 -49.65 -44.90 -9.87
C LYS K 84 -51.09 -44.57 -9.49
N ILE K 85 -51.32 -43.41 -8.89
CA ILE K 85 -52.68 -42.98 -8.53
C ILE K 85 -53.08 -41.78 -9.38
N GLY K 86 -52.56 -41.70 -10.59
CA GLY K 86 -52.75 -40.51 -11.41
C GLY K 86 -53.99 -40.56 -12.29
N VAL K 87 -54.53 -39.36 -12.56
CA VAL K 87 -55.63 -39.18 -13.50
C VAL K 87 -55.28 -38.01 -14.41
N THR K 88 -56.01 -37.90 -15.52
CA THR K 88 -55.76 -36.89 -16.53
C THR K 88 -56.75 -35.75 -16.40
N ALA K 89 -56.25 -34.53 -16.52
CA ALA K 89 -57.12 -33.36 -16.56
C ALA K 89 -57.94 -33.37 -17.85
N ASN K 90 -59.10 -32.69 -17.81
CA ASN K 90 -59.97 -32.66 -18.97
C ASN K 90 -59.26 -32.12 -20.20
N SER K 91 -58.29 -31.23 -20.01
CA SER K 91 -57.45 -30.78 -21.11
C SER K 91 -56.54 -31.89 -21.62
N GLY K 92 -56.35 -32.93 -20.81
CA GLY K 92 -55.44 -34.00 -21.16
C GLY K 92 -54.00 -33.61 -20.88
N THR K 93 -53.11 -34.52 -21.26
CA THR K 93 -51.69 -34.24 -21.23
C THR K 93 -51.34 -33.80 -22.65
N GLY K 94 -50.14 -34.09 -23.14
CA GLY K 94 -49.86 -33.85 -24.54
C GLY K 94 -49.85 -35.16 -25.30
N LEU K 95 -50.78 -36.05 -24.99
CA LEU K 95 -50.72 -37.46 -25.39
C LEU K 95 -49.52 -38.14 -24.79
N LEU K 96 -48.89 -37.51 -23.81
CA LEU K 96 -47.63 -38.00 -23.28
C LEU K 96 -47.85 -39.11 -22.26
N LEU K 97 -49.01 -39.12 -21.61
CA LEU K 97 -49.36 -40.14 -20.62
C LEU K 97 -50.75 -40.68 -20.92
N PRO K 98 -50.89 -41.43 -22.01
CA PRO K 98 -52.22 -41.93 -22.38
C PRO K 98 -52.71 -43.05 -21.48
N ASP K 99 -51.82 -43.92 -21.01
CA ASP K 99 -52.20 -45.11 -20.24
C ASP K 99 -52.57 -44.75 -18.79
N LEU K 100 -53.54 -43.84 -18.64
CA LEU K 100 -53.95 -43.45 -17.30
C LEU K 100 -55.39 -42.94 -17.35
N PRO K 101 -56.22 -43.29 -16.36
CA PRO K 101 -57.65 -42.96 -16.49
C PRO K 101 -57.91 -41.48 -16.38
N PRO K 102 -59.00 -41.00 -16.98
CA PRO K 102 -59.38 -39.59 -16.79
C PRO K 102 -59.82 -39.32 -15.36
N ALA K 103 -59.80 -38.03 -15.00
CA ALA K 103 -60.24 -37.60 -13.68
C ALA K 103 -61.74 -37.85 -13.50
N ARG K 104 -62.14 -38.35 -12.33
CA ARG K 104 -63.56 -38.46 -11.99
C ARG K 104 -63.89 -37.47 -10.86
N LYS K 105 -65.00 -37.74 -10.19
CA LYS K 105 -65.49 -37.00 -9.03
C LYS K 105 -64.70 -37.41 -7.80
N GLY K 106 -64.10 -36.43 -7.13
CA GLY K 106 -63.39 -36.68 -5.90
C GLY K 106 -61.91 -36.95 -6.05
N TRP K 107 -61.30 -36.54 -7.16
CA TRP K 107 -59.92 -36.91 -7.42
C TRP K 107 -58.97 -36.31 -6.40
N LYS K 108 -59.30 -35.16 -5.82
CA LYS K 108 -58.39 -34.49 -4.90
C LYS K 108 -58.06 -35.34 -3.68
N GLN K 109 -58.93 -36.30 -3.34
CA GLN K 109 -58.72 -37.11 -2.15
C GLN K 109 -57.99 -38.42 -2.44
N ASN K 110 -57.98 -38.88 -3.70
CA ASN K 110 -57.35 -40.15 -4.02
C ASN K 110 -56.36 -40.09 -5.17
N ASN K 111 -56.31 -39.01 -5.95
CA ASN K 111 -55.57 -39.02 -7.20
C ASN K 111 -54.63 -37.81 -7.29
N ALA K 112 -53.66 -37.95 -8.19
CA ALA K 112 -52.82 -36.85 -8.63
C ALA K 112 -53.24 -36.48 -10.05
N LEU K 113 -53.52 -35.20 -10.27
CA LEU K 113 -54.02 -34.72 -11.56
C LEU K 113 -52.84 -34.29 -12.42
N PHE K 114 -52.60 -35.01 -13.51
CA PHE K 114 -51.59 -34.63 -14.48
C PHE K 114 -52.24 -33.75 -15.54
N LYS K 115 -51.68 -32.56 -15.75
CA LYS K 115 -52.30 -31.53 -16.56
C LYS K 115 -51.23 -30.78 -17.35
N LEU K 116 -51.42 -30.67 -18.66
CA LEU K 116 -50.58 -29.82 -19.48
C LEU K 116 -51.07 -28.38 -19.36
N GLU K 117 -50.15 -27.45 -19.14
CA GLU K 117 -50.50 -26.05 -19.03
C GLU K 117 -49.43 -25.18 -19.66
N ALA K 118 -49.78 -23.92 -19.90
CA ALA K 118 -48.84 -22.88 -20.29
C ALA K 118 -48.23 -23.16 -21.67
N LEU K 119 -49.05 -23.63 -22.61
CA LEU K 119 -48.61 -23.74 -23.99
C LEU K 119 -48.47 -22.34 -24.58
N LYS K 120 -47.48 -22.18 -25.46
CA LYS K 120 -47.18 -20.92 -26.12
C LYS K 120 -46.71 -19.84 -25.15
N LYS K 121 -46.27 -20.23 -23.97
CA LYS K 121 -45.65 -19.30 -23.02
C LYS K 121 -44.15 -19.34 -23.26
N PRO K 122 -43.53 -18.29 -23.82
CA PRO K 122 -42.13 -18.40 -24.23
C PRO K 122 -41.19 -18.73 -23.09
N THR K 123 -41.47 -18.22 -21.89
CA THR K 123 -40.59 -18.49 -20.75
C THR K 123 -40.62 -19.95 -20.35
N ILE K 124 -41.71 -20.66 -20.62
CA ILE K 124 -41.92 -22.01 -20.13
C ILE K 124 -41.67 -22.97 -21.29
N ASN K 125 -40.53 -23.64 -21.27
CA ASN K 125 -40.20 -24.68 -22.24
C ASN K 125 -40.33 -24.17 -23.67
N GLU K 126 -39.89 -22.94 -23.90
CA GLU K 126 -39.90 -22.33 -25.23
C GLU K 126 -41.27 -22.46 -25.87
N GLY K 127 -42.32 -22.27 -25.07
CA GLY K 127 -43.67 -22.39 -25.54
C GLY K 127 -44.18 -23.80 -25.72
N GLY K 128 -43.39 -24.81 -25.32
CA GLY K 128 -43.76 -26.19 -25.54
C GLY K 128 -44.76 -26.75 -24.54
N GLY K 129 -44.89 -26.13 -23.37
CA GLY K 129 -45.81 -26.59 -22.36
C GLY K 129 -45.09 -27.37 -21.26
N VAL K 130 -45.80 -27.52 -20.13
CA VAL K 130 -45.27 -28.24 -18.98
C VAL K 130 -46.40 -29.03 -18.34
N ILE K 131 -46.07 -30.17 -17.76
CA ILE K 131 -47.02 -31.08 -17.13
C ILE K 131 -46.94 -30.85 -15.63
N ASN K 132 -47.92 -30.15 -15.08
CA ASN K 132 -48.04 -29.98 -13.65
C ASN K 132 -48.87 -31.11 -13.06
N THR K 133 -48.75 -31.28 -11.75
CA THR K 133 -49.43 -32.37 -11.04
C THR K 133 -50.21 -31.79 -9.87
N GLY K 134 -51.53 -31.97 -9.91
CA GLY K 134 -52.36 -31.54 -8.80
C GLY K 134 -52.40 -32.62 -7.73
N LEU K 135 -52.05 -32.24 -6.50
CA LEU K 135 -51.98 -33.19 -5.39
C LEU K 135 -53.26 -33.24 -4.57
N GLY K 136 -54.22 -32.35 -4.84
CA GLY K 136 -55.46 -32.37 -4.09
C GLY K 136 -55.22 -32.15 -2.61
N ASP K 137 -55.99 -32.87 -1.78
CA ASP K 137 -55.80 -32.83 -0.34
C ASP K 137 -55.74 -34.22 0.29
N GLY K 138 -55.74 -35.28 -0.53
CA GLY K 138 -55.76 -36.63 -0.01
C GLY K 138 -54.48 -37.40 -0.23
N LYS K 139 -54.60 -38.58 -0.85
CA LYS K 139 -53.47 -39.50 -0.94
C LYS K 139 -52.34 -38.89 -1.77
N ALA K 140 -52.67 -38.17 -2.84
CA ALA K 140 -51.62 -37.56 -3.65
C ALA K 140 -50.81 -36.56 -2.84
N LEU K 141 -51.48 -35.73 -2.03
CA LEU K 141 -50.74 -34.81 -1.18
C LEU K 141 -50.07 -35.54 -0.02
N GLU K 142 -50.70 -36.59 0.50
CA GLU K 142 -50.08 -37.35 1.58
C GLU K 142 -48.84 -38.08 1.08
N ILE K 143 -48.89 -38.60 -0.15
CA ILE K 143 -47.70 -39.24 -0.72
C ILE K 143 -46.57 -38.22 -0.83
N PHE K 144 -46.87 -37.03 -1.35
CA PHE K 144 -45.81 -36.05 -1.57
C PHE K 144 -45.23 -35.57 -0.24
N ASN K 145 -46.09 -35.15 0.69
CA ASN K 145 -45.59 -34.65 1.97
C ASN K 145 -44.86 -35.73 2.74
N LYS K 146 -45.24 -36.99 2.56
CA LYS K 146 -44.53 -38.09 3.20
C LYS K 146 -43.09 -38.17 2.71
N ASN K 147 -42.87 -37.90 1.42
CA ASN K 147 -41.56 -38.05 0.80
C ASN K 147 -40.74 -36.76 0.82
N LEU K 148 -41.26 -35.67 1.37
CA LEU K 148 -40.55 -34.40 1.31
C LEU K 148 -39.21 -34.52 2.03
N ILE K 149 -38.16 -34.01 1.40
CA ILE K 149 -36.81 -34.06 1.94
C ILE K 149 -36.31 -32.69 2.35
N ASP K 150 -36.62 -31.66 1.55
CA ASP K 150 -36.09 -30.33 1.81
C ASP K 150 -36.94 -29.31 1.08
N PHE K 151 -36.81 -28.06 1.52
CA PHE K 151 -37.55 -26.94 0.97
C PHE K 151 -36.64 -25.73 0.97
N GLU K 152 -36.82 -24.85 -0.02
CA GLU K 152 -35.92 -23.72 -0.23
C GLU K 152 -36.69 -22.58 -0.89
N VAL K 153 -36.73 -21.43 -0.22
CA VAL K 153 -37.39 -20.25 -0.77
C VAL K 153 -36.44 -19.54 -1.72
N ILE K 154 -36.91 -19.24 -2.91
CA ILE K 154 -36.18 -18.42 -3.88
C ILE K 154 -36.74 -17.01 -3.74
N ASP K 155 -36.04 -16.18 -2.97
CA ASP K 155 -36.49 -14.82 -2.66
C ASP K 155 -37.80 -14.85 -1.88
N MET L 1 -57.29 0.12 18.11
CA MET L 1 -56.59 -1.08 17.55
C MET L 1 -57.42 -2.25 18.01
N LYS L 2 -58.10 -2.91 17.08
CA LYS L 2 -58.89 -4.10 17.40
C LYS L 2 -58.10 -5.32 16.98
N THR L 3 -58.05 -6.31 17.86
CA THR L 3 -57.28 -7.52 17.59
C THR L 3 -57.98 -8.32 16.50
N ILE L 4 -57.38 -8.36 15.31
CA ILE L 4 -57.88 -9.21 14.23
C ILE L 4 -57.14 -10.55 14.16
N TYR L 5 -56.02 -10.68 14.88
CA TYR L 5 -55.34 -11.97 15.01
C TYR L 5 -54.48 -11.95 16.26
N ASN L 6 -54.56 -13.03 17.03
CA ASN L 6 -53.72 -13.23 18.21
C ASN L 6 -53.21 -14.66 18.18
N PHE L 7 -51.89 -14.82 18.29
CA PHE L 7 -51.32 -16.16 18.21
C PHE L 7 -51.81 -17.05 19.35
N LYS L 8 -52.15 -16.45 20.50
CA LYS L 8 -52.65 -17.25 21.61
C LYS L 8 -53.94 -17.97 21.23
N GLN L 9 -54.85 -17.28 20.55
CA GLN L 9 -56.06 -17.94 20.06
C GLN L 9 -55.72 -18.95 18.97
N ARG L 10 -54.73 -18.62 18.13
CA ARG L 10 -54.27 -19.59 17.13
C ARG L 10 -53.80 -20.88 17.79
N ILE L 11 -53.12 -20.75 18.94
CA ILE L 11 -52.58 -21.94 19.60
C ILE L 11 -53.70 -22.85 20.08
N LYS L 12 -54.81 -22.27 20.52
CA LYS L 12 -55.93 -23.05 21.03
C LYS L 12 -56.86 -23.53 19.92
N GLU L 13 -56.92 -22.83 18.80
CA GLU L 13 -57.81 -23.18 17.71
C GLU L 13 -57.15 -24.07 16.66
N ASP L 14 -55.82 -24.16 16.64
CA ASP L 14 -55.08 -24.93 15.64
C ASP L 14 -54.09 -25.87 16.33
N PRO L 15 -54.58 -26.81 17.14
CA PRO L 15 -53.66 -27.66 17.91
C PRO L 15 -52.83 -28.60 17.06
N GLU L 16 -53.30 -28.96 15.86
CA GLU L 16 -52.50 -29.83 15.00
C GLU L 16 -51.29 -29.09 14.45
N TYR L 17 -51.47 -27.83 14.05
CA TYR L 17 -50.33 -27.00 13.67
C TYR L 17 -49.36 -26.84 14.82
N ILE L 18 -49.89 -26.70 16.04
CA ILE L 18 -49.03 -26.62 17.22
C ILE L 18 -48.34 -27.95 17.48
N ARG L 19 -49.11 -29.04 17.47
CA ARG L 19 -48.55 -30.36 17.76
C ARG L 19 -47.46 -30.72 16.74
N LYS L 20 -47.75 -30.53 15.45
CA LYS L 20 -46.79 -30.92 14.43
C LYS L 20 -45.49 -30.15 14.54
N ALA L 21 -45.56 -28.88 14.96
CA ALA L 21 -44.34 -28.11 15.16
C ALA L 21 -43.53 -28.65 16.33
N HIS L 22 -44.19 -28.90 17.46
CA HIS L 22 -43.49 -29.40 18.64
C HIS L 22 -42.87 -30.76 18.39
N GLU L 23 -43.60 -31.66 17.72
CA GLU L 23 -43.06 -32.98 17.43
C GLU L 23 -41.87 -32.89 16.50
N LEU L 24 -41.90 -31.98 15.53
CA LEU L 24 -40.78 -31.81 14.61
C LEU L 24 -39.57 -31.24 15.33
N THR L 25 -39.79 -30.39 16.33
CA THR L 25 -38.67 -29.84 17.11
C THR L 25 -38.02 -30.93 17.96
N LEU L 26 -38.83 -31.77 18.61
CA LEU L 26 -38.33 -32.78 19.53
C LEU L 26 -37.84 -34.03 18.81
N ASN L 27 -38.16 -34.19 17.52
CA ASN L 27 -37.74 -35.37 16.76
C ASN L 27 -36.27 -35.25 16.41
N THR L 28 -35.44 -36.08 17.02
CA THR L 28 -34.00 -36.07 16.74
C THR L 28 -33.67 -36.63 15.36
N THR L 29 -34.60 -37.29 14.70
CA THR L 29 -34.35 -37.89 13.39
C THR L 29 -34.70 -36.96 12.23
N LYS L 30 -35.19 -35.76 12.51
CA LYS L 30 -35.50 -34.75 11.50
C LYS L 30 -34.64 -33.52 11.80
N PRO L 31 -33.33 -33.61 11.58
CA PRO L 31 -32.42 -32.65 12.21
C PRO L 31 -32.30 -31.30 11.53
N LYS L 32 -32.87 -31.09 10.33
CA LYS L 32 -32.77 -29.80 9.65
C LYS L 32 -34.13 -29.22 9.28
N ALA L 33 -35.22 -29.80 9.76
CA ALA L 33 -36.56 -29.39 9.37
C ALA L 33 -37.35 -28.94 10.61
N GLY L 34 -38.09 -27.84 10.46
CA GLY L 34 -38.92 -27.35 11.53
C GLY L 34 -38.21 -26.34 12.41
N LEU L 35 -38.84 -26.07 13.55
CA LEU L 35 -38.30 -25.12 14.49
C LEU L 35 -37.26 -25.77 15.39
N LYS L 36 -36.29 -24.98 15.80
CA LYS L 36 -35.25 -25.46 16.70
C LYS L 36 -35.74 -25.59 18.13
N GLY L 37 -36.65 -24.72 18.56
CA GLY L 37 -37.02 -24.65 19.96
C GLY L 37 -36.01 -23.92 20.80
N THR L 38 -35.26 -23.00 20.20
CA THR L 38 -34.14 -22.36 20.88
C THR L 38 -34.59 -21.66 22.16
N TYR L 39 -35.75 -21.01 22.12
CA TYR L 39 -36.31 -20.31 23.27
C TYR L 39 -37.52 -21.06 23.83
N GLY L 40 -37.53 -22.37 23.65
CA GLY L 40 -38.64 -23.20 24.06
C GLY L 40 -39.53 -23.58 22.87
N LEU L 41 -40.32 -24.62 23.07
CA LEU L 41 -41.25 -25.06 22.03
C LEU L 41 -42.21 -23.94 21.70
N LEU L 42 -42.62 -23.89 20.43
CA LEU L 42 -43.40 -22.78 19.90
C LEU L 42 -44.64 -22.53 20.74
N GLY L 43 -44.78 -21.30 21.24
CA GLY L 43 -45.96 -20.88 21.97
C GLY L 43 -46.06 -21.38 23.38
N SER L 44 -45.08 -22.15 23.86
CA SER L 44 -45.11 -22.62 25.23
C SER L 44 -44.87 -21.47 26.20
N LYS L 45 -45.05 -21.75 27.49
CA LYS L 45 -44.83 -20.74 28.52
C LYS L 45 -43.38 -20.26 28.51
N GLU L 46 -42.43 -21.20 28.39
CA GLU L 46 -41.03 -20.81 28.20
C GLU L 46 -40.91 -19.86 27.02
N TRP L 47 -41.61 -20.17 25.93
CA TRP L 47 -41.56 -19.35 24.72
C TRP L 47 -42.06 -17.94 25.00
N TRP L 48 -43.22 -17.83 25.68
CA TRP L 48 -43.75 -16.51 25.98
C TRP L 48 -42.90 -15.77 27.02
N ASP L 49 -42.24 -16.52 27.91
CA ASP L 49 -41.31 -15.88 28.84
C ASP L 49 -40.15 -15.26 28.09
N ASN L 50 -39.61 -15.97 27.10
CA ASN L 50 -38.53 -15.40 26.29
C ASN L 50 -39.03 -14.30 25.37
N LEU L 51 -40.30 -14.39 24.93
CA LEU L 51 -40.89 -13.27 24.22
C LEU L 51 -41.01 -12.06 25.13
N GLU L 52 -41.46 -12.28 26.37
CA GLU L 52 -41.60 -11.18 27.32
C GLU L 52 -40.24 -10.58 27.67
N ASN L 53 -39.28 -11.43 28.05
CA ASN L 53 -37.97 -10.93 28.44
C ASN L 53 -37.13 -10.46 27.26
N GLY L 54 -37.62 -10.63 26.02
CA GLY L 54 -36.92 -10.11 24.86
C GLY L 54 -35.73 -10.93 24.42
N SER L 55 -35.66 -12.21 24.78
CA SER L 55 -34.54 -13.05 24.37
C SER L 55 -34.70 -13.56 22.95
N ILE L 56 -35.94 -13.71 22.49
CA ILE L 56 -36.22 -14.12 21.12
C ILE L 56 -36.38 -12.85 20.29
N PRO L 57 -35.63 -12.68 19.20
CA PRO L 57 -35.75 -11.44 18.42
C PRO L 57 -37.20 -11.19 18.02
N GLN L 58 -37.66 -9.96 18.26
CA GLN L 58 -39.01 -9.55 17.92
C GLN L 58 -38.95 -8.27 17.12
N LYS L 59 -40.00 -8.04 16.34
CA LYS L 59 -40.20 -6.76 15.69
C LYS L 59 -41.68 -6.39 15.73
N GLU L 60 -41.94 -5.08 15.71
CA GLU L 60 -43.29 -4.55 15.70
C GLU L 60 -43.34 -3.46 14.62
N ILE L 61 -44.32 -3.55 13.73
CA ILE L 61 -44.44 -2.64 12.61
C ILE L 61 -45.83 -2.02 12.62
N SER L 62 -45.90 -0.73 12.29
CA SER L 62 -47.15 -0.01 12.18
C SER L 62 -47.16 0.75 10.85
N GLY L 63 -48.34 0.83 10.24
CA GLY L 63 -48.46 1.48 8.95
C GLY L 63 -49.89 1.49 8.44
N THR L 64 -50.04 1.54 7.12
CA THR L 64 -51.33 1.61 6.48
C THR L 64 -51.45 0.52 5.43
N ILE L 65 -52.63 -0.10 5.36
CA ILE L 65 -52.90 -1.08 4.31
C ILE L 65 -53.01 -0.36 2.98
N LYS L 66 -52.18 -0.76 2.02
CA LYS L 66 -52.23 -0.15 0.69
C LYS L 66 -52.87 -1.05 -0.35
N LYS L 67 -52.82 -2.37 -0.18
CA LYS L 67 -53.43 -3.28 -1.15
C LYS L 67 -53.80 -4.58 -0.47
N VAL L 68 -55.01 -5.06 -0.75
CA VAL L 68 -55.50 -6.35 -0.30
C VAL L 68 -55.61 -7.24 -1.54
N TYR L 69 -54.76 -8.25 -1.63
CA TYR L 69 -54.64 -9.04 -2.85
C TYR L 69 -54.36 -10.49 -2.47
N LEU L 70 -53.92 -11.28 -3.45
CA LEU L 70 -53.79 -12.72 -3.31
C LEU L 70 -52.44 -13.18 -3.84
N THR L 71 -51.76 -14.01 -3.06
CA THR L 71 -50.53 -14.67 -3.48
C THR L 71 -50.72 -16.18 -3.37
N GLY L 72 -49.82 -16.92 -4.01
CA GLY L 72 -49.87 -18.36 -4.03
C GLY L 72 -50.66 -18.90 -5.22
N GLN L 73 -50.63 -20.22 -5.36
CA GLN L 73 -51.30 -20.91 -6.46
C GLN L 73 -52.52 -21.66 -5.98
N ASP L 74 -53.46 -21.88 -6.91
CA ASP L 74 -54.62 -22.73 -6.67
C ASP L 74 -55.44 -22.21 -5.50
N ASN L 75 -55.59 -20.89 -5.42
CA ASN L 75 -56.26 -20.27 -4.30
C ASN L 75 -57.77 -20.23 -4.51
N THR L 76 -58.51 -20.47 -3.42
CA THR L 76 -59.96 -20.49 -3.43
C THR L 76 -60.58 -19.16 -3.02
N GLU L 77 -59.93 -18.45 -2.10
CA GLU L 77 -60.57 -17.34 -1.42
C GLU L 77 -60.54 -16.07 -2.27
N ASP L 78 -61.10 -15.00 -1.72
CA ASP L 78 -61.11 -13.72 -2.41
C ASP L 78 -59.74 -13.04 -2.31
N PHE L 79 -59.17 -12.97 -1.11
CA PHE L 79 -57.83 -12.42 -0.95
C PHE L 79 -57.05 -13.24 0.06
N ASN L 80 -55.72 -13.17 -0.06
CA ASN L 80 -54.80 -13.97 0.73
C ASN L 80 -53.76 -13.15 1.48
N THR L 81 -53.46 -11.93 1.03
CA THR L 81 -52.28 -11.21 1.47
C THR L 81 -52.54 -9.72 1.40
N ILE L 82 -51.76 -8.96 2.17
CA ILE L 82 -51.85 -7.50 2.18
C ILE L 82 -50.45 -6.90 2.17
N ASP L 83 -50.33 -5.77 1.49
CA ASP L 83 -49.14 -4.94 1.54
C ASP L 83 -49.37 -3.79 2.53
N ILE L 84 -48.34 -3.46 3.28
CA ILE L 84 -48.43 -2.45 4.34
C ILE L 84 -47.29 -1.46 4.18
N GLU L 85 -47.64 -0.17 4.13
CA GLU L 85 -46.65 0.91 4.10
C GLU L 85 -46.50 1.45 5.52
N THR L 86 -45.34 1.23 6.12
CA THR L 86 -45.10 1.66 7.49
C THR L 86 -44.81 3.16 7.55
N GLU L 87 -44.58 3.65 8.78
CA GLU L 87 -44.22 5.03 8.98
C GLU L 87 -42.88 5.37 8.34
N ASN L 88 -42.00 4.39 8.13
CA ASN L 88 -40.78 4.62 7.36
C ASN L 88 -41.01 4.58 5.85
N LYS L 89 -42.27 4.47 5.42
CA LYS L 89 -42.64 4.33 4.00
C LYS L 89 -41.84 3.25 3.31
N THR L 90 -41.52 2.19 4.05
CA THR L 90 -41.03 0.93 3.52
C THR L 90 -42.22 -0.02 3.40
N LEU L 91 -42.18 -0.88 2.39
CA LEU L 91 -43.29 -1.77 2.11
C LEU L 91 -43.00 -3.17 2.65
N CYS L 92 -43.93 -3.68 3.44
CA CYS L 92 -43.87 -5.02 3.99
C CYS L 92 -45.10 -5.79 3.56
N THR L 93 -44.93 -7.09 3.36
CA THR L 93 -46.01 -7.96 2.88
C THR L 93 -46.31 -9.01 3.95
N GLU L 94 -47.60 -9.27 4.17
CA GLU L 94 -48.01 -10.26 5.14
C GLU L 94 -49.35 -10.86 4.75
N GLY L 95 -49.58 -12.10 5.22
CA GLY L 95 -50.86 -12.74 4.99
C GLY L 95 -51.94 -12.18 5.89
N THR L 96 -53.19 -12.33 5.43
CA THR L 96 -54.34 -11.79 6.14
C THR L 96 -54.82 -12.80 7.19
N TYR L 97 -54.02 -12.90 8.25
CA TYR L 97 -54.32 -13.84 9.32
C TYR L 97 -55.57 -13.40 10.08
N THR L 98 -56.41 -14.37 10.42
CA THR L 98 -57.60 -14.13 11.22
C THR L 98 -57.84 -15.31 12.15
N ASN L 99 -58.59 -15.06 13.22
CA ASN L 99 -59.06 -16.12 14.09
C ASN L 99 -60.43 -16.60 13.62
N LYS L 100 -60.89 -17.70 14.23
CA LYS L 100 -62.08 -18.38 13.74
C LYS L 100 -63.29 -17.45 13.71
N ASN L 101 -63.58 -16.77 14.82
CA ASN L 101 -64.72 -15.89 14.91
C ASN L 101 -64.36 -14.42 14.76
N THR L 102 -63.09 -14.11 14.50
CA THR L 102 -62.73 -12.80 13.99
C THR L 102 -62.93 -12.80 12.47
N ASP L 103 -63.35 -11.66 11.95
CA ASP L 103 -63.92 -11.59 10.61
C ASP L 103 -62.90 -11.07 9.61
N ARG L 104 -62.72 -11.82 8.51
CA ARG L 104 -61.74 -11.49 7.49
C ARG L 104 -62.10 -10.22 6.71
N LYS L 105 -63.38 -9.88 6.65
CA LYS L 105 -63.83 -8.79 5.80
C LYS L 105 -63.36 -7.41 6.29
N HIS L 106 -62.76 -7.33 7.48
CA HIS L 106 -62.31 -6.05 8.00
C HIS L 106 -60.94 -5.64 7.46
N TYR L 107 -60.24 -6.52 6.75
CA TYR L 107 -59.04 -6.12 6.02
C TYR L 107 -59.46 -5.25 4.84
N GLU L 108 -59.17 -3.95 4.93
CA GLU L 108 -59.53 -3.02 3.86
C GLU L 108 -58.38 -2.05 3.61
N ALA L 109 -58.30 -1.57 2.38
CA ALA L 109 -57.29 -0.58 2.02
C ALA L 109 -57.56 0.73 2.74
N GLY L 110 -56.49 1.41 3.13
CA GLY L 110 -56.60 2.67 3.83
C GLY L 110 -56.65 2.57 5.34
N LYS L 111 -56.89 1.38 5.88
CA LYS L 111 -56.96 1.20 7.32
C LYS L 111 -55.57 1.20 7.94
N LYS L 112 -55.50 1.64 9.19
CA LYS L 112 -54.24 1.62 9.94
C LYS L 112 -54.02 0.25 10.55
N ILE L 113 -52.77 -0.19 10.56
CA ILE L 113 -52.43 -1.56 10.90
C ILE L 113 -51.18 -1.57 11.76
N THR L 114 -51.14 -2.49 12.72
CA THR L 114 -49.95 -2.76 13.52
C THR L 114 -49.76 -4.28 13.58
N ILE L 115 -48.53 -4.73 13.33
CA ILE L 115 -48.20 -6.15 13.37
C ILE L 115 -47.02 -6.34 14.31
N LYS L 116 -47.14 -7.30 15.21
CA LYS L 116 -46.08 -7.67 16.14
C LYS L 116 -45.52 -9.02 15.72
N TYR L 117 -44.19 -9.13 15.69
CA TYR L 117 -43.52 -10.30 15.13
C TYR L 117 -42.61 -10.95 16.16
N ALA L 118 -42.44 -12.26 16.00
CA ALA L 118 -41.41 -13.03 16.66
C ALA L 118 -40.66 -13.83 15.62
N PHE L 119 -39.39 -14.07 15.86
CA PHE L 119 -38.51 -14.73 14.88
C PHE L 119 -37.83 -15.91 15.57
N ASP L 120 -38.29 -17.13 15.24
CA ASP L 120 -37.89 -18.35 15.91
C ASP L 120 -36.86 -19.09 15.08
N PRO L 121 -35.68 -19.40 15.62
CA PRO L 121 -34.64 -20.05 14.81
C PRO L 121 -35.12 -21.37 14.21
N LEU L 122 -34.80 -21.55 12.92
CA LEU L 122 -35.04 -22.81 12.24
C LEU L 122 -33.85 -23.74 12.42
N LYS L 123 -34.11 -25.04 12.40
CA LYS L 123 -33.02 -26.01 12.45
C LYS L 123 -32.02 -25.78 11.33
N LYS L 124 -32.51 -25.52 10.13
CA LYS L 124 -31.66 -25.40 8.96
C LYS L 124 -31.04 -24.01 8.91
N PRO L 125 -29.71 -23.89 8.81
CA PRO L 125 -29.09 -22.57 8.71
C PRO L 125 -29.10 -22.05 7.29
N LYS L 126 -28.72 -20.79 7.15
CA LYS L 126 -28.51 -20.21 5.83
C LYS L 126 -27.32 -20.88 5.16
N PRO L 127 -27.23 -20.81 3.83
CA PRO L 127 -26.14 -21.50 3.11
C PRO L 127 -24.77 -21.34 3.77
N ASN L 128 -24.46 -20.15 4.25
CA ASN L 128 -23.14 -19.84 4.80
C ASN L 128 -23.01 -20.23 6.27
N GLY L 129 -24.01 -20.87 6.86
CA GLY L 129 -23.95 -21.28 8.24
C GLY L 129 -24.58 -20.32 9.24
N ASP L 130 -25.10 -19.19 8.79
CA ASP L 130 -25.80 -18.29 9.68
C ASP L 130 -27.15 -18.91 10.09
N ILE L 131 -27.68 -18.45 11.21
CA ILE L 131 -28.96 -18.95 11.69
C ILE L 131 -30.07 -18.25 10.92
N ASP L 132 -31.03 -19.02 10.42
CA ASP L 132 -32.19 -18.52 9.71
C ASP L 132 -33.41 -18.61 10.62
N TYR L 133 -34.28 -17.61 10.56
CA TYR L 133 -35.40 -17.48 11.47
C TYR L 133 -36.72 -17.73 10.74
N SER L 134 -37.64 -18.39 11.44
CA SER L 134 -39.02 -18.50 11.00
C SER L 134 -39.79 -17.29 11.50
N LYS L 135 -40.34 -16.49 10.59
CA LYS L 135 -41.10 -15.32 10.96
C LYS L 135 -42.44 -15.74 11.55
N ILE L 136 -42.65 -15.42 12.83
CA ILE L 136 -43.87 -15.81 13.55
C ILE L 136 -44.68 -14.54 13.80
N VAL L 137 -45.88 -14.49 13.21
CA VAL L 137 -46.81 -13.40 13.49
C VAL L 137 -47.39 -13.61 14.88
N VAL L 138 -47.17 -12.65 15.77
CA VAL L 138 -47.68 -12.76 17.13
C VAL L 138 -49.02 -12.06 17.30
N GLU L 139 -49.16 -10.86 16.75
CA GLU L 139 -50.41 -10.13 16.90
C GLU L 139 -50.61 -9.15 15.75
N ILE L 140 -51.86 -8.98 15.36
CA ILE L 140 -52.26 -7.99 14.36
C ILE L 140 -53.36 -7.14 14.98
N LEU L 141 -53.13 -5.83 15.02
CA LEU L 141 -54.14 -4.88 15.43
C LEU L 141 -54.53 -4.01 14.24
N ILE L 142 -55.79 -3.61 14.20
CA ILE L 142 -56.35 -2.96 13.02
C ILE L 142 -57.33 -1.87 13.46
N SER L 143 -57.34 -0.78 12.70
CA SER L 143 -58.37 0.22 12.85
C SER L 143 -59.61 -0.23 12.08
N GLU L 144 -60.69 0.55 12.17
CA GLU L 144 -61.93 0.21 11.48
C GLU L 144 -62.27 1.27 10.44
#